data_2WPE
#
_entry.id   2WPE
#
_cell.length_a   100.640
_cell.length_b   63.290
_cell.length_c   169.160
_cell.angle_alpha   90.00
_cell.angle_beta   98.20
_cell.angle_gamma   90.00
#
_symmetry.space_group_name_H-M   'P 1 21 1'
#
loop_
_entity.id
_entity.type
_entity.pdbx_description
1 polymer 'TRYPANOTHIONE REDUCTASE'
2 non-polymer 'FLAVIN-ADENINE DINUCLEOTIDE'
3 non-polymer N-{2-[(4S)-6-CHLORO-2-METHYL-4-PHENYLQUINAZOLIN-3(4H)-YL]ETHYL}FURAN-2-CARBOXAMIDE
4 non-polymer 'SODIUM ION'
5 non-polymer 'CHLORIDE ION'
6 non-polymer (4S)-2-METHYL-2,4-PENTANEDIOL
7 non-polymer (4R)-2-METHYLPENTANE-2,4-DIOL
8 water water
#
_entity_poly.entity_id   1
_entity_poly.type   'polypeptide(L)'
_entity_poly.pdbx_seq_one_letter_code
;GSHMSKAFDLVVIGAGSGGLEAGWNAATLYGKRVAVVDVQTSHGPPFYAALGGTCVNVGCVPKKLMVTGAQYMDHLRESA
GFGWEFDGSSVKANWKKLIAAKNEAVLDINKSYEGMFNDTEGLDFFLGWGSLESKNVVVVRETADPKSAVKERLQADHIL
LATGSWPQMPAIPGIEHCISSNEAFYLPEPPRRVLTVGGGFISVEFAGIFNAYKPPGGKVTLCYRNNLILRGFDETIREE
VTKQLTANGIEIMTNENPAKVSLNTDGSKHVTFESGKTLDVDVVMMAIGRIPRTNDLQLGNVGVKLTPKGGVQVDEFSRT
NVPNIYAIGDITDRLMLTPVAINEGAALVDTVFGNKPRKTDHTRVASAVFSIPPIGTCGLIEEVAAKEFEKVAVYMSSFT
PLMHNISGSKYKKFVAKIVTNHSDGTVLGVHLLGDGAPEIIQAVGVCLRLNAKISDFYNTIGVHPTSAEELCSMRTPSYY
YVKGEKMEKLPDSNL
;
_entity_poly.pdbx_strand_id   A,B,C,D
#
loop_
_chem_comp.id
_chem_comp.type
_chem_comp.name
_chem_comp.formula
CL non-polymer 'CHLORIDE ION' 'Cl -1'
FAD non-polymer 'FLAVIN-ADENINE DINUCLEOTIDE' 'C27 H33 N9 O15 P2'
MPD non-polymer (4S)-2-METHYL-2,4-PENTANEDIOL 'C6 H14 O2'
MRD non-polymer (4R)-2-METHYLPENTANE-2,4-DIOL 'C6 H14 O2'
NA non-polymer 'SODIUM ION' 'Na 1'
WPE non-polymer N-{2-[(4S)-6-CHLORO-2-METHYL-4-PHENYLQUINAZOLIN-3(4H)-YL]ETHYL}FURAN-2-CARBOXAMIDE 'C22 H20 Cl N3 O2'
#
# COMPACT_ATOMS: atom_id res chain seq x y z
N SER A 2 -21.37 -25.13 -36.23
CA SER A 2 -22.48 -25.50 -35.33
C SER A 2 -22.33 -24.72 -33.99
N HIS A 3 -23.45 -24.76 -33.31
CA HIS A 3 -23.77 -23.90 -32.21
C HIS A 3 -23.95 -24.76 -31.00
N MET A 4 -23.40 -25.95 -31.07
CA MET A 4 -23.43 -26.85 -29.96
C MET A 4 -22.10 -26.99 -29.28
N SER A 5 -22.17 -27.27 -27.99
CA SER A 5 -21.00 -27.56 -27.20
C SER A 5 -20.30 -28.84 -27.69
N LYS A 6 -19.05 -29.01 -27.27
CA LYS A 6 -18.20 -30.11 -27.66
C LYS A 6 -17.85 -30.83 -26.35
N ALA A 7 -17.58 -32.13 -26.42
CA ALA A 7 -17.42 -32.95 -25.21
C ALA A 7 -16.02 -33.61 -25.23
N PHE A 8 -15.43 -33.83 -24.07
CA PHE A 8 -14.09 -34.41 -24.03
C PHE A 8 -13.94 -35.25 -22.81
N ASP A 9 -12.94 -36.14 -22.81
CA ASP A 9 -12.51 -36.81 -21.60
C ASP A 9 -11.80 -35.81 -20.67
N LEU A 10 -10.97 -34.95 -21.29
CA LEU A 10 -10.13 -34.02 -20.53
C LEU A 10 -10.17 -32.62 -21.16
N VAL A 11 -10.44 -31.61 -20.33
CA VAL A 11 -10.30 -30.24 -20.81
C VAL A 11 -9.13 -29.64 -19.97
N VAL A 12 -8.15 -29.07 -20.63
CA VAL A 12 -6.95 -28.51 -19.92
C VAL A 12 -7.05 -26.95 -20.07
N ILE A 13 -6.98 -26.19 -19.00
CA ILE A 13 -7.03 -24.73 -19.15
C ILE A 13 -5.58 -24.21 -18.99
N GLY A 14 -4.98 -23.76 -20.08
CA GLY A 14 -3.57 -23.30 -20.08
C GLY A 14 -2.82 -24.21 -21.05
N ALA A 15 -2.40 -23.69 -22.23
CA ALA A 15 -1.67 -24.50 -23.21
C ALA A 15 -0.17 -24.27 -23.05
N GLY A 16 0.32 -24.44 -21.80
CA GLY A 16 1.74 -24.21 -21.54
C GLY A 16 2.44 -25.50 -21.16
N SER A 17 3.51 -25.40 -20.36
CA SER A 17 4.43 -26.54 -20.19
C SER A 17 3.69 -27.78 -19.65
N GLY A 18 3.03 -27.60 -18.51
CA GLY A 18 2.25 -28.67 -17.92
C GLY A 18 1.06 -29.15 -18.75
N GLY A 19 0.22 -28.21 -19.22
CA GLY A 19 -1.03 -28.61 -19.88
C GLY A 19 -0.81 -29.31 -21.21
N LEU A 20 0.20 -28.88 -21.94
CA LEU A 20 0.46 -29.46 -23.28
C LEU A 20 1.05 -30.85 -23.16
N GLU A 21 1.89 -31.08 -22.16
CA GLU A 21 2.39 -32.44 -21.88
C GLU A 21 1.26 -33.34 -21.51
N ALA A 22 0.43 -32.93 -20.57
CA ALA A 22 -0.77 -33.77 -20.19
C ALA A 22 -1.70 -33.98 -21.41
N GLY A 23 -2.10 -32.88 -22.06
CA GLY A 23 -2.90 -32.91 -23.31
C GLY A 23 -2.35 -33.91 -24.36
N TRP A 24 -1.12 -33.70 -24.81
CA TRP A 24 -0.45 -34.61 -25.72
C TRP A 24 -0.47 -36.10 -25.30
N ASN A 25 -0.05 -36.36 -24.08
CA ASN A 25 0.03 -37.71 -23.61
C ASN A 25 -1.37 -38.37 -23.52
N ALA A 26 -2.34 -37.65 -22.95
CA ALA A 26 -3.72 -38.13 -22.92
C ALA A 26 -4.27 -38.53 -24.30
N ALA A 27 -4.11 -37.68 -25.30
CA ALA A 27 -4.55 -38.00 -26.65
C ALA A 27 -3.75 -39.14 -27.35
N THR A 28 -2.42 -38.98 -27.38
CA THR A 28 -1.57 -39.83 -28.25
C THR A 28 -1.16 -41.14 -27.58
N LEU A 29 -1.04 -41.17 -26.26
CA LEU A 29 -0.67 -42.41 -25.59
C LEU A 29 -1.92 -43.19 -25.27
N TYR A 30 -3.00 -42.50 -24.87
CA TYR A 30 -4.15 -43.20 -24.33
C TYR A 30 -5.45 -43.08 -25.09
N GLY A 31 -5.44 -42.48 -26.28
CA GLY A 31 -6.65 -42.36 -27.10
C GLY A 31 -7.73 -41.48 -26.46
N LYS A 32 -7.41 -40.60 -25.49
CA LYS A 32 -8.51 -39.70 -24.97
C LYS A 32 -8.81 -38.53 -25.92
N ARG A 33 -10.01 -38.00 -25.79
CA ARG A 33 -10.44 -36.77 -26.45
C ARG A 33 -10.10 -35.60 -25.49
N VAL A 34 -9.32 -34.65 -26.00
CA VAL A 34 -8.66 -33.62 -25.15
C VAL A 34 -8.95 -32.27 -25.79
N ALA A 35 -9.36 -31.29 -24.99
CA ALA A 35 -9.44 -29.90 -25.40
C ALA A 35 -8.42 -29.14 -24.60
N VAL A 36 -7.76 -28.21 -25.27
CA VAL A 36 -6.82 -27.33 -24.56
C VAL A 36 -7.19 -25.86 -24.84
N VAL A 37 -7.29 -25.03 -23.78
CA VAL A 37 -7.67 -23.63 -23.96
C VAL A 37 -6.50 -22.65 -23.68
N ASP A 38 -6.28 -21.67 -24.52
CA ASP A 38 -5.30 -20.57 -24.15
C ASP A 38 -5.78 -19.26 -24.77
N VAL A 39 -5.18 -18.15 -24.33
CA VAL A 39 -5.73 -16.80 -24.63
C VAL A 39 -5.25 -16.20 -25.91
N GLN A 40 -4.17 -16.77 -26.44
CA GLN A 40 -3.50 -16.26 -27.61
C GLN A 40 -2.84 -17.42 -28.32
N THR A 41 -2.69 -17.30 -29.65
CA THR A 41 -2.06 -18.32 -30.46
C THR A 41 -0.58 -18.06 -30.67
N SER A 42 -0.13 -16.80 -30.46
CA SER A 42 1.29 -16.50 -30.54
C SER A 42 1.72 -15.41 -29.52
N HIS A 43 3.04 -15.22 -29.39
CA HIS A 43 3.59 -14.48 -28.28
C HIS A 43 3.26 -13.02 -28.34
N GLY A 44 3.28 -12.36 -27.19
CA GLY A 44 3.47 -10.92 -27.13
C GLY A 44 2.25 -10.17 -26.55
N PRO A 45 2.34 -8.82 -26.49
CA PRO A 45 1.16 -8.13 -25.96
C PRO A 45 -0.13 -8.53 -26.77
N PRO A 46 -1.32 -8.47 -26.16
CA PRO A 46 -1.56 -7.91 -24.82
C PRO A 46 -1.36 -8.92 -23.72
N PHE A 47 -1.39 -10.24 -23.99
CA PHE A 47 -1.43 -11.18 -22.83
C PHE A 47 -0.11 -11.94 -22.59
N TYR A 48 0.84 -11.74 -23.50
CA TYR A 48 2.24 -12.21 -23.37
C TYR A 48 2.42 -13.71 -23.55
N ALA A 49 1.96 -14.50 -22.56
CA ALA A 49 1.95 -15.92 -22.70
C ALA A 49 0.87 -16.23 -23.71
N ALA A 50 0.98 -17.42 -24.26
CA ALA A 50 0.13 -17.84 -25.35
C ALA A 50 0.31 -19.35 -25.51
N LEU A 51 -0.22 -19.88 -26.58
CA LEU A 51 0.10 -21.27 -26.97
C LEU A 51 1.61 -21.61 -26.81
N GLY A 52 1.93 -22.60 -25.96
CA GLY A 52 3.33 -22.94 -25.61
C GLY A 52 3.67 -22.53 -24.18
N GLY A 53 2.88 -21.61 -23.64
CA GLY A 53 3.00 -21.26 -22.24
C GLY A 53 4.00 -20.16 -21.98
N THR A 54 4.37 -20.00 -20.70
CA THR A 54 5.25 -18.87 -20.31
C THR A 54 6.67 -19.14 -20.75
N CYS A 55 7.15 -20.37 -20.54
CA CYS A 55 8.55 -20.70 -20.90
C CYS A 55 8.83 -20.38 -22.39
N VAL A 56 7.92 -20.81 -23.25
CA VAL A 56 8.12 -20.62 -24.66
C VAL A 56 8.05 -19.16 -25.11
N ASN A 57 7.05 -18.42 -24.59
CA ASN A 57 6.76 -17.05 -25.14
C ASN A 57 7.52 -15.92 -24.45
N VAL A 58 7.60 -15.99 -23.12
CA VAL A 58 8.14 -14.91 -22.29
C VAL A 58 8.87 -15.46 -21.05
N GLY A 59 9.73 -16.46 -21.22
CA GLY A 59 10.25 -17.21 -20.15
C GLY A 59 11.55 -17.85 -20.62
N CYS A 60 11.76 -19.12 -20.23
CA CYS A 60 13.05 -19.83 -20.43
C CYS A 60 13.60 -19.68 -21.86
N VAL A 61 12.75 -19.89 -22.88
CA VAL A 61 13.31 -19.95 -24.25
C VAL A 61 13.85 -18.59 -24.80
N PRO A 62 13.00 -17.58 -24.80
CA PRO A 62 13.58 -16.29 -25.25
C PRO A 62 14.59 -15.69 -24.27
N LYS A 63 14.48 -15.91 -22.94
CA LYS A 63 15.49 -15.36 -22.06
C LYS A 63 16.88 -16.00 -22.30
N LYS A 64 16.87 -17.29 -22.61
CA LYS A 64 18.12 -18.01 -22.91
C LYS A 64 18.76 -17.47 -24.18
N LEU A 65 17.95 -17.21 -25.22
CA LEU A 65 18.46 -16.56 -26.44
C LEU A 65 19.11 -15.18 -26.14
N MET A 66 18.51 -14.43 -25.23
CA MET A 66 18.94 -13.07 -24.91
C MET A 66 20.18 -13.10 -24.03
N VAL A 67 20.25 -14.02 -23.06
CA VAL A 67 21.50 -14.24 -22.32
C VAL A 67 22.66 -14.66 -23.23
N THR A 68 22.40 -15.57 -24.16
CA THR A 68 23.41 -15.97 -25.17
C THR A 68 23.90 -14.73 -25.94
N GLY A 69 22.98 -13.91 -26.42
CA GLY A 69 23.45 -12.66 -27.05
C GLY A 69 24.24 -11.83 -26.04
N ALA A 70 23.82 -11.75 -24.78
CA ALA A 70 24.57 -10.94 -23.83
C ALA A 70 26.01 -11.43 -23.53
N GLN A 71 26.20 -12.75 -23.53
CA GLN A 71 27.51 -13.36 -23.38
C GLN A 71 28.58 -12.87 -24.42
N TYR A 72 28.17 -12.50 -25.62
CA TYR A 72 29.10 -11.99 -26.62
C TYR A 72 29.89 -10.76 -26.21
N MET A 73 29.36 -9.96 -25.28
CA MET A 73 30.11 -8.85 -24.75
C MET A 73 31.37 -9.36 -24.05
N ASP A 74 31.19 -10.40 -23.25
CA ASP A 74 32.27 -11.07 -22.64
C ASP A 74 33.17 -11.73 -23.66
N HIS A 75 32.61 -12.49 -24.62
CA HIS A 75 33.42 -13.14 -25.67
C HIS A 75 34.27 -12.19 -26.49
N LEU A 76 33.63 -11.16 -27.06
CA LEU A 76 34.37 -10.05 -27.74
C LEU A 76 35.58 -9.53 -26.96
N ARG A 77 35.44 -9.25 -25.66
CA ARG A 77 36.54 -8.75 -24.90
C ARG A 77 37.56 -9.86 -24.63
N GLU A 78 37.04 -11.07 -24.33
CA GLU A 78 37.91 -12.13 -23.87
C GLU A 78 38.74 -12.63 -25.02
N SER A 79 38.24 -12.45 -26.25
CA SER A 79 38.94 -12.87 -27.45
C SER A 79 40.42 -12.35 -27.50
N ALA A 80 40.64 -11.15 -26.95
CA ALA A 80 41.87 -10.40 -27.16
C ALA A 80 43.00 -11.11 -26.44
N GLY A 81 42.75 -11.71 -25.27
CA GLY A 81 43.75 -12.55 -24.61
C GLY A 81 44.32 -13.78 -25.35
N PHE A 82 43.65 -14.16 -26.44
CA PHE A 82 44.00 -15.34 -27.21
C PHE A 82 44.43 -14.85 -28.52
N GLY A 83 44.58 -13.52 -28.62
CA GLY A 83 45.31 -12.96 -29.72
C GLY A 83 44.39 -12.38 -30.75
N TRP A 84 43.10 -12.27 -30.47
CA TRP A 84 42.19 -11.76 -31.51
C TRP A 84 42.22 -10.23 -31.42
N GLU A 85 42.34 -9.58 -32.59
CA GLU A 85 42.54 -8.13 -32.68
C GLU A 85 41.49 -7.67 -33.65
N PHE A 86 40.80 -6.59 -33.27
CA PHE A 86 39.78 -5.95 -34.13
C PHE A 86 39.52 -4.56 -33.58
N ASP A 87 38.78 -3.79 -34.35
CA ASP A 87 38.55 -2.43 -33.91
C ASP A 87 37.50 -2.33 -32.79
N GLY A 88 37.95 -2.30 -31.55
CA GLY A 88 37.11 -2.29 -30.37
C GLY A 88 36.13 -1.11 -30.32
N SER A 89 36.45 -0.06 -31.08
CA SER A 89 35.66 1.16 -30.99
C SER A 89 34.53 1.09 -32.03
N SER A 90 34.60 0.16 -32.98
CA SER A 90 33.48 -0.07 -33.87
C SER A 90 32.33 -0.88 -33.21
N VAL A 91 32.51 -1.40 -32.01
CA VAL A 91 31.57 -2.43 -31.53
C VAL A 91 30.19 -1.86 -31.12
N LYS A 92 29.08 -2.34 -31.69
CA LYS A 92 27.78 -1.95 -31.15
C LYS A 92 26.87 -3.18 -30.84
N ALA A 93 26.09 -3.09 -29.75
CA ALA A 93 25.09 -4.06 -29.42
C ALA A 93 23.71 -3.61 -29.96
N ASN A 94 23.29 -4.23 -31.06
CA ASN A 94 22.03 -3.89 -31.65
C ASN A 94 20.86 -4.69 -31.03
N TRP A 95 20.26 -4.12 -29.99
CA TRP A 95 19.11 -4.72 -29.29
C TRP A 95 17.91 -5.01 -30.22
N LYS A 96 17.63 -4.11 -31.18
CA LYS A 96 16.47 -4.36 -32.05
C LYS A 96 16.66 -5.61 -32.91
N LYS A 97 17.87 -5.85 -33.38
CA LYS A 97 18.10 -7.09 -34.11
C LYS A 97 17.95 -8.33 -33.24
N LEU A 98 18.43 -8.23 -31.99
CA LEU A 98 18.25 -9.30 -31.02
C LEU A 98 16.78 -9.64 -30.79
N ILE A 99 16.01 -8.59 -30.50
CA ILE A 99 14.60 -8.72 -30.31
C ILE A 99 13.89 -9.27 -31.54
N ALA A 100 14.21 -8.74 -32.71
CA ALA A 100 13.55 -9.27 -33.93
C ALA A 100 13.87 -10.77 -34.13
N ALA A 101 15.16 -11.15 -33.93
CA ALA A 101 15.60 -12.58 -34.02
C ALA A 101 14.86 -13.53 -33.04
N LYS A 102 14.75 -13.11 -31.79
CA LYS A 102 13.99 -13.79 -30.72
C LYS A 102 12.52 -13.91 -31.08
N ASN A 103 11.95 -12.83 -31.61
CA ASN A 103 10.48 -12.82 -31.92
C ASN A 103 10.15 -13.85 -33.00
N GLU A 104 11.04 -13.92 -34.01
CA GLU A 104 10.88 -14.88 -35.11
C GLU A 104 11.05 -16.33 -34.58
N ALA A 105 12.07 -16.59 -33.76
CA ALA A 105 12.26 -17.93 -33.20
C ALA A 105 10.99 -18.39 -32.45
N VAL A 106 10.45 -17.49 -31.63
CA VAL A 106 9.38 -17.81 -30.71
C VAL A 106 8.10 -18.02 -31.56
N LEU A 107 7.86 -17.12 -32.52
CA LEU A 107 6.71 -17.29 -33.43
C LEU A 107 6.77 -18.64 -34.15
N ASP A 108 7.96 -19.03 -34.64
CA ASP A 108 8.17 -20.39 -35.23
C ASP A 108 7.72 -21.51 -34.34
N ILE A 109 8.08 -21.42 -33.05
CA ILE A 109 7.53 -22.45 -32.14
C ILE A 109 5.98 -22.39 -32.05
N ASN A 110 5.43 -21.15 -31.96
CA ASN A 110 3.94 -20.95 -31.88
C ASN A 110 3.26 -21.61 -33.06
N LYS A 111 3.74 -21.34 -34.28
CA LYS A 111 3.20 -21.86 -35.53
C LYS A 111 3.29 -23.35 -35.56
N SER A 112 4.44 -23.84 -35.11
CA SER A 112 4.62 -25.24 -35.02
C SER A 112 3.69 -26.00 -34.04
N TYR A 113 3.45 -25.48 -32.83
CA TYR A 113 2.49 -26.09 -31.91
C TYR A 113 1.06 -26.03 -32.47
N GLU A 114 0.74 -24.91 -33.09
CA GLU A 114 -0.53 -24.78 -33.76
C GLU A 114 -0.80 -25.91 -34.80
N GLY A 115 0.17 -26.21 -35.66
CA GLY A 115 0.02 -27.31 -36.63
C GLY A 115 -0.15 -28.66 -35.98
N MET A 116 0.55 -28.90 -34.87
CA MET A 116 0.33 -30.16 -34.12
C MET A 116 -1.13 -30.33 -33.65
N PHE A 117 -1.76 -29.28 -33.13
CA PHE A 117 -3.20 -29.31 -32.76
C PHE A 117 -4.06 -29.58 -33.98
N ASN A 118 -3.85 -28.80 -35.04
CA ASN A 118 -4.60 -28.95 -36.29
C ASN A 118 -4.50 -30.39 -36.77
N ASP A 119 -3.34 -31.05 -36.57
CA ASP A 119 -3.10 -32.38 -37.12
C ASP A 119 -3.37 -33.55 -36.22
N THR A 120 -3.55 -33.36 -34.93
CA THR A 120 -3.59 -34.54 -34.05
C THR A 120 -5.00 -34.92 -33.66
N GLU A 121 -5.35 -36.16 -33.98
CA GLU A 121 -6.69 -36.63 -33.67
C GLU A 121 -6.92 -36.65 -32.15
N GLY A 122 -8.01 -36.01 -31.73
CA GLY A 122 -8.46 -36.01 -30.34
C GLY A 122 -7.72 -35.00 -29.49
N LEU A 123 -7.01 -34.08 -30.13
CA LEU A 123 -6.28 -33.01 -29.39
C LEU A 123 -6.65 -31.65 -30.02
N ASP A 124 -7.54 -30.93 -29.36
CA ASP A 124 -8.12 -29.77 -29.99
C ASP A 124 -7.74 -28.47 -29.19
N PHE A 125 -7.51 -27.41 -29.92
CA PHE A 125 -7.17 -26.14 -29.29
C PHE A 125 -8.31 -25.15 -29.42
N PHE A 126 -8.60 -24.47 -28.32
CA PHE A 126 -9.63 -23.45 -28.26
C PHE A 126 -9.07 -22.13 -27.76
N LEU A 127 -9.38 -21.06 -28.48
CA LEU A 127 -8.83 -19.71 -28.20
C LEU A 127 -9.79 -18.99 -27.29
N GLY A 128 -9.30 -18.57 -26.10
CA GLY A 128 -10.10 -17.64 -25.28
C GLY A 128 -9.78 -17.89 -23.81
N TRP A 129 -10.66 -17.44 -22.93
CA TRP A 129 -10.44 -17.48 -21.48
C TRP A 129 -11.27 -18.55 -20.85
N GLY A 130 -10.60 -19.54 -20.26
CA GLY A 130 -11.34 -20.73 -19.75
C GLY A 130 -11.62 -20.46 -18.30
N SER A 131 -12.82 -20.82 -17.84
CA SER A 131 -13.15 -20.81 -16.40
C SER A 131 -14.12 -21.96 -16.11
N LEU A 132 -14.35 -22.21 -14.84
CA LEU A 132 -15.16 -23.35 -14.41
C LEU A 132 -16.59 -22.90 -14.21
N GLU A 133 -17.46 -23.49 -15.02
CA GLU A 133 -18.86 -23.20 -14.84
C GLU A 133 -19.41 -24.17 -13.84
N SER A 134 -19.09 -25.47 -14.02
CA SER A 134 -19.44 -26.50 -13.05
C SER A 134 -18.38 -27.57 -13.19
N LYS A 135 -18.45 -28.63 -12.37
CA LYS A 135 -17.39 -29.64 -12.36
C LYS A 135 -17.29 -30.40 -13.63
N ASN A 136 -18.28 -30.32 -14.50
CA ASN A 136 -18.14 -30.92 -15.86
C ASN A 136 -18.26 -29.96 -17.03
N VAL A 137 -18.19 -28.63 -16.78
CA VAL A 137 -18.29 -27.70 -17.94
C VAL A 137 -17.26 -26.63 -17.77
N VAL A 138 -16.45 -26.44 -18.82
CA VAL A 138 -15.55 -25.32 -18.91
C VAL A 138 -16.11 -24.33 -19.94
N VAL A 139 -16.23 -23.08 -19.55
CA VAL A 139 -16.73 -22.07 -20.48
C VAL A 139 -15.54 -21.30 -20.98
N VAL A 140 -15.55 -20.98 -22.27
CA VAL A 140 -14.47 -20.22 -22.79
C VAL A 140 -15.04 -18.83 -23.22
N ARG A 141 -14.51 -17.76 -22.67
CA ARG A 141 -15.05 -16.42 -22.90
C ARG A 141 -14.06 -15.55 -23.65
N GLU A 142 -14.56 -14.42 -24.12
CA GLU A 142 -13.77 -13.55 -24.93
C GLU A 142 -12.67 -12.83 -24.12
N THR A 143 -12.89 -12.63 -22.81
CA THR A 143 -11.84 -11.98 -21.96
C THR A 143 -11.92 -12.55 -20.59
N ALA A 144 -10.99 -12.15 -19.72
CA ALA A 144 -10.92 -12.60 -18.35
C ALA A 144 -12.16 -12.19 -17.54
N ASP A 145 -12.93 -11.22 -18.07
CA ASP A 145 -14.16 -10.78 -17.37
C ASP A 145 -15.19 -11.89 -17.49
N PRO A 146 -15.69 -12.39 -16.33
CA PRO A 146 -16.71 -13.41 -16.47
C PRO A 146 -17.98 -12.91 -17.13
N LYS A 147 -18.15 -11.60 -17.39
CA LYS A 147 -19.36 -11.13 -18.08
C LYS A 147 -19.11 -11.01 -19.60
N SER A 148 -17.90 -11.35 -20.06
CA SER A 148 -17.64 -11.18 -21.50
C SER A 148 -18.39 -12.32 -22.21
N ALA A 149 -18.45 -12.27 -23.54
CA ALA A 149 -19.26 -13.17 -24.37
C ALA A 149 -18.69 -14.63 -24.40
N VAL A 150 -19.59 -15.61 -24.39
CA VAL A 150 -19.24 -17.05 -24.44
C VAL A 150 -18.87 -17.45 -25.86
N LYS A 151 -17.65 -17.95 -26.01
CA LYS A 151 -17.18 -18.43 -27.31
C LYS A 151 -17.50 -19.93 -27.42
N GLU A 152 -17.37 -20.70 -26.33
CA GLU A 152 -17.56 -22.17 -26.44
C GLU A 152 -17.94 -22.63 -25.07
N ARG A 153 -18.61 -23.78 -25.02
CA ARG A 153 -18.71 -24.50 -23.74
C ARG A 153 -18.11 -25.86 -23.95
N LEU A 154 -17.26 -26.29 -23.02
CA LEU A 154 -16.52 -27.53 -23.24
C LEU A 154 -16.90 -28.48 -22.12
N GLN A 155 -17.58 -29.58 -22.48
CA GLN A 155 -17.95 -30.58 -21.46
C GLN A 155 -16.74 -31.43 -21.23
N ALA A 156 -16.51 -31.78 -19.98
CA ALA A 156 -15.28 -32.48 -19.57
C ALA A 156 -15.56 -33.44 -18.48
N ASP A 157 -15.13 -34.72 -18.62
CA ASP A 157 -15.13 -35.65 -17.48
C ASP A 157 -14.08 -35.27 -16.45
N HIS A 158 -12.95 -34.79 -16.93
CA HIS A 158 -11.79 -34.44 -16.05
C HIS A 158 -11.35 -33.07 -16.45
N ILE A 159 -10.91 -32.29 -15.45
CA ILE A 159 -10.48 -30.87 -15.77
C ILE A 159 -9.15 -30.66 -15.19
N LEU A 160 -8.22 -30.26 -16.03
CA LEU A 160 -6.90 -29.87 -15.56
C LEU A 160 -6.68 -28.33 -15.54
N LEU A 161 -6.33 -27.81 -14.37
CA LEU A 161 -5.94 -26.35 -14.26
C LEU A 161 -4.45 -26.21 -14.37
N ALA A 162 -3.98 -25.45 -15.38
CA ALA A 162 -2.58 -25.37 -15.70
C ALA A 162 -2.35 -23.97 -16.24
N THR A 163 -2.91 -22.98 -15.54
CA THR A 163 -2.86 -21.54 -16.04
C THR A 163 -1.56 -20.76 -15.64
N GLY A 164 -0.66 -21.43 -14.93
CA GLY A 164 0.63 -20.88 -14.58
C GLY A 164 0.61 -19.76 -13.56
N SER A 165 1.54 -18.81 -13.75
CA SER A 165 1.72 -17.73 -12.83
C SER A 165 1.80 -16.38 -13.56
N TRP A 166 2.06 -15.32 -12.81
CA TRP A 166 1.98 -13.94 -13.31
C TRP A 166 2.91 -13.07 -12.46
N PRO A 167 3.49 -12.00 -13.04
CA PRO A 167 4.39 -11.20 -12.14
C PRO A 167 3.64 -10.46 -11.06
N GLN A 168 4.25 -10.40 -9.88
CA GLN A 168 3.65 -9.68 -8.77
C GLN A 168 4.19 -8.23 -8.77
N MET A 169 3.31 -7.24 -8.68
CA MET A 169 3.65 -5.84 -8.67
C MET A 169 3.32 -5.23 -7.27
N PRO A 170 4.31 -4.68 -6.54
CA PRO A 170 4.03 -4.07 -5.21
C PRO A 170 3.18 -2.84 -5.36
N ALA A 171 2.37 -2.54 -4.35
CA ALA A 171 1.35 -1.52 -4.49
C ALA A 171 2.14 -0.32 -3.99
N ILE A 172 2.89 0.34 -4.88
CA ILE A 172 3.60 1.53 -4.41
C ILE A 172 3.14 2.67 -5.27
N PRO A 173 3.19 3.91 -4.74
CA PRO A 173 2.94 5.03 -5.62
C PRO A 173 3.85 5.02 -6.84
N GLY A 174 3.23 5.23 -8.00
CA GLY A 174 3.95 5.19 -9.27
C GLY A 174 4.28 3.81 -9.84
N ILE A 175 3.61 2.76 -9.30
CA ILE A 175 3.82 1.40 -9.84
C ILE A 175 3.47 1.40 -11.34
N GLU A 176 2.54 2.27 -11.77
CA GLU A 176 2.18 2.32 -13.17
C GLU A 176 3.38 2.77 -14.06
N HIS A 177 4.45 3.36 -13.48
CA HIS A 177 5.61 3.73 -14.32
C HIS A 177 6.62 2.57 -14.48
N CYS A 178 6.31 1.42 -13.84
CA CYS A 178 7.20 0.27 -13.82
C CYS A 178 6.71 -0.81 -14.77
N ILE A 179 7.58 -1.77 -15.11
CA ILE A 179 7.22 -2.92 -16.00
C ILE A 179 7.59 -4.20 -15.31
N SER A 180 7.26 -5.35 -15.90
CA SER A 180 7.68 -6.66 -15.40
C SER A 180 8.54 -7.25 -16.52
N SER A 181 9.02 -8.49 -16.35
CA SER A 181 9.76 -9.20 -17.43
C SER A 181 8.95 -9.29 -18.73
N ASN A 182 7.60 -9.35 -18.63
CA ASN A 182 6.80 -9.54 -19.80
C ASN A 182 7.12 -8.43 -20.78
N GLU A 183 7.02 -7.17 -20.29
CA GLU A 183 7.25 -6.00 -21.21
C GLU A 183 8.74 -5.89 -21.61
N ALA A 184 9.60 -6.36 -20.73
CA ALA A 184 11.09 -6.32 -20.96
C ALA A 184 11.44 -7.00 -22.29
N PHE A 185 10.78 -8.14 -22.57
CA PHE A 185 10.94 -8.84 -23.82
C PHE A 185 10.63 -8.04 -25.05
N TYR A 186 9.90 -6.94 -24.88
CA TYR A 186 9.42 -6.15 -26.06
C TYR A 186 9.88 -4.67 -26.11
N LEU A 187 10.78 -4.32 -25.24
CA LEU A 187 11.25 -2.94 -25.20
C LEU A 187 11.76 -2.57 -26.57
N PRO A 188 11.29 -1.46 -27.14
CA PRO A 188 11.74 -1.01 -28.49
C PRO A 188 13.22 -0.59 -28.52
N GLU A 189 13.77 -0.20 -27.39
CA GLU A 189 15.15 0.25 -27.33
C GLU A 189 15.77 -0.28 -26.05
N PRO A 190 17.06 -0.68 -26.10
CA PRO A 190 17.65 -1.08 -24.81
C PRO A 190 17.78 0.16 -23.87
N PRO A 191 17.38 0.05 -22.57
CA PRO A 191 17.48 1.18 -21.63
C PRO A 191 18.93 1.59 -21.34
N ARG A 192 19.19 2.91 -21.35
CA ARG A 192 20.50 3.41 -20.96
C ARG A 192 20.67 3.14 -19.46
N ARG A 193 19.68 3.51 -18.67
CA ARG A 193 19.69 3.19 -17.24
C ARG A 193 18.51 2.31 -16.83
N VAL A 194 18.77 1.24 -16.11
CA VAL A 194 17.68 0.37 -15.72
C VAL A 194 17.91 -0.02 -14.32
N LEU A 195 16.82 -0.12 -13.55
CA LEU A 195 16.83 -0.68 -12.20
C LEU A 195 16.07 -2.02 -12.26
N THR A 196 16.69 -3.17 -11.96
CA THR A 196 15.86 -4.41 -11.86
C THR A 196 15.65 -4.60 -10.37
N VAL A 197 14.38 -4.69 -9.95
CA VAL A 197 14.00 -4.90 -8.55
C VAL A 197 13.73 -6.42 -8.24
N GLY A 198 14.50 -6.97 -7.34
CA GLY A 198 14.34 -8.37 -6.95
C GLY A 198 15.70 -9.01 -6.87
N GLY A 199 15.81 -10.00 -6.01
CA GLY A 199 17.06 -10.77 -5.77
C GLY A 199 17.03 -12.19 -6.39
N GLY A 200 15.99 -12.48 -7.18
CA GLY A 200 15.74 -13.83 -7.70
C GLY A 200 16.30 -14.02 -9.09
N PHE A 201 16.10 -15.19 -9.67
CA PHE A 201 16.87 -15.54 -10.90
C PHE A 201 16.47 -14.58 -12.04
N ILE A 202 15.20 -14.12 -12.03
CA ILE A 202 14.77 -13.34 -13.21
C ILE A 202 15.41 -11.93 -13.21
N SER A 203 15.47 -11.31 -12.02
CA SER A 203 16.06 -9.98 -11.86
C SER A 203 17.57 -10.03 -12.31
N VAL A 204 18.29 -11.03 -11.81
CA VAL A 204 19.71 -11.30 -12.06
C VAL A 204 19.96 -11.58 -13.53
N GLU A 205 19.10 -12.42 -14.16
CA GLU A 205 19.36 -12.75 -15.57
C GLU A 205 19.14 -11.54 -16.43
N PHE A 206 18.08 -10.81 -16.14
CA PHE A 206 17.79 -9.58 -16.89
C PHE A 206 18.86 -8.53 -16.72
N ALA A 207 19.38 -8.47 -15.51
CA ALA A 207 20.43 -7.46 -15.20
C ALA A 207 21.63 -7.73 -16.14
N GLY A 208 22.02 -9.01 -16.24
CA GLY A 208 23.06 -9.43 -17.20
C GLY A 208 22.70 -9.14 -18.66
N ILE A 209 21.44 -9.31 -19.02
CA ILE A 209 21.10 -9.02 -20.42
C ILE A 209 21.17 -7.50 -20.70
N PHE A 210 20.59 -6.72 -19.82
CA PHE A 210 20.58 -5.24 -20.09
C PHE A 210 22.00 -4.68 -20.02
N ASN A 211 22.78 -5.24 -19.13
CA ASN A 211 24.20 -4.89 -19.03
C ASN A 211 25.01 -4.99 -20.33
N ALA A 212 24.75 -6.00 -21.14
CA ALA A 212 25.49 -6.18 -22.38
C ALA A 212 25.02 -5.30 -23.51
N TYR A 213 23.71 -5.03 -23.51
CA TYR A 213 23.08 -4.33 -24.64
C TYR A 213 22.84 -2.82 -24.35
N LYS A 214 23.19 -2.35 -23.15
CA LYS A 214 22.97 -0.91 -22.83
C LYS A 214 23.76 -0.01 -23.79
N PRO A 215 23.22 1.18 -24.11
CA PRO A 215 23.98 2.09 -24.98
C PRO A 215 25.12 2.77 -24.22
N PRO A 216 25.88 3.62 -24.91
CA PRO A 216 27.04 4.31 -24.33
C PRO A 216 26.66 5.08 -23.06
N GLY A 217 27.50 4.97 -22.04
CA GLY A 217 27.23 5.59 -20.72
C GLY A 217 25.98 5.10 -19.98
N GLY A 218 25.59 3.85 -20.19
CA GLY A 218 24.50 3.29 -19.43
C GLY A 218 24.98 2.61 -18.18
N LYS A 219 24.05 2.19 -17.34
CA LYS A 219 24.36 1.58 -16.07
C LYS A 219 23.18 0.67 -15.71
N VAL A 220 23.48 -0.58 -15.33
CA VAL A 220 22.44 -1.42 -14.77
C VAL A 220 22.56 -1.44 -13.25
N THR A 221 21.44 -1.30 -12.58
CA THR A 221 21.40 -1.39 -11.17
C THR A 221 20.38 -2.46 -10.75
N LEU A 222 20.78 -3.28 -9.82
CA LEU A 222 19.82 -4.27 -9.30
C LEU A 222 19.64 -3.99 -7.82
N CYS A 223 18.40 -3.98 -7.34
CA CYS A 223 18.23 -3.79 -5.92
C CYS A 223 17.58 -4.94 -5.28
N TYR A 224 17.86 -5.16 -4.00
CA TYR A 224 17.19 -6.22 -3.27
C TYR A 224 16.97 -5.92 -1.80
N ARG A 225 15.76 -6.28 -1.35
CA ARG A 225 15.20 -5.91 -0.05
C ARG A 225 16.13 -6.37 1.05
N ASN A 226 16.72 -7.57 0.91
CA ASN A 226 17.51 -8.18 2.00
C ASN A 226 19.00 -8.15 1.75
N ASN A 227 19.75 -8.90 2.56
CA ASN A 227 21.22 -8.67 2.56
C ASN A 227 21.99 -9.22 1.39
N LEU A 228 21.52 -10.32 0.84
CA LEU A 228 22.29 -10.98 -0.18
C LEU A 228 21.34 -11.64 -1.18
N ILE A 229 21.56 -11.40 -2.48
CA ILE A 229 20.74 -11.99 -3.52
C ILE A 229 20.65 -13.53 -3.60
N LEU A 230 19.60 -14.00 -4.31
CA LEU A 230 19.46 -15.40 -4.68
C LEU A 230 19.31 -16.28 -3.48
N ARG A 231 18.47 -15.86 -2.55
CA ARG A 231 17.98 -16.72 -1.49
C ARG A 231 17.57 -18.12 -2.09
N GLY A 232 17.89 -19.20 -1.38
CA GLY A 232 17.54 -20.57 -1.82
C GLY A 232 18.75 -21.25 -2.50
N PHE A 233 19.71 -20.48 -2.96
CA PHE A 233 20.94 -21.00 -3.56
C PHE A 233 22.08 -21.06 -2.54
N ASP A 234 23.14 -21.78 -2.93
CA ASP A 234 24.29 -21.98 -2.11
C ASP A 234 24.85 -20.63 -1.72
N GLU A 235 25.23 -20.46 -0.45
CA GLU A 235 25.72 -19.15 0.07
C GLU A 235 27.04 -18.66 -0.56
N THR A 236 28.02 -19.55 -0.71
CA THR A 236 29.23 -19.23 -1.34
C THR A 236 28.92 -18.74 -2.76
N ILE A 237 28.04 -19.46 -3.44
CA ILE A 237 27.65 -19.10 -4.78
C ILE A 237 26.90 -17.75 -4.77
N ARG A 238 26.02 -17.55 -3.81
CA ARG A 238 25.34 -16.20 -3.74
C ARG A 238 26.38 -15.07 -3.65
N GLU A 239 27.29 -15.17 -2.70
CA GLU A 239 28.40 -14.19 -2.57
C GLU A 239 29.22 -14.05 -3.83
N GLU A 240 29.60 -15.17 -4.43
CA GLU A 240 30.48 -15.09 -5.62
C GLU A 240 29.77 -14.46 -6.79
N VAL A 241 28.49 -14.80 -7.00
CA VAL A 241 27.85 -14.29 -8.17
C VAL A 241 27.68 -12.74 -8.01
N THR A 242 27.41 -12.28 -6.79
CA THR A 242 27.32 -10.85 -6.48
C THR A 242 28.63 -10.15 -6.90
N LYS A 243 29.77 -10.75 -6.54
CA LYS A 243 31.07 -10.23 -6.96
C LYS A 243 31.24 -10.23 -8.46
N GLN A 244 30.80 -11.30 -9.15
CA GLN A 244 31.16 -11.36 -10.56
C GLN A 244 30.26 -10.39 -11.37
N LEU A 245 29.06 -10.17 -10.85
CA LEU A 245 28.15 -9.23 -11.48
C LEU A 245 28.72 -7.79 -11.27
N THR A 246 29.13 -7.50 -10.03
CA THR A 246 29.81 -6.20 -9.72
C THR A 246 31.02 -6.04 -10.63
N ALA A 247 31.82 -7.10 -10.75
CA ALA A 247 33.00 -7.00 -11.60
C ALA A 247 32.68 -6.74 -13.04
N ASN A 248 31.48 -7.09 -13.51
CA ASN A 248 31.16 -6.76 -14.92
C ASN A 248 30.31 -5.44 -15.04
N GLY A 249 30.27 -4.64 -13.98
CA GLY A 249 29.75 -3.21 -14.08
C GLY A 249 28.30 -3.05 -13.60
N ILE A 250 27.74 -4.08 -12.98
CA ILE A 250 26.37 -3.97 -12.46
C ILE A 250 26.42 -3.53 -11.01
N GLU A 251 25.65 -2.50 -10.67
CA GLU A 251 25.57 -2.09 -9.27
C GLU A 251 24.44 -2.87 -8.55
N ILE A 252 24.80 -3.59 -7.48
CA ILE A 252 23.88 -4.37 -6.66
C ILE A 252 23.65 -3.57 -5.42
N MET A 253 22.42 -3.08 -5.22
CA MET A 253 22.04 -2.43 -3.98
C MET A 253 21.24 -3.37 -3.08
N THR A 254 21.87 -3.94 -2.05
CA THR A 254 21.16 -4.76 -1.12
C THR A 254 20.62 -3.94 0.08
N ASN A 255 19.72 -4.54 0.85
CA ASN A 255 19.00 -3.84 1.93
C ASN A 255 18.31 -2.56 1.44
N GLU A 256 17.84 -2.58 0.18
CA GLU A 256 17.17 -1.45 -0.43
C GLU A 256 15.89 -1.86 -1.12
N ASN A 257 14.92 -0.95 -1.04
CA ASN A 257 13.56 -1.27 -1.57
C ASN A 257 12.83 -0.02 -2.08
N PRO A 258 12.32 -0.06 -3.32
CA PRO A 258 11.67 1.15 -3.79
C PRO A 258 10.42 1.43 -2.98
N ALA A 259 10.22 2.72 -2.69
CA ALA A 259 9.08 3.19 -1.91
C ALA A 259 8.15 3.94 -2.82
N LYS A 260 8.68 4.62 -3.83
CA LYS A 260 7.80 5.21 -4.82
C LYS A 260 8.55 5.52 -6.12
N VAL A 261 7.79 5.74 -7.21
CA VAL A 261 8.41 6.16 -8.46
C VAL A 261 7.60 7.33 -8.99
N SER A 262 8.27 8.34 -9.48
CA SER A 262 7.62 9.42 -10.22
C SER A 262 8.46 9.70 -11.47
N LEU A 263 7.92 10.56 -12.30
CA LEU A 263 8.49 10.91 -13.55
C LEU A 263 9.14 12.25 -13.35
N ASN A 264 10.41 12.30 -13.74
CA ASN A 264 11.10 13.58 -13.87
C ASN A 264 10.53 14.36 -15.05
N THR A 265 10.92 15.64 -15.15
CA THR A 265 10.30 16.47 -16.16
C THR A 265 10.73 16.05 -17.52
N ASP A 266 11.90 15.39 -17.66
CA ASP A 266 12.23 14.80 -18.94
C ASP A 266 11.56 13.43 -19.20
N GLY A 267 10.71 12.88 -18.33
CA GLY A 267 10.06 11.60 -18.63
C GLY A 267 10.84 10.39 -18.11
N SER A 268 12.06 10.59 -17.60
CA SER A 268 12.77 9.50 -16.93
C SER A 268 12.12 9.15 -15.54
N LYS A 269 12.46 8.01 -14.96
CA LYS A 269 11.82 7.58 -13.69
C LYS A 269 12.69 7.99 -12.50
N HIS A 270 12.13 8.66 -11.51
CA HIS A 270 12.86 9.00 -10.29
C HIS A 270 12.36 8.03 -9.26
N VAL A 271 13.25 7.19 -8.73
CA VAL A 271 12.89 6.16 -7.76
C VAL A 271 13.40 6.60 -6.36
N THR A 272 12.52 6.59 -5.37
CA THR A 272 12.92 6.82 -3.99
C THR A 272 12.80 5.52 -3.29
N PHE A 273 13.87 5.10 -2.65
CA PHE A 273 13.85 3.93 -1.80
C PHE A 273 13.39 4.28 -0.39
N GLU A 274 12.99 3.24 0.34
CA GLU A 274 12.61 3.43 1.71
C GLU A 274 13.69 4.12 2.54
N SER A 275 14.97 3.91 2.25
CA SER A 275 16.05 4.52 2.98
C SER A 275 16.10 6.05 2.69
N GLY A 276 15.40 6.54 1.65
CA GLY A 276 15.59 7.95 1.20
C GLY A 276 16.66 8.13 0.13
N LYS A 277 17.35 7.03 -0.24
CA LYS A 277 18.29 7.07 -1.34
C LYS A 277 17.43 7.31 -2.55
N THR A 278 18.02 7.81 -3.65
CA THR A 278 17.28 7.98 -4.83
C THR A 278 18.00 7.50 -6.07
N LEU A 279 17.26 7.31 -7.14
CA LEU A 279 17.95 6.81 -8.33
C LEU A 279 17.19 7.16 -9.58
N ASP A 280 17.86 7.72 -10.60
CA ASP A 280 17.12 8.02 -11.80
C ASP A 280 17.40 6.97 -12.86
N VAL A 281 16.36 6.44 -13.51
CA VAL A 281 16.52 5.43 -14.55
C VAL A 281 15.53 5.65 -15.71
N ASP A 282 15.78 5.01 -16.83
CA ASP A 282 14.84 4.96 -17.91
C ASP A 282 13.83 3.81 -17.80
N VAL A 283 14.19 2.70 -17.17
CA VAL A 283 13.29 1.58 -16.96
C VAL A 283 13.40 1.06 -15.55
N VAL A 284 12.26 0.81 -14.91
CA VAL A 284 12.22 0.09 -13.63
C VAL A 284 11.51 -1.26 -13.87
N MET A 285 12.21 -2.38 -13.70
CA MET A 285 11.62 -3.68 -14.02
C MET A 285 11.47 -4.38 -12.73
N MET A 286 10.23 -4.62 -12.36
CA MET A 286 9.89 -5.33 -11.13
C MET A 286 10.00 -6.85 -11.31
N ALA A 287 10.75 -7.53 -10.44
CA ALA A 287 10.91 -9.01 -10.60
C ALA A 287 10.92 -9.52 -9.20
N ILE A 288 9.91 -9.17 -8.42
CA ILE A 288 10.05 -9.45 -6.98
C ILE A 288 9.36 -10.75 -6.65
N GLY A 289 8.76 -11.42 -7.65
CA GLY A 289 8.07 -12.68 -7.35
C GLY A 289 7.01 -12.96 -8.43
N ARG A 290 6.49 -14.19 -8.47
CA ARG A 290 5.42 -14.55 -9.43
C ARG A 290 4.29 -15.23 -8.66
N ILE A 291 3.05 -14.91 -8.94
CA ILE A 291 1.99 -15.49 -8.11
C ILE A 291 1.08 -16.40 -8.98
N PRO A 292 0.47 -17.42 -8.36
CA PRO A 292 -0.37 -18.33 -9.15
C PRO A 292 -1.59 -17.60 -9.75
N ARG A 293 -1.91 -17.90 -10.96
CA ARG A 293 -2.98 -17.28 -11.72
C ARG A 293 -4.29 -18.04 -11.51
N THR A 294 -4.99 -17.73 -10.41
CA THR A 294 -6.21 -18.39 -10.07
C THR A 294 -7.43 -17.50 -10.16
N ASN A 295 -7.23 -16.19 -10.29
CA ASN A 295 -8.31 -15.21 -10.25
CA ASN A 295 -8.35 -15.24 -10.21
C ASN A 295 -9.40 -15.38 -11.31
N ASP A 296 -9.01 -15.76 -12.53
CA ASP A 296 -9.97 -15.73 -13.64
C ASP A 296 -10.71 -17.07 -13.86
N LEU A 297 -10.40 -18.07 -13.02
CA LEU A 297 -10.89 -19.43 -13.26
C LEU A 297 -12.29 -19.64 -12.65
N GLN A 298 -12.69 -18.72 -11.77
CA GLN A 298 -14.04 -18.74 -11.12
C GLN A 298 -14.17 -19.98 -10.30
N LEU A 299 -13.14 -20.23 -9.53
CA LEU A 299 -13.04 -21.48 -8.76
C LEU A 299 -14.13 -21.65 -7.72
N GLY A 300 -14.69 -20.53 -7.26
CA GLY A 300 -15.84 -20.50 -6.35
C GLY A 300 -17.05 -21.17 -6.97
N ASN A 301 -17.12 -21.24 -8.29
CA ASN A 301 -18.24 -21.99 -8.89
C ASN A 301 -18.26 -23.42 -8.57
N VAL A 302 -17.14 -24.07 -8.27
CA VAL A 302 -17.11 -25.53 -7.94
C VAL A 302 -16.50 -25.78 -6.54
N GLY A 303 -15.98 -24.74 -5.89
CA GLY A 303 -15.45 -24.95 -4.53
C GLY A 303 -13.99 -25.52 -4.48
N VAL A 304 -13.16 -25.30 -5.50
CA VAL A 304 -11.75 -25.78 -5.45
C VAL A 304 -11.01 -24.96 -4.41
N LYS A 305 -10.40 -25.63 -3.44
CA LYS A 305 -9.69 -24.94 -2.33
C LYS A 305 -8.31 -24.40 -2.73
N LEU A 306 -8.03 -23.20 -2.24
CA LEU A 306 -6.72 -22.54 -2.45
C LEU A 306 -5.97 -22.70 -1.13
N THR A 307 -4.63 -22.88 -1.17
CA THR A 307 -3.78 -22.81 0.05
C THR A 307 -3.83 -21.39 0.60
N PRO A 308 -3.37 -21.23 1.87
CA PRO A 308 -3.28 -19.91 2.53
C PRO A 308 -2.48 -19.05 1.61
N LYS A 309 -1.45 -19.65 1.00
CA LYS A 309 -0.50 -18.92 0.20
C LYS A 309 -1.10 -18.40 -1.10
N GLY A 310 -2.08 -19.12 -1.68
CA GLY A 310 -2.77 -18.66 -2.90
C GLY A 310 -2.74 -19.67 -4.08
N GLY A 311 -1.95 -20.72 -3.95
CA GLY A 311 -1.87 -21.70 -5.00
C GLY A 311 -3.09 -22.59 -4.93
N VAL A 312 -3.39 -23.31 -5.99
CA VAL A 312 -4.41 -24.44 -5.89
C VAL A 312 -3.87 -25.56 -5.02
N GLN A 313 -4.57 -25.87 -3.96
CA GLN A 313 -4.13 -26.96 -3.11
C GLN A 313 -4.29 -28.31 -3.81
N VAL A 314 -3.28 -29.13 -3.72
CA VAL A 314 -3.30 -30.47 -4.35
C VAL A 314 -2.57 -31.46 -3.46
N ASP A 315 -2.90 -32.72 -3.67
CA ASP A 315 -2.23 -33.81 -2.96
C ASP A 315 -1.02 -34.19 -3.87
N GLU A 316 -0.34 -35.29 -3.55
CA GLU A 316 0.84 -35.73 -4.29
C GLU A 316 0.57 -36.17 -5.69
N PHE A 317 -0.70 -36.53 -5.96
CA PHE A 317 -1.17 -36.91 -7.28
C PHE A 317 -1.80 -35.76 -8.06
N SER A 318 -1.55 -34.50 -7.59
CA SER A 318 -2.07 -33.32 -8.28
C SER A 318 -3.60 -33.22 -8.16
N ARG A 319 -4.25 -33.96 -7.26
CA ARG A 319 -5.70 -33.78 -7.16
C ARG A 319 -6.14 -32.68 -6.21
N THR A 320 -7.15 -31.94 -6.65
CA THR A 320 -7.81 -30.99 -5.76
C THR A 320 -8.87 -31.67 -4.90
N ASN A 321 -9.61 -30.88 -4.14
CA ASN A 321 -10.66 -31.43 -3.24
C ASN A 321 -11.94 -31.78 -4.04
N VAL A 322 -11.99 -31.41 -5.32
CA VAL A 322 -13.08 -31.81 -6.23
C VAL A 322 -12.58 -32.99 -7.11
N PRO A 323 -13.16 -34.21 -6.95
CA PRO A 323 -12.57 -35.47 -7.48
C PRO A 323 -11.92 -35.46 -8.86
N ASN A 324 -12.57 -34.84 -9.82
CA ASN A 324 -12.12 -34.96 -11.21
C ASN A 324 -11.48 -33.64 -11.68
N ILE A 325 -11.01 -32.84 -10.74
CA ILE A 325 -10.38 -31.54 -11.09
C ILE A 325 -8.97 -31.54 -10.53
N TYR A 326 -8.00 -31.32 -11.43
CA TYR A 326 -6.59 -31.48 -11.08
C TYR A 326 -5.90 -30.15 -11.32
N ALA A 327 -4.74 -29.93 -10.72
CA ALA A 327 -3.92 -28.74 -10.99
C ALA A 327 -2.42 -29.14 -10.98
N ILE A 328 -1.65 -28.61 -11.94
CA ILE A 328 -0.20 -28.87 -12.04
C ILE A 328 0.48 -27.52 -12.40
N GLY A 329 1.80 -27.44 -12.21
CA GLY A 329 2.59 -26.32 -12.70
C GLY A 329 2.54 -25.20 -11.70
N ASP A 330 2.80 -23.99 -12.18
CA ASP A 330 2.99 -22.83 -11.30
C ASP A 330 1.74 -22.47 -10.54
N ILE A 331 0.57 -22.87 -11.05
CA ILE A 331 -0.66 -22.57 -10.28
C ILE A 331 -0.66 -23.27 -8.93
N THR A 332 0.14 -24.32 -8.76
CA THR A 332 0.22 -24.95 -7.44
C THR A 332 1.26 -24.27 -6.47
N ASP A 333 2.00 -23.26 -6.95
CA ASP A 333 2.82 -22.43 -6.15
C ASP A 333 3.82 -23.17 -5.33
N ARG A 334 4.56 -24.07 -5.97
CA ARG A 334 5.63 -24.81 -5.35
CA ARG A 334 5.61 -24.83 -5.33
C ARG A 334 6.90 -24.51 -6.09
N LEU A 335 7.45 -25.49 -6.85
CA LEU A 335 8.59 -25.26 -7.77
C LEU A 335 8.11 -24.74 -9.09
N MET A 336 8.53 -23.51 -9.41
CA MET A 336 8.09 -22.90 -10.66
C MET A 336 9.14 -23.09 -11.72
N LEU A 337 9.19 -24.31 -12.30
CA LEU A 337 10.11 -24.70 -13.33
C LEU A 337 9.34 -25.45 -14.41
N THR A 338 9.67 -25.24 -15.70
CA THR A 338 9.04 -25.90 -16.79
C THR A 338 9.13 -27.48 -16.75
N PRO A 339 10.33 -28.05 -16.51
CA PRO A 339 10.32 -29.52 -16.58
C PRO A 339 9.63 -30.19 -15.35
N VAL A 340 9.46 -29.46 -14.23
CA VAL A 340 8.67 -30.01 -13.16
C VAL A 340 7.16 -30.04 -13.59
N ALA A 341 6.67 -28.92 -14.16
CA ALA A 341 5.27 -28.86 -14.69
C ALA A 341 5.00 -29.98 -15.69
N ILE A 342 5.94 -30.20 -16.63
CA ILE A 342 5.88 -31.27 -17.60
C ILE A 342 5.82 -32.67 -16.91
N ASN A 343 6.72 -32.93 -15.93
CA ASN A 343 6.76 -34.22 -15.23
C ASN A 343 5.40 -34.46 -14.52
N GLU A 344 4.85 -33.40 -13.94
CA GLU A 344 3.56 -33.48 -13.25
C GLU A 344 2.42 -33.84 -14.21
N GLY A 345 2.38 -33.23 -15.39
CA GLY A 345 1.39 -33.46 -16.36
C GLY A 345 1.49 -34.91 -16.84
N ALA A 346 2.70 -35.34 -17.19
CA ALA A 346 2.97 -36.74 -17.50
C ALA A 346 2.48 -37.72 -16.44
N ALA A 347 2.81 -37.46 -15.17
CA ALA A 347 2.42 -38.38 -14.09
C ALA A 347 0.89 -38.42 -13.89
N LEU A 348 0.24 -37.26 -13.94
CA LEU A 348 -1.20 -37.16 -13.80
C LEU A 348 -1.92 -38.04 -14.83
N VAL A 349 -1.52 -37.92 -16.09
CA VAL A 349 -2.19 -38.59 -17.17
C VAL A 349 -1.92 -40.11 -17.15
N ASP A 350 -0.70 -40.50 -16.73
CA ASP A 350 -0.41 -41.93 -16.52
C ASP A 350 -1.31 -42.48 -15.42
N THR A 351 -1.44 -41.74 -14.30
CA THR A 351 -2.28 -42.14 -13.18
C THR A 351 -3.78 -42.26 -13.55
N VAL A 352 -4.31 -41.23 -14.22
CA VAL A 352 -5.73 -41.10 -14.47
C VAL A 352 -6.26 -41.97 -15.66
N PHE A 353 -5.49 -42.04 -16.73
CA PHE A 353 -5.90 -42.62 -17.95
C PHE A 353 -5.05 -43.83 -18.38
N GLY A 354 -3.86 -43.98 -17.79
CA GLY A 354 -3.01 -45.07 -18.26
C GLY A 354 -2.96 -46.18 -17.21
N ASN A 355 -3.85 -46.06 -16.21
CA ASN A 355 -3.70 -46.67 -14.91
C ASN A 355 -2.26 -47.21 -14.71
N LYS A 356 -1.35 -46.27 -14.43
CA LYS A 356 -0.03 -46.58 -13.89
C LYS A 356 0.28 -45.45 -12.94
N PRO A 357 -0.18 -45.59 -11.69
CA PRO A 357 -0.11 -44.49 -10.73
C PRO A 357 1.33 -43.99 -10.57
N ARG A 358 1.48 -42.68 -10.54
CA ARG A 358 2.81 -42.14 -10.37
C ARG A 358 2.71 -40.70 -9.88
N LYS A 359 3.54 -40.35 -8.88
CA LYS A 359 3.65 -38.98 -8.38
C LYS A 359 5.03 -38.39 -8.72
N THR A 360 5.03 -37.08 -8.98
CA THR A 360 6.23 -36.38 -9.28
C THR A 360 7.13 -36.36 -8.03
N ASP A 361 8.44 -36.51 -8.25
CA ASP A 361 9.38 -36.35 -7.11
C ASP A 361 9.88 -34.90 -7.18
N HIS A 362 9.53 -34.09 -6.19
CA HIS A 362 9.92 -32.70 -6.13
C HIS A 362 11.26 -32.54 -5.43
N THR A 363 11.90 -33.64 -5.04
CA THR A 363 13.22 -33.55 -4.39
C THR A 363 14.29 -33.78 -5.45
N ARG A 364 15.49 -33.29 -5.18
CA ARG A 364 16.60 -33.55 -6.06
C ARG A 364 16.40 -33.08 -7.49
N VAL A 365 15.64 -31.98 -7.64
CA VAL A 365 15.43 -31.41 -8.96
C VAL A 365 16.56 -30.49 -9.34
N ALA A 366 17.21 -30.78 -10.47
CA ALA A 366 18.26 -29.91 -11.01
C ALA A 366 17.64 -28.67 -11.66
N SER A 367 18.29 -27.53 -11.43
CA SER A 367 17.85 -26.29 -12.05
C SER A 367 19.06 -25.35 -12.30
N ALA A 368 18.83 -24.21 -12.94
CA ALA A 368 19.99 -23.40 -13.39
C ALA A 368 19.68 -21.93 -13.20
N VAL A 369 20.71 -21.07 -13.16
CA VAL A 369 20.44 -19.64 -13.33
C VAL A 369 21.37 -19.19 -14.41
N PHE A 370 20.81 -18.59 -15.47
CA PHE A 370 21.64 -18.11 -16.53
C PHE A 370 22.14 -16.68 -16.31
N SER A 371 22.73 -16.50 -15.11
CA SER A 371 23.54 -15.33 -14.84
C SER A 371 24.77 -15.48 -15.69
N ILE A 372 25.58 -14.45 -15.69
CA ILE A 372 26.81 -14.50 -16.41
C ILE A 372 27.91 -14.31 -15.37
N PRO A 373 28.65 -15.39 -15.01
CA PRO A 373 28.48 -16.76 -15.45
C PRO A 373 27.36 -17.48 -14.68
N PRO A 374 26.94 -18.67 -15.21
CA PRO A 374 25.68 -19.27 -14.75
C PRO A 374 25.84 -20.16 -13.54
N ILE A 375 24.73 -20.51 -12.90
CA ILE A 375 24.66 -21.48 -11.81
C ILE A 375 24.02 -22.81 -12.27
N GLY A 376 24.45 -23.93 -11.72
CA GLY A 376 23.70 -25.19 -11.92
C GLY A 376 23.66 -25.81 -10.55
N THR A 377 22.52 -26.30 -10.14
CA THR A 377 22.37 -26.81 -8.81
C THR A 377 21.36 -27.97 -8.80
N CYS A 378 21.58 -28.95 -7.93
CA CYS A 378 20.65 -30.06 -7.69
C CYS A 378 20.68 -30.44 -6.18
N GLY A 379 19.55 -30.41 -5.47
CA GLY A 379 19.49 -30.95 -4.10
C GLY A 379 19.74 -29.91 -3.06
N LEU A 380 20.12 -30.31 -1.85
CA LEU A 380 20.06 -29.42 -0.67
C LEU A 380 21.26 -28.51 -0.54
N ILE A 381 21.02 -27.29 -0.13
CA ILE A 381 22.10 -26.46 0.33
C ILE A 381 22.46 -26.86 1.75
N GLU A 382 23.73 -26.58 2.12
CA GLU A 382 24.28 -27.16 3.33
C GLU A 382 23.53 -26.77 4.63
N GLU A 383 23.11 -25.49 4.72
CA GLU A 383 22.42 -25.07 5.94
C GLU A 383 21.04 -25.78 6.07
N VAL A 384 20.41 -26.15 4.94
CA VAL A 384 19.21 -26.96 5.02
C VAL A 384 19.58 -28.42 5.42
N ALA A 385 20.59 -29.03 4.75
CA ALA A 385 21.08 -30.33 5.13
C ALA A 385 21.39 -30.43 6.62
N ALA A 386 21.97 -29.37 7.19
CA ALA A 386 22.51 -29.45 8.55
C ALA A 386 21.42 -29.53 9.62
N LYS A 387 20.24 -29.03 9.27
CA LYS A 387 19.09 -29.05 10.15
C LYS A 387 18.47 -30.44 10.11
N GLU A 388 18.83 -31.26 9.14
CA GLU A 388 18.16 -32.53 8.97
C GLU A 388 19.04 -33.74 9.12
N PHE A 389 20.34 -33.57 9.27
CA PHE A 389 21.25 -34.69 9.28
C PHE A 389 22.25 -34.35 10.35
N GLU A 390 22.54 -35.32 11.22
CA GLU A 390 23.44 -35.07 12.35
C GLU A 390 24.84 -34.64 11.92
N LYS A 391 25.33 -35.21 10.83
CA LYS A 391 26.67 -34.93 10.35
C LYS A 391 26.66 -34.70 8.84
N VAL A 392 27.00 -33.46 8.46
CA VAL A 392 27.11 -33.03 7.05
C VAL A 392 28.56 -32.68 6.70
N ALA A 393 29.06 -33.19 5.57
CA ALA A 393 30.34 -32.80 5.03
C ALA A 393 30.14 -31.91 3.78
N VAL A 394 31.00 -30.90 3.62
CA VAL A 394 31.02 -30.08 2.41
C VAL A 394 32.40 -30.20 1.73
N TYR A 395 32.36 -30.60 0.45
CA TYR A 395 33.54 -30.65 -0.45
C TYR A 395 33.45 -29.45 -1.38
N MET A 396 34.50 -28.63 -1.42
CA MET A 396 34.42 -27.33 -2.06
C MET A 396 35.71 -27.17 -2.79
N SER A 397 35.61 -26.82 -4.06
CA SER A 397 36.76 -26.43 -4.83
C SER A 397 36.37 -25.15 -5.54
N SER A 398 37.29 -24.21 -5.55
CA SER A 398 37.01 -22.92 -6.10
C SER A 398 38.34 -22.37 -6.59
N PHE A 399 38.41 -21.92 -7.83
CA PHE A 399 39.67 -21.59 -8.48
C PHE A 399 39.16 -20.78 -9.66
N THR A 400 39.85 -19.69 -10.00
CA THR A 400 39.73 -19.11 -11.34
C THR A 400 40.38 -20.10 -12.29
N PRO A 401 39.63 -20.64 -13.29
CA PRO A 401 40.17 -21.57 -14.27
C PRO A 401 41.24 -20.93 -15.14
N LEU A 402 42.18 -21.74 -15.59
CA LEU A 402 43.29 -21.26 -16.43
C LEU A 402 42.90 -20.42 -17.67
N MET A 403 41.86 -20.81 -18.43
CA MET A 403 41.40 -20.00 -19.63
C MET A 403 41.13 -18.55 -19.24
N HIS A 404 40.64 -18.34 -18.03
CA HIS A 404 40.35 -16.98 -17.57
C HIS A 404 41.52 -16.33 -16.87
N ASN A 405 42.63 -17.02 -16.71
CA ASN A 405 43.89 -16.32 -16.43
C ASN A 405 44.50 -15.78 -17.74
N ILE A 406 44.00 -16.20 -18.90
CA ILE A 406 44.45 -15.61 -20.15
C ILE A 406 43.41 -14.66 -20.76
N SER A 407 42.11 -14.90 -20.49
CA SER A 407 41.05 -14.10 -21.08
C SER A 407 41.06 -12.67 -20.55
N GLY A 408 41.51 -12.48 -19.31
CA GLY A 408 41.38 -11.15 -18.65
C GLY A 408 40.45 -11.25 -17.43
N SER A 409 39.42 -12.10 -17.53
CA SER A 409 38.30 -12.13 -16.57
C SER A 409 38.66 -12.98 -15.39
N LYS A 410 39.75 -12.62 -14.75
CA LYS A 410 40.27 -13.39 -13.62
C LYS A 410 39.32 -13.46 -12.50
N TYR A 411 38.35 -12.54 -12.48
CA TYR A 411 37.33 -12.52 -11.42
C TYR A 411 36.33 -13.71 -11.58
N LYS A 412 36.42 -14.39 -12.70
CA LYS A 412 35.50 -15.53 -12.98
C LYS A 412 35.97 -16.81 -12.33
N LYS A 413 35.80 -16.88 -11.02
CA LYS A 413 36.08 -18.07 -10.26
C LYS A 413 34.97 -19.12 -10.42
N PHE A 414 35.37 -20.36 -10.80
CA PHE A 414 34.51 -21.52 -10.84
C PHE A 414 34.31 -22.05 -9.44
N VAL A 415 33.05 -22.24 -9.03
CA VAL A 415 32.82 -22.86 -7.67
C VAL A 415 32.14 -24.22 -7.86
N ALA A 416 32.63 -25.28 -7.22
CA ALA A 416 31.93 -26.60 -7.22
C ALA A 416 31.90 -27.08 -5.76
N LYS A 417 30.72 -27.26 -5.20
CA LYS A 417 30.55 -27.82 -3.86
C LYS A 417 29.66 -29.06 -3.88
N ILE A 418 30.02 -30.08 -3.12
CA ILE A 418 29.23 -31.29 -2.99
C ILE A 418 28.87 -31.40 -1.51
N VAL A 419 27.55 -31.57 -1.22
CA VAL A 419 27.07 -31.63 0.16
C VAL A 419 26.68 -33.10 0.46
N THR A 420 27.19 -33.64 1.54
CA THR A 420 26.84 -35.04 1.84
C THR A 420 26.27 -35.22 3.26
N ASN A 421 25.59 -36.35 3.43
CA ASN A 421 25.37 -36.97 4.74
C ASN A 421 26.65 -37.72 5.06
N HIS A 422 27.39 -37.22 6.03
CA HIS A 422 28.69 -37.77 6.30
C HIS A 422 28.59 -39.10 6.96
N SER A 423 27.43 -39.38 7.53
CA SER A 423 27.15 -40.68 8.12
C SER A 423 27.18 -41.83 7.16
N ASP A 424 26.86 -41.63 5.88
CA ASP A 424 26.95 -42.75 4.96
C ASP A 424 27.52 -42.33 3.57
N GLY A 425 27.95 -41.07 3.50
CA GLY A 425 28.42 -40.46 2.25
C GLY A 425 27.44 -40.22 1.12
N THR A 426 26.12 -40.36 1.36
CA THR A 426 25.13 -39.99 0.31
C THR A 426 25.26 -38.52 -0.03
N VAL A 427 25.34 -38.20 -1.34
CA VAL A 427 25.27 -36.82 -1.88
C VAL A 427 23.86 -36.22 -1.79
N LEU A 428 23.74 -35.14 -1.05
CA LEU A 428 22.51 -34.51 -0.74
C LEU A 428 22.32 -33.35 -1.72
N GLY A 429 23.41 -32.77 -2.23
CA GLY A 429 23.30 -31.50 -3.02
C GLY A 429 24.58 -31.29 -3.77
N VAL A 430 24.53 -30.64 -4.94
CA VAL A 430 25.74 -30.25 -5.69
C VAL A 430 25.41 -28.83 -6.24
N HIS A 431 26.38 -27.88 -6.10
CA HIS A 431 26.21 -26.50 -6.38
C HIS A 431 27.40 -25.99 -7.19
N LEU A 432 27.11 -25.46 -8.35
CA LEU A 432 28.11 -25.09 -9.33
C LEU A 432 27.88 -23.68 -9.74
N LEU A 433 28.99 -22.96 -10.02
CA LEU A 433 29.00 -21.58 -10.52
C LEU A 433 30.14 -21.49 -11.52
N GLY A 434 29.87 -21.09 -12.76
CA GLY A 434 30.92 -21.07 -13.77
C GLY A 434 30.37 -21.44 -15.11
N ASP A 435 31.14 -21.15 -16.14
CA ASP A 435 30.70 -21.38 -17.50
C ASP A 435 30.37 -22.90 -17.65
N GLY A 436 29.32 -23.28 -18.39
CA GLY A 436 28.98 -24.73 -18.44
C GLY A 436 28.20 -25.34 -17.24
N ALA A 437 28.12 -24.66 -16.09
CA ALA A 437 27.42 -25.23 -14.91
C ALA A 437 26.01 -25.81 -15.20
N PRO A 438 25.16 -25.10 -16.03
CA PRO A 438 23.79 -25.70 -16.25
C PRO A 438 23.86 -27.02 -17.02
N GLU A 439 24.86 -27.18 -17.90
CA GLU A 439 25.10 -28.42 -18.71
C GLU A 439 25.68 -29.54 -17.87
N ILE A 440 26.62 -29.16 -17.00
CA ILE A 440 27.24 -30.10 -16.06
C ILE A 440 26.23 -30.72 -15.13
N ILE A 441 25.31 -29.90 -14.57
CA ILE A 441 24.48 -30.36 -13.49
C ILE A 441 23.43 -31.40 -13.94
N GLN A 442 23.12 -31.51 -15.25
CA GLN A 442 21.95 -32.34 -15.61
C GLN A 442 22.16 -33.83 -15.26
N ALA A 443 23.33 -34.38 -15.60
CA ALA A 443 23.58 -35.80 -15.32
C ALA A 443 23.83 -36.01 -13.80
N VAL A 444 24.19 -34.95 -13.09
CA VAL A 444 24.24 -34.97 -11.64
C VAL A 444 22.84 -35.24 -11.04
N GLY A 445 21.80 -34.70 -11.62
CA GLY A 445 20.44 -35.06 -11.17
C GLY A 445 20.13 -36.55 -11.34
N VAL A 446 20.56 -37.16 -12.45
CA VAL A 446 20.43 -38.65 -12.53
C VAL A 446 21.21 -39.35 -11.42
N CYS A 447 22.45 -38.94 -11.14
CA CYS A 447 23.22 -39.48 -10.04
C CYS A 447 22.47 -39.45 -8.71
N LEU A 448 21.87 -38.29 -8.38
CA LEU A 448 21.18 -38.16 -7.10
C LEU A 448 19.90 -38.98 -7.04
N ARG A 449 19.27 -39.18 -8.16
CA ARG A 449 18.11 -40.05 -8.23
C ARG A 449 18.56 -41.54 -8.02
N LEU A 450 19.84 -41.79 -8.22
CA LEU A 450 20.37 -43.11 -8.07
C LEU A 450 21.07 -43.20 -6.73
N ASN A 451 20.87 -42.22 -5.83
CA ASN A 451 21.44 -42.32 -4.47
C ASN A 451 22.98 -42.40 -4.49
N ALA A 452 23.64 -41.62 -5.37
CA ALA A 452 25.09 -41.60 -5.46
C ALA A 452 25.67 -41.18 -4.10
N LYS A 453 26.80 -41.80 -3.77
CA LYS A 453 27.65 -41.39 -2.65
C LYS A 453 28.80 -40.60 -3.18
N ILE A 454 29.47 -39.88 -2.31
CA ILE A 454 30.67 -39.16 -2.71
C ILE A 454 31.78 -40.07 -3.29
N SER A 455 31.89 -41.29 -2.78
CA SER A 455 32.83 -42.21 -3.33
C SER A 455 32.50 -42.59 -4.83
N ASP A 456 31.21 -42.67 -5.20
CA ASP A 456 30.85 -42.89 -6.59
C ASP A 456 31.35 -41.80 -7.53
N PHE A 457 31.28 -40.55 -7.04
CA PHE A 457 31.90 -39.42 -7.76
C PHE A 457 33.39 -39.52 -7.81
N TYR A 458 33.98 -39.69 -6.62
CA TYR A 458 35.42 -39.71 -6.53
C TYR A 458 36.04 -40.82 -7.36
N ASN A 459 35.39 -42.00 -7.44
CA ASN A 459 36.00 -43.12 -8.15
C ASN A 459 35.87 -42.95 -9.65
N THR A 460 34.96 -42.10 -10.10
CA THR A 460 34.77 -41.91 -11.52
C THR A 460 36.01 -41.16 -12.01
N ILE A 461 36.51 -41.60 -13.14
CA ILE A 461 37.67 -41.02 -13.72
C ILE A 461 37.25 -39.72 -14.42
N GLY A 462 37.99 -38.65 -14.14
CA GLY A 462 37.79 -37.36 -14.79
C GLY A 462 37.95 -37.31 -16.32
N VAL A 463 37.19 -36.39 -16.96
CA VAL A 463 37.45 -35.89 -18.32
C VAL A 463 38.35 -34.66 -18.17
N HIS A 464 39.51 -34.69 -18.80
CA HIS A 464 40.49 -33.62 -18.64
C HIS A 464 40.82 -32.98 -20.00
N PRO A 465 40.88 -31.64 -20.09
CA PRO A 465 40.63 -30.62 -19.07
C PRO A 465 39.18 -30.14 -19.12
N THR A 466 38.46 -30.19 -18.01
CA THR A 466 37.10 -29.64 -17.94
C THR A 466 36.90 -29.03 -16.56
N SER A 467 35.85 -28.22 -16.37
CA SER A 467 35.55 -27.83 -15.00
C SER A 467 34.80 -28.96 -14.30
N ALA A 468 33.95 -29.68 -15.02
CA ALA A 468 33.15 -30.78 -14.47
C ALA A 468 33.95 -31.84 -13.70
N GLU A 469 35.16 -32.12 -14.18
CA GLU A 469 36.13 -33.03 -13.47
C GLU A 469 36.46 -32.70 -11.97
N GLU A 470 36.32 -31.45 -11.56
CA GLU A 470 36.44 -31.16 -10.11
C GLU A 470 35.46 -31.99 -9.31
N LEU A 471 34.31 -32.38 -9.89
CA LEU A 471 33.33 -33.08 -9.07
C LEU A 471 33.81 -34.51 -8.78
N CYS A 472 34.80 -34.93 -9.56
CA CYS A 472 35.33 -36.30 -9.52
C CYS A 472 36.75 -36.38 -8.89
N SER A 473 37.21 -35.27 -8.31
CA SER A 473 38.54 -35.13 -7.73
C SER A 473 38.48 -34.73 -6.25
N MET A 474 37.33 -34.85 -5.60
CA MET A 474 37.22 -34.38 -4.21
C MET A 474 36.95 -35.53 -3.29
N ARG A 475 37.82 -35.72 -2.31
CA ARG A 475 37.73 -36.93 -1.45
C ARG A 475 37.85 -36.54 0.03
N THR A 476 38.26 -35.31 0.28
CA THR A 476 38.34 -34.82 1.66
C THR A 476 37.43 -33.62 1.94
N PRO A 477 36.55 -33.73 2.94
CA PRO A 477 35.72 -32.56 3.23
C PRO A 477 36.52 -31.32 3.50
N SER A 478 36.11 -30.19 2.93
CA SER A 478 36.60 -28.89 3.39
C SER A 478 36.14 -28.53 4.81
N TYR A 479 34.93 -28.93 5.18
CA TYR A 479 34.40 -28.69 6.49
C TYR A 479 33.14 -29.54 6.75
N TYR A 480 32.51 -29.32 7.90
CA TYR A 480 31.43 -30.16 8.40
C TYR A 480 30.41 -29.33 9.12
N TYR A 481 29.20 -29.88 9.26
CA TYR A 481 28.25 -29.42 10.25
C TYR A 481 28.01 -30.63 11.18
N VAL A 482 28.16 -30.42 12.49
CA VAL A 482 27.88 -31.48 13.49
C VAL A 482 26.74 -30.99 14.35
N LYS A 483 25.65 -31.76 14.33
CA LYS A 483 24.38 -31.26 14.90
C LYS A 483 24.28 -29.72 14.70
N GLY A 484 24.34 -29.29 13.44
CA GLY A 484 24.10 -27.92 13.06
C GLY A 484 25.24 -26.97 13.19
N GLU A 485 26.36 -27.38 13.77
CA GLU A 485 27.45 -26.47 14.06
C GLU A 485 28.60 -26.62 13.05
N LYS A 486 28.97 -25.50 12.43
CA LYS A 486 29.94 -25.51 11.35
C LYS A 486 31.36 -25.55 11.91
N MET A 487 32.20 -26.44 11.39
CA MET A 487 33.58 -26.65 11.92
C MET A 487 34.47 -27.34 10.90
N GLU A 488 35.72 -26.87 10.81
CA GLU A 488 36.75 -27.43 9.93
C GLU A 488 37.02 -28.93 10.11
N LYS A 489 37.09 -29.42 11.35
CA LYS A 489 37.34 -30.86 11.62
C LYS A 489 36.23 -31.46 12.44
N LEU A 490 36.19 -32.79 12.46
CA LEU A 490 35.26 -33.56 13.28
C LEU A 490 35.80 -33.73 14.71
N PRO A 491 34.93 -33.57 15.73
CA PRO A 491 35.41 -33.86 17.10
C PRO A 491 35.72 -35.35 17.30
N LYS B 6 72.61 -42.99 -2.55
CA LYS B 6 71.26 -42.37 -2.69
C LYS B 6 70.24 -43.50 -2.68
N ALA B 7 69.69 -43.79 -1.50
CA ALA B 7 68.76 -44.93 -1.33
C ALA B 7 67.28 -44.45 -1.38
N PHE B 8 66.35 -45.31 -1.81
CA PHE B 8 64.99 -44.84 -2.06
C PHE B 8 63.99 -45.98 -2.00
N ASP B 9 62.78 -45.72 -1.50
CA ASP B 9 61.73 -46.72 -1.55
C ASP B 9 61.18 -46.87 -2.97
N LEU B 10 61.06 -45.69 -3.61
CA LEU B 10 60.48 -45.62 -4.94
C LEU B 10 61.26 -44.74 -5.86
N VAL B 11 61.58 -45.28 -7.03
CA VAL B 11 62.15 -44.41 -8.09
C VAL B 11 61.18 -44.52 -9.22
N VAL B 12 60.72 -43.33 -9.60
CA VAL B 12 59.75 -43.17 -10.67
C VAL B 12 60.49 -42.57 -11.84
N ILE B 13 60.45 -43.26 -12.98
CA ILE B 13 61.02 -42.65 -14.20
C ILE B 13 59.95 -42.00 -15.06
N GLY B 14 60.06 -40.70 -15.18
CA GLY B 14 59.04 -39.83 -15.79
C GLY B 14 58.23 -38.98 -14.79
N ALA B 15 58.44 -37.67 -14.76
CA ALA B 15 57.61 -36.77 -13.91
C ALA B 15 56.29 -36.32 -14.62
N GLY B 16 55.44 -37.28 -14.98
CA GLY B 16 54.26 -36.95 -15.77
C GLY B 16 53.03 -37.18 -14.96
N SER B 17 51.87 -37.25 -15.62
CA SER B 17 50.62 -37.51 -14.95
C SER B 17 50.63 -38.76 -14.02
N GLY B 18 51.09 -39.89 -14.54
CA GLY B 18 51.09 -41.10 -13.76
C GLY B 18 52.19 -41.03 -12.69
N GLY B 19 53.36 -40.50 -13.10
CA GLY B 19 54.55 -40.51 -12.27
C GLY B 19 54.38 -39.68 -11.01
N LEU B 20 53.79 -38.50 -11.16
CA LEU B 20 53.55 -37.55 -10.08
C LEU B 20 52.43 -37.97 -9.13
N GLU B 21 51.33 -38.47 -9.65
CA GLU B 21 50.38 -39.01 -8.72
C GLU B 21 51.00 -40.15 -7.83
N ALA B 22 51.75 -41.07 -8.43
CA ALA B 22 52.34 -42.16 -7.65
C ALA B 22 53.35 -41.66 -6.62
N GLY B 23 54.25 -40.80 -7.12
CA GLY B 23 55.28 -40.14 -6.34
C GLY B 23 54.70 -39.48 -5.11
N TRP B 24 53.82 -38.51 -5.34
CA TRP B 24 53.00 -37.84 -4.31
C TRP B 24 52.29 -38.81 -3.34
N ASN B 25 51.43 -39.68 -3.83
CA ASN B 25 50.73 -40.60 -2.93
C ASN B 25 51.66 -41.44 -2.01
N ALA B 26 52.60 -42.18 -2.63
CA ALA B 26 53.70 -42.83 -1.89
C ALA B 26 54.39 -41.93 -0.79
N ALA B 27 54.82 -40.73 -1.15
CA ALA B 27 55.53 -39.85 -0.23
C ALA B 27 54.58 -39.27 0.86
N THR B 28 53.53 -38.54 0.43
CA THR B 28 52.58 -37.86 1.33
C THR B 28 51.59 -38.75 2.06
N LEU B 29 51.07 -39.81 1.44
CA LEU B 29 50.15 -40.69 2.14
C LEU B 29 50.84 -41.80 2.93
N TYR B 30 51.98 -42.24 2.45
CA TYR B 30 52.56 -43.42 3.03
C TYR B 30 53.92 -43.17 3.70
N GLY B 31 54.41 -41.93 3.63
CA GLY B 31 55.65 -41.60 4.31
C GLY B 31 56.79 -42.46 3.80
N LYS B 32 56.64 -42.97 2.57
CA LYS B 32 57.74 -43.54 1.80
C LYS B 32 58.66 -42.45 1.26
N ARG B 33 59.84 -42.90 0.81
CA ARG B 33 60.93 -42.08 0.35
C ARG B 33 61.08 -42.27 -1.15
N VAL B 34 60.87 -41.18 -1.86
CA VAL B 34 60.59 -41.22 -3.29
C VAL B 34 61.60 -40.34 -4.09
N ALA B 35 62.04 -40.86 -5.24
CA ALA B 35 62.88 -40.12 -6.19
C ALA B 35 62.17 -40.11 -7.60
N VAL B 36 62.18 -38.98 -8.29
CA VAL B 36 61.44 -38.93 -9.56
C VAL B 36 62.34 -38.38 -10.65
N VAL B 37 62.49 -39.15 -11.73
CA VAL B 37 63.39 -38.65 -12.82
C VAL B 37 62.62 -38.11 -14.02
N ASP B 38 62.99 -36.91 -14.43
CA ASP B 38 62.55 -36.44 -15.74
C ASP B 38 63.69 -35.69 -16.45
N VAL B 39 63.64 -35.63 -17.78
CA VAL B 39 64.70 -35.08 -18.64
C VAL B 39 64.74 -33.57 -18.79
N GLN B 40 63.73 -32.86 -18.30
CA GLN B 40 63.69 -31.37 -18.52
C GLN B 40 62.81 -30.73 -17.44
N THR B 41 63.05 -29.47 -17.04
CA THR B 41 62.35 -28.96 -15.84
C THR B 41 61.17 -28.09 -16.24
N SER B 42 61.13 -27.73 -17.51
CA SER B 42 60.36 -26.63 -18.05
C SER B 42 60.05 -27.06 -19.52
N HIS B 43 58.95 -26.56 -20.12
CA HIS B 43 58.40 -27.12 -21.37
C HIS B 43 59.19 -26.70 -22.61
N GLY B 44 59.01 -27.43 -23.72
CA GLY B 44 59.43 -26.87 -25.01
C GLY B 44 60.71 -27.52 -25.54
N PRO B 45 61.18 -27.05 -26.69
CA PRO B 45 62.38 -27.64 -27.28
C PRO B 45 63.48 -27.53 -26.21
N PRO B 46 64.33 -28.57 -26.11
CA PRO B 46 64.37 -29.62 -27.16
C PRO B 46 63.69 -30.91 -26.84
N PHE B 47 63.36 -31.21 -25.59
CA PHE B 47 62.73 -32.51 -25.36
C PHE B 47 61.21 -32.45 -25.21
N TYR B 48 60.63 -31.24 -25.28
CA TYR B 48 59.17 -31.02 -25.31
C TYR B 48 58.41 -31.33 -24.02
N ALA B 49 58.11 -32.61 -23.75
CA ALA B 49 57.66 -33.03 -22.44
C ALA B 49 58.74 -32.69 -21.36
N ALA B 50 58.29 -32.42 -20.15
CA ALA B 50 59.20 -32.01 -19.03
C ALA B 50 58.49 -32.35 -17.78
N LEU B 51 59.00 -31.84 -16.67
CA LEU B 51 58.33 -31.94 -15.35
C LEU B 51 56.84 -31.59 -15.53
N GLY B 52 55.95 -32.51 -15.17
CA GLY B 52 54.50 -32.24 -15.32
C GLY B 52 53.94 -33.17 -16.39
N GLY B 53 54.85 -33.61 -17.30
CA GLY B 53 54.55 -34.59 -18.30
C GLY B 53 54.01 -33.99 -19.59
N THR B 54 53.44 -34.86 -20.42
CA THR B 54 53.04 -34.44 -21.77
C THR B 54 51.77 -33.59 -21.71
N CYS B 55 50.85 -33.95 -20.83
CA CYS B 55 49.59 -33.22 -20.73
C CYS B 55 49.88 -31.73 -20.41
N VAL B 56 50.61 -31.52 -19.32
CA VAL B 56 51.01 -30.14 -18.93
C VAL B 56 51.76 -29.39 -20.00
N ASN B 57 52.75 -30.05 -20.60
CA ASN B 57 53.67 -29.30 -21.43
C ASN B 57 53.31 -29.14 -22.91
N VAL B 58 52.82 -30.24 -23.52
CA VAL B 58 52.65 -30.37 -24.98
C VAL B 58 51.46 -31.32 -25.22
N GLY B 59 50.38 -31.09 -24.45
CA GLY B 59 49.21 -31.95 -24.44
C GLY B 59 47.95 -31.18 -24.03
N CYS B 60 47.17 -31.82 -23.19
CA CYS B 60 45.81 -31.39 -22.82
C CYS B 60 45.76 -29.93 -22.54
N VAL B 61 46.65 -29.46 -21.68
CA VAL B 61 46.60 -28.08 -21.21
C VAL B 61 46.78 -27.03 -22.28
N PRO B 62 47.94 -27.00 -22.93
CA PRO B 62 48.07 -25.98 -23.93
C PRO B 62 47.12 -26.22 -25.11
N LYS B 63 46.79 -27.46 -25.47
CA LYS B 63 45.89 -27.63 -26.59
C LYS B 63 44.48 -27.08 -26.27
N LYS B 64 44.00 -27.33 -25.06
CA LYS B 64 42.75 -26.76 -24.63
C LYS B 64 42.80 -25.24 -24.74
N LEU B 65 43.89 -24.61 -24.25
CA LEU B 65 43.97 -23.15 -24.36
C LEU B 65 43.88 -22.70 -25.80
N MET B 66 44.54 -23.45 -26.68
CA MET B 66 44.63 -23.00 -28.07
C MET B 66 43.31 -23.31 -28.80
N VAL B 67 42.61 -24.38 -28.41
CA VAL B 67 41.24 -24.62 -29.00
C VAL B 67 40.25 -23.51 -28.59
N THR B 68 40.35 -23.11 -27.34
CA THR B 68 39.52 -22.05 -26.80
C THR B 68 39.80 -20.82 -27.64
N GLY B 69 41.08 -20.57 -27.94
CA GLY B 69 41.45 -19.45 -28.81
C GLY B 69 40.77 -19.61 -30.16
N ALA B 70 40.87 -20.78 -30.75
CA ALA B 70 40.24 -21.00 -32.05
C ALA B 70 38.71 -20.81 -32.04
N GLN B 71 38.06 -21.10 -30.91
CA GLN B 71 36.59 -20.91 -30.87
C GLN B 71 36.14 -19.50 -31.14
N TYR B 72 37.01 -18.53 -30.84
CA TYR B 72 36.63 -17.14 -31.03
C TYR B 72 36.34 -16.86 -32.49
N MET B 73 36.91 -17.63 -33.39
CA MET B 73 36.64 -17.33 -34.79
C MET B 73 35.15 -17.55 -35.08
N ASP B 74 34.59 -18.62 -34.52
CA ASP B 74 33.12 -18.83 -34.56
C ASP B 74 32.39 -17.77 -33.77
N HIS B 75 32.84 -17.48 -32.54
CA HIS B 75 32.07 -16.54 -31.71
C HIS B 75 31.91 -15.21 -32.39
N LEU B 76 33.00 -14.76 -33.03
CA LEU B 76 33.00 -13.46 -33.68
C LEU B 76 31.96 -13.41 -34.77
N ARG B 77 31.94 -14.39 -35.68
CA ARG B 77 30.97 -14.45 -36.73
C ARG B 77 29.55 -14.66 -36.15
N GLU B 78 29.42 -15.54 -35.15
CA GLU B 78 28.11 -15.89 -34.61
C GLU B 78 27.44 -14.71 -33.87
N SER B 79 28.24 -13.79 -33.32
CA SER B 79 27.73 -12.70 -32.50
C SER B 79 26.79 -11.83 -33.33
N ALA B 80 26.96 -11.83 -34.65
CA ALA B 80 26.18 -10.95 -35.51
C ALA B 80 24.68 -11.34 -35.50
N GLY B 81 24.39 -12.64 -35.41
CA GLY B 81 23.01 -13.06 -35.36
C GLY B 81 22.28 -12.53 -34.13
N PHE B 82 22.99 -12.11 -33.06
CA PHE B 82 22.36 -11.68 -31.81
C PHE B 82 22.51 -10.14 -31.70
N GLY B 83 22.83 -9.50 -32.84
CA GLY B 83 22.79 -8.09 -32.94
C GLY B 83 24.13 -7.45 -32.80
N TRP B 84 25.21 -8.23 -32.57
CA TRP B 84 26.54 -7.62 -32.36
C TRP B 84 27.09 -7.16 -33.72
N GLU B 85 27.57 -5.90 -33.74
CA GLU B 85 27.96 -5.17 -34.98
C GLU B 85 29.36 -4.65 -34.78
N PHE B 86 30.23 -4.89 -35.76
CA PHE B 86 31.59 -4.38 -35.68
C PHE B 86 32.27 -4.56 -37.03
N ASP B 87 33.47 -3.96 -37.13
CA ASP B 87 34.19 -3.96 -38.40
C ASP B 87 34.91 -5.31 -38.62
N GLY B 88 34.25 -6.20 -39.34
CA GLY B 88 34.75 -7.55 -39.59
C GLY B 88 36.05 -7.55 -40.41
N SER B 89 36.16 -6.61 -41.36
CA SER B 89 37.40 -6.37 -42.09
C SER B 89 38.57 -6.05 -41.16
N SER B 90 38.33 -5.62 -39.92
CA SER B 90 39.48 -5.29 -39.06
C SER B 90 39.98 -6.49 -38.28
N VAL B 91 39.28 -7.63 -38.38
CA VAL B 91 39.57 -8.79 -37.51
C VAL B 91 40.89 -9.44 -37.94
N LYS B 92 41.78 -9.73 -37.00
CA LYS B 92 42.93 -10.53 -37.33
C LYS B 92 43.26 -11.48 -36.20
N ALA B 93 43.70 -12.71 -36.53
CA ALA B 93 44.12 -13.68 -35.51
C ALA B 93 45.64 -13.65 -35.23
N ASN B 94 46.01 -13.19 -34.04
CA ASN B 94 47.44 -13.12 -33.62
C ASN B 94 47.96 -14.37 -32.94
N TRP B 95 48.49 -15.26 -33.77
CA TRP B 95 49.07 -16.53 -33.30
C TRP B 95 50.26 -16.37 -32.35
N LYS B 96 51.14 -15.43 -32.67
CA LYS B 96 52.27 -15.17 -31.75
C LYS B 96 51.79 -14.80 -30.39
N LYS B 97 50.72 -14.02 -30.29
CA LYS B 97 50.20 -13.67 -28.94
C LYS B 97 49.60 -14.89 -28.19
N LEU B 98 48.87 -15.72 -28.94
CA LEU B 98 48.34 -16.98 -28.43
C LEU B 98 49.49 -17.83 -27.89
N ILE B 99 50.50 -18.02 -28.73
CA ILE B 99 51.60 -18.89 -28.33
C ILE B 99 52.27 -18.33 -27.11
N ALA B 100 52.52 -17.00 -27.08
CA ALA B 100 53.17 -16.39 -25.88
C ALA B 100 52.35 -16.57 -24.61
N ALA B 101 51.05 -16.31 -24.69
CA ALA B 101 50.18 -16.59 -23.56
C ALA B 101 50.18 -18.04 -23.14
N LYS B 102 50.11 -18.96 -24.12
CA LYS B 102 50.13 -20.38 -23.71
C LYS B 102 51.44 -20.66 -22.97
N ASN B 103 52.56 -20.19 -23.55
CA ASN B 103 53.92 -20.45 -22.96
C ASN B 103 54.05 -20.03 -21.48
N GLU B 104 53.52 -18.87 -21.18
CA GLU B 104 53.53 -18.38 -19.80
C GLU B 104 52.68 -19.23 -18.83
N ALA B 105 51.48 -19.62 -19.29
CA ALA B 105 50.60 -20.48 -18.46
C ALA B 105 51.28 -21.82 -18.16
N VAL B 106 51.88 -22.40 -19.22
CA VAL B 106 52.56 -23.65 -19.05
C VAL B 106 53.79 -23.46 -18.15
N LEU B 107 54.57 -22.40 -18.40
CA LEU B 107 55.80 -22.15 -17.55
C LEU B 107 55.39 -22.00 -16.04
N ASP B 108 54.32 -21.25 -15.78
CA ASP B 108 53.76 -21.14 -14.41
C ASP B 108 53.53 -22.49 -13.78
N ILE B 109 52.99 -23.45 -14.55
CA ILE B 109 52.73 -24.77 -13.98
C ILE B 109 54.03 -25.50 -13.65
N ASN B 110 54.96 -25.48 -14.62
CA ASN B 110 56.36 -25.95 -14.41
C ASN B 110 56.96 -25.47 -13.03
N LYS B 111 57.02 -24.16 -12.84
CA LYS B 111 57.55 -23.54 -11.56
C LYS B 111 56.82 -24.00 -10.30
N SER B 112 55.51 -24.10 -10.43
CA SER B 112 54.67 -24.50 -9.38
C SER B 112 54.94 -25.96 -8.99
N TYR B 113 55.13 -26.86 -9.94
CA TYR B 113 55.56 -28.27 -9.63
C TYR B 113 56.94 -28.42 -9.04
N GLU B 114 57.84 -27.53 -9.44
CA GLU B 114 59.16 -27.52 -8.89
C GLU B 114 59.10 -27.16 -7.36
N GLY B 115 58.51 -26.01 -7.04
CA GLY B 115 58.09 -25.65 -5.67
C GLY B 115 57.48 -26.84 -4.92
N MET B 116 56.52 -27.54 -5.53
CA MET B 116 55.93 -28.65 -4.75
C MET B 116 56.90 -29.73 -4.38
N PHE B 117 57.84 -30.05 -5.28
CA PHE B 117 58.99 -30.94 -4.94
C PHE B 117 59.81 -30.39 -3.74
N ASN B 118 60.22 -29.13 -3.86
CA ASN B 118 60.94 -28.40 -2.82
C ASN B 118 60.28 -28.51 -1.41
N ASP B 119 58.95 -28.42 -1.37
CA ASP B 119 58.21 -28.26 -0.16
C ASP B 119 57.70 -29.56 0.37
N THR B 120 57.95 -30.69 -0.30
CA THR B 120 57.36 -32.00 0.11
C THR B 120 58.40 -33.05 0.58
N GLU B 121 58.24 -33.56 1.80
CA GLU B 121 59.20 -34.52 2.34
C GLU B 121 59.10 -35.89 1.73
N GLY B 122 60.25 -36.56 1.61
CA GLY B 122 60.35 -37.87 0.94
C GLY B 122 60.06 -37.83 -0.58
N LEU B 123 60.33 -36.68 -1.24
CA LEU B 123 59.99 -36.51 -2.66
C LEU B 123 61.01 -35.64 -3.36
N ASP B 124 61.94 -36.33 -4.04
CA ASP B 124 63.03 -35.67 -4.74
C ASP B 124 62.99 -35.81 -6.29
N PHE B 125 63.29 -34.72 -6.96
CA PHE B 125 63.38 -34.69 -8.39
C PHE B 125 64.82 -34.79 -8.80
N PHE B 126 65.13 -35.71 -9.74
CA PHE B 126 66.44 -35.71 -10.43
C PHE B 126 66.27 -35.49 -11.95
N LEU B 127 67.00 -34.47 -12.43
CA LEU B 127 67.07 -34.08 -13.82
C LEU B 127 68.00 -34.95 -14.75
N GLY B 128 67.43 -35.60 -15.77
CA GLY B 128 68.21 -36.40 -16.78
C GLY B 128 67.57 -37.71 -17.18
N TRP B 129 68.36 -38.62 -17.73
CA TRP B 129 67.76 -39.72 -18.42
C TRP B 129 67.82 -41.00 -17.62
N GLY B 130 66.68 -41.54 -17.23
CA GLY B 130 66.65 -42.75 -16.44
C GLY B 130 66.66 -44.05 -17.25
N SER B 131 67.45 -45.03 -16.76
CA SER B 131 67.50 -46.38 -17.38
C SER B 131 67.65 -47.47 -16.28
N LEU B 132 67.24 -48.69 -16.59
CA LEU B 132 67.33 -49.75 -15.63
C LEU B 132 68.70 -50.42 -15.70
N GLU B 133 69.47 -50.30 -14.63
CA GLU B 133 70.76 -51.00 -14.49
C GLU B 133 70.60 -52.43 -14.02
N SER B 134 69.86 -52.65 -12.92
CA SER B 134 69.47 -54.02 -12.50
C SER B 134 68.18 -53.92 -11.72
N LYS B 135 67.69 -55.07 -11.23
CA LYS B 135 66.40 -55.17 -10.50
C LYS B 135 66.14 -53.99 -9.57
N ASN B 136 67.22 -53.45 -9.00
CA ASN B 136 67.09 -52.50 -7.93
C ASN B 136 67.95 -51.27 -8.07
N VAL B 137 68.44 -51.03 -9.29
CA VAL B 137 69.28 -49.84 -9.49
C VAL B 137 68.79 -49.16 -10.74
N VAL B 138 68.58 -47.85 -10.59
CA VAL B 138 68.13 -47.00 -11.69
C VAL B 138 69.21 -45.96 -11.87
N VAL B 139 69.82 -45.95 -13.05
CA VAL B 139 70.83 -44.95 -13.38
C VAL B 139 70.26 -43.81 -14.18
N VAL B 140 70.78 -42.62 -13.89
CA VAL B 140 70.38 -41.38 -14.53
C VAL B 140 71.59 -40.83 -15.25
N ARG B 141 71.59 -40.84 -16.58
CA ARG B 141 72.72 -40.33 -17.41
C ARG B 141 72.44 -38.92 -17.97
N GLU B 142 73.40 -38.39 -18.74
CA GLU B 142 73.30 -37.00 -19.25
C GLU B 142 72.49 -36.84 -20.53
N THR B 143 72.28 -37.93 -21.26
CA THR B 143 71.50 -37.86 -22.49
C THR B 143 70.89 -39.22 -22.72
N ALA B 144 69.98 -39.28 -23.71
CA ALA B 144 69.38 -40.55 -24.08
C ALA B 144 70.42 -41.62 -24.44
N ASP B 145 71.65 -41.19 -24.71
CA ASP B 145 72.73 -42.14 -25.02
C ASP B 145 73.09 -43.03 -23.81
N PRO B 146 72.86 -44.35 -23.92
CA PRO B 146 73.10 -45.25 -22.78
C PRO B 146 74.58 -45.36 -22.40
N LYS B 147 75.45 -44.59 -23.05
CA LYS B 147 76.84 -44.60 -22.66
C LYS B 147 77.34 -43.20 -22.31
N SER B 148 76.46 -42.21 -22.26
CA SER B 148 76.93 -40.87 -21.86
C SER B 148 77.09 -40.75 -20.31
N ALA B 149 77.56 -39.60 -19.84
CA ALA B 149 77.96 -39.41 -18.43
C ALA B 149 76.92 -39.83 -17.37
N VAL B 150 77.25 -40.80 -16.52
CA VAL B 150 76.44 -41.13 -15.33
C VAL B 150 76.35 -39.97 -14.32
N LYS B 151 75.15 -39.46 -14.02
CA LYS B 151 74.98 -38.37 -13.02
C LYS B 151 74.51 -38.85 -11.63
N GLU B 152 73.81 -39.97 -11.60
CA GLU B 152 73.29 -40.49 -10.33
C GLU B 152 72.99 -41.96 -10.50
N ARG B 153 73.09 -42.69 -9.40
CA ARG B 153 72.70 -44.09 -9.38
C ARG B 153 71.83 -44.27 -8.13
N LEU B 154 70.60 -44.72 -8.33
CA LEU B 154 69.62 -44.64 -7.30
C LEU B 154 69.25 -46.05 -6.92
N GLN B 155 69.45 -46.45 -5.68
CA GLN B 155 68.96 -47.81 -5.32
C GLN B 155 67.48 -47.78 -4.95
N ALA B 156 66.74 -48.79 -5.34
CA ALA B 156 65.34 -48.67 -5.24
C ALA B 156 64.70 -49.99 -4.88
N ASP B 157 63.80 -49.97 -3.90
CA ASP B 157 63.06 -51.20 -3.63
C ASP B 157 62.05 -51.49 -4.72
N HIS B 158 61.48 -50.39 -5.19
CA HIS B 158 60.48 -50.45 -6.23
C HIS B 158 60.83 -49.46 -7.32
N ILE B 159 60.64 -49.91 -8.57
CA ILE B 159 60.80 -49.01 -9.73
C ILE B 159 59.49 -48.90 -10.54
N LEU B 160 59.16 -47.64 -10.82
CA LEU B 160 57.98 -47.28 -11.62
C LEU B 160 58.35 -46.71 -12.98
N LEU B 161 57.90 -47.43 -14.01
CA LEU B 161 58.15 -47.03 -15.39
C LEU B 161 57.03 -46.07 -15.83
N ALA B 162 57.34 -44.82 -16.09
CA ALA B 162 56.26 -43.81 -16.37
C ALA B 162 56.69 -42.74 -17.35
N THR B 163 57.27 -43.18 -18.47
CA THR B 163 57.96 -42.28 -19.43
C THR B 163 57.02 -41.85 -20.57
N GLY B 164 55.81 -42.40 -20.57
CA GLY B 164 54.76 -41.94 -21.51
C GLY B 164 54.91 -42.45 -22.95
N SER B 165 54.58 -41.60 -23.91
CA SER B 165 54.48 -42.08 -25.29
C SER B 165 55.11 -41.01 -26.12
N TRP B 166 55.12 -41.14 -27.46
CA TRP B 166 55.94 -40.27 -28.35
C TRP B 166 55.28 -40.36 -29.77
N PRO B 167 55.29 -39.26 -30.57
CA PRO B 167 54.66 -39.32 -31.91
C PRO B 167 55.28 -40.41 -32.76
N GLN B 168 54.45 -41.27 -33.35
CA GLN B 168 54.88 -42.29 -34.28
C GLN B 168 55.11 -41.59 -35.66
N MET B 169 56.27 -41.72 -36.28
CA MET B 169 56.51 -41.05 -37.55
C MET B 169 56.66 -42.15 -38.60
N PRO B 170 55.80 -42.21 -39.64
CA PRO B 170 56.01 -43.33 -40.59
C PRO B 170 57.36 -43.21 -41.37
N ALA B 171 57.89 -44.35 -41.76
CA ALA B 171 59.21 -44.47 -42.44
C ALA B 171 58.98 -44.22 -43.92
N ILE B 172 58.62 -42.99 -44.31
CA ILE B 172 58.47 -42.64 -45.72
C ILE B 172 59.65 -41.71 -46.09
N PRO B 173 60.09 -41.71 -47.37
CA PRO B 173 61.09 -40.73 -47.79
C PRO B 173 60.64 -39.30 -47.50
N GLY B 174 61.54 -38.56 -46.86
CA GLY B 174 61.26 -37.17 -46.52
C GLY B 174 60.51 -36.96 -45.22
N ILE B 175 60.40 -37.99 -44.36
CA ILE B 175 59.67 -37.89 -43.10
C ILE B 175 60.29 -36.79 -42.20
N GLU B 176 61.60 -36.54 -42.38
CA GLU B 176 62.31 -35.54 -41.59
C GLU B 176 61.84 -34.07 -41.90
N HIS B 177 61.09 -33.88 -42.99
CA HIS B 177 60.48 -32.57 -43.31
C HIS B 177 59.05 -32.35 -42.75
N CYS B 178 58.60 -33.32 -41.96
CA CYS B 178 57.30 -33.22 -41.25
C CYS B 178 57.57 -32.90 -39.83
N ILE B 179 56.56 -32.36 -39.14
CA ILE B 179 56.62 -32.20 -37.72
C ILE B 179 55.59 -33.10 -37.07
N SER B 180 55.58 -33.09 -35.74
CA SER B 180 54.50 -33.66 -34.97
C SER B 180 53.82 -32.57 -34.15
N SER B 181 52.90 -33.03 -33.28
CA SER B 181 52.24 -32.11 -32.35
C SER B 181 53.24 -31.35 -31.45
N ASN B 182 54.35 -32.00 -31.05
CA ASN B 182 55.39 -31.29 -30.25
C ASN B 182 55.78 -29.98 -30.87
N GLU B 183 56.13 -30.00 -32.15
CA GLU B 183 56.58 -28.82 -32.86
C GLU B 183 55.49 -27.82 -33.18
N ALA B 184 54.28 -28.31 -33.42
CA ALA B 184 53.14 -27.47 -33.68
C ALA B 184 52.87 -26.39 -32.55
N PHE B 185 53.11 -26.81 -31.31
CA PHE B 185 53.04 -25.95 -30.14
C PHE B 185 54.00 -24.72 -30.20
N TYR B 186 54.98 -24.75 -31.09
CA TYR B 186 56.08 -23.73 -31.03
C TYR B 186 56.34 -23.07 -32.35
N LEU B 187 55.43 -23.29 -33.29
CA LEU B 187 55.60 -22.71 -34.62
C LEU B 187 55.68 -21.16 -34.51
N PRO B 188 56.78 -20.55 -35.04
CA PRO B 188 56.93 -19.08 -34.92
C PRO B 188 55.75 -18.43 -35.60
N GLU B 189 55.20 -19.05 -36.62
CA GLU B 189 53.98 -18.46 -37.08
C GLU B 189 52.88 -19.31 -37.63
N PRO B 190 51.66 -18.75 -37.77
CA PRO B 190 50.61 -19.73 -38.09
C PRO B 190 50.72 -20.14 -39.55
N PRO B 191 50.76 -21.43 -39.83
CA PRO B 191 50.95 -21.96 -41.17
C PRO B 191 49.79 -21.57 -42.07
N ARG B 192 50.08 -21.15 -43.27
CA ARG B 192 49.06 -20.64 -44.12
C ARG B 192 48.38 -21.81 -44.77
N ARG B 193 49.18 -22.77 -45.22
CA ARG B 193 48.62 -24.00 -45.78
C ARG B 193 49.18 -25.13 -44.91
N VAL B 194 48.36 -26.05 -44.43
CA VAL B 194 48.86 -27.09 -43.58
C VAL B 194 48.14 -28.40 -43.85
N LEU B 195 48.87 -29.53 -43.80
CA LEU B 195 48.27 -30.86 -43.87
C LEU B 195 48.47 -31.47 -42.48
N THR B 196 47.39 -31.87 -41.77
CA THR B 196 47.50 -32.72 -40.59
C THR B 196 47.20 -34.14 -41.07
N VAL B 197 48.06 -35.09 -40.72
CA VAL B 197 47.96 -36.48 -41.28
C VAL B 197 47.50 -37.34 -40.14
N GLY B 198 46.33 -37.96 -40.26
CA GLY B 198 45.82 -38.81 -39.20
C GLY B 198 44.31 -38.48 -38.96
N GLY B 199 43.54 -39.48 -38.54
CA GLY B 199 42.10 -39.28 -38.28
C GLY B 199 41.75 -39.29 -36.81
N GLY B 200 42.75 -39.27 -35.93
CA GLY B 200 42.46 -39.35 -34.50
C GLY B 200 42.32 -37.96 -33.90
N PHE B 201 42.26 -37.87 -32.56
CA PHE B 201 41.78 -36.65 -31.89
C PHE B 201 42.80 -35.51 -32.03
N ILE B 202 44.08 -35.84 -31.98
CA ILE B 202 45.13 -34.81 -32.10
C ILE B 202 45.15 -34.18 -33.50
N SER B 203 45.10 -35.00 -34.54
CA SER B 203 44.92 -34.47 -35.91
C SER B 203 43.72 -33.52 -36.05
N VAL B 204 42.56 -33.99 -35.63
CA VAL B 204 41.31 -33.23 -35.69
C VAL B 204 41.41 -31.93 -34.84
N GLU B 205 41.89 -32.03 -33.62
CA GLU B 205 41.96 -30.80 -32.78
C GLU B 205 42.88 -29.74 -33.39
N PHE B 206 44.06 -30.18 -33.85
CA PHE B 206 44.97 -29.25 -34.51
C PHE B 206 44.42 -28.70 -35.78
N ALA B 207 43.72 -29.56 -36.55
CA ALA B 207 43.08 -29.01 -37.75
C ALA B 207 42.15 -27.79 -37.39
N GLY B 208 41.31 -27.89 -36.36
CA GLY B 208 40.52 -26.72 -35.89
C GLY B 208 41.38 -25.50 -35.44
N ILE B 209 42.49 -25.77 -34.74
CA ILE B 209 43.39 -24.65 -34.26
C ILE B 209 43.93 -23.90 -35.44
N PHE B 210 44.54 -24.62 -36.39
CA PHE B 210 45.17 -23.96 -37.55
C PHE B 210 44.13 -23.26 -38.40
N ASN B 211 42.95 -23.89 -38.51
CA ASN B 211 41.88 -23.31 -39.32
C ASN B 211 41.42 -21.90 -38.80
N ALA B 212 41.41 -21.73 -37.47
CA ALA B 212 41.07 -20.39 -36.92
C ALA B 212 42.20 -19.34 -37.09
N TYR B 213 43.46 -19.79 -37.09
CA TYR B 213 44.53 -18.81 -36.98
C TYR B 213 45.27 -18.68 -38.31
N LYS B 214 44.81 -19.35 -39.35
CA LYS B 214 45.52 -19.32 -40.61
C LYS B 214 45.46 -17.90 -41.14
N PRO B 215 46.54 -17.42 -41.78
CA PRO B 215 46.43 -16.09 -42.41
C PRO B 215 45.49 -16.12 -43.57
N PRO B 216 45.17 -14.93 -44.11
CA PRO B 216 44.40 -14.71 -45.35
C PRO B 216 44.77 -15.65 -46.50
N GLY B 217 43.77 -16.19 -47.19
CA GLY B 217 43.94 -17.22 -48.21
C GLY B 217 44.57 -18.56 -47.81
N GLY B 218 44.66 -18.83 -46.49
CA GLY B 218 45.13 -20.12 -45.97
C GLY B 218 44.17 -21.30 -46.20
N LYS B 219 44.61 -22.54 -45.94
CA LYS B 219 43.74 -23.70 -46.14
C LYS B 219 44.27 -24.83 -45.26
N VAL B 220 43.43 -25.43 -44.41
CA VAL B 220 43.79 -26.62 -43.64
C VAL B 220 43.26 -27.89 -44.36
N THR B 221 44.15 -28.84 -44.67
CA THR B 221 43.71 -30.15 -45.16
C THR B 221 43.99 -31.20 -44.08
N LEU B 222 43.09 -32.15 -43.88
CA LEU B 222 43.35 -33.26 -42.97
C LEU B 222 43.20 -34.53 -43.80
N CYS B 223 44.22 -35.41 -43.78
CA CYS B 223 44.10 -36.61 -44.57
C CYS B 223 44.07 -37.81 -43.62
N TYR B 224 43.49 -38.90 -44.07
CA TYR B 224 43.40 -40.11 -43.25
C TYR B 224 43.37 -41.29 -44.17
N ARG B 225 44.07 -42.36 -43.84
CA ARG B 225 44.29 -43.46 -44.79
C ARG B 225 43.04 -44.28 -44.99
N ASN B 226 42.13 -44.30 -43.98
CA ASN B 226 40.87 -45.03 -44.14
C ASN B 226 39.68 -44.10 -44.50
N ASN B 227 38.45 -44.64 -44.41
CA ASN B 227 37.31 -44.00 -45.10
C ASN B 227 36.63 -42.93 -44.26
N LEU B 228 36.75 -43.01 -42.95
CA LEU B 228 36.05 -42.10 -42.07
C LEU B 228 36.91 -41.78 -40.80
N ILE B 229 37.04 -40.51 -40.46
CA ILE B 229 37.94 -40.10 -39.41
C ILE B 229 37.41 -40.59 -38.07
N LEU B 230 38.25 -40.54 -37.02
CA LEU B 230 37.80 -40.80 -35.67
C LEU B 230 37.28 -42.20 -35.33
N ARG B 231 38.08 -43.19 -35.75
CA ARG B 231 37.82 -44.57 -35.51
C ARG B 231 37.77 -44.76 -34.03
N GLY B 232 36.81 -45.55 -33.55
CA GLY B 232 36.66 -45.82 -32.13
C GLY B 232 35.60 -44.94 -31.49
N PHE B 233 35.15 -43.92 -32.20
CA PHE B 233 34.06 -43.03 -31.76
C PHE B 233 32.81 -43.42 -32.51
N ASP B 234 31.70 -43.02 -31.95
CA ASP B 234 30.39 -43.24 -32.49
C ASP B 234 30.26 -42.85 -33.97
N GLU B 235 29.65 -43.76 -34.76
CA GLU B 235 29.70 -43.55 -36.19
C GLU B 235 28.90 -42.36 -36.65
N THR B 236 27.72 -42.16 -36.08
CA THR B 236 26.94 -40.98 -36.46
C THR B 236 27.78 -39.73 -36.20
N ILE B 237 28.51 -39.73 -35.09
CA ILE B 237 29.30 -38.55 -34.69
C ILE B 237 30.48 -38.35 -35.58
N ARG B 238 31.15 -39.45 -35.93
CA ARG B 238 32.27 -39.42 -36.89
C ARG B 238 31.83 -38.74 -38.16
N GLU B 239 30.66 -39.12 -38.69
CA GLU B 239 30.17 -38.53 -39.96
C GLU B 239 29.80 -37.10 -39.76
N GLU B 240 29.18 -36.76 -38.61
CA GLU B 240 28.81 -35.34 -38.34
C GLU B 240 29.99 -34.43 -38.11
N VAL B 241 30.97 -34.86 -37.31
CA VAL B 241 32.16 -33.99 -37.17
C VAL B 241 32.81 -33.69 -38.52
N THR B 242 32.91 -34.69 -39.39
CA THR B 242 33.41 -34.53 -40.74
C THR B 242 32.62 -33.48 -41.51
N LYS B 243 31.30 -33.57 -41.45
CA LYS B 243 30.46 -32.60 -42.12
C LYS B 243 30.67 -31.14 -41.54
N GLN B 244 30.82 -31.04 -40.19
CA GLN B 244 30.94 -29.74 -39.54
C GLN B 244 32.34 -29.12 -39.65
N LEU B 245 33.39 -29.97 -39.68
CA LEU B 245 34.75 -29.45 -40.03
C LEU B 245 34.75 -28.90 -41.43
N THR B 246 34.15 -29.65 -42.37
CA THR B 246 34.09 -29.22 -43.77
C THR B 246 33.28 -27.91 -43.88
N ALA B 247 32.15 -27.83 -43.16
CA ALA B 247 31.39 -26.57 -43.21
C ALA B 247 32.22 -25.39 -42.73
N ASN B 248 33.19 -25.66 -41.86
CA ASN B 248 34.01 -24.56 -41.34
C ASN B 248 35.27 -24.39 -42.20
N GLY B 249 35.30 -24.95 -43.42
CA GLY B 249 36.40 -24.65 -44.33
C GLY B 249 37.63 -25.59 -44.29
N ILE B 250 37.57 -26.67 -43.49
CA ILE B 250 38.66 -27.66 -43.48
C ILE B 250 38.38 -28.74 -44.53
N GLU B 251 39.34 -29.07 -45.37
CA GLU B 251 39.14 -30.11 -46.35
C GLU B 251 39.55 -31.47 -45.79
N ILE B 252 38.64 -32.43 -45.80
CA ILE B 252 38.87 -33.76 -45.28
C ILE B 252 39.17 -34.73 -46.44
N MET B 253 40.42 -35.18 -46.54
CA MET B 253 40.88 -36.16 -47.52
C MET B 253 40.98 -37.56 -46.92
N THR B 254 39.93 -38.36 -47.08
CA THR B 254 39.90 -39.73 -46.65
C THR B 254 40.40 -40.72 -47.73
N ASN B 255 40.69 -41.96 -47.33
CA ASN B 255 41.45 -42.93 -48.16
C ASN B 255 42.73 -42.38 -48.83
N GLU B 256 43.46 -41.48 -48.14
CA GLU B 256 44.71 -40.94 -48.71
C GLU B 256 45.80 -41.09 -47.66
N ASN B 257 47.03 -41.32 -48.10
CA ASN B 257 48.15 -41.50 -47.18
C ASN B 257 49.42 -41.03 -47.87
N PRO B 258 50.13 -40.09 -47.22
CA PRO B 258 51.41 -39.65 -47.82
C PRO B 258 52.39 -40.80 -48.11
N ALA B 259 52.92 -40.79 -49.33
CA ALA B 259 53.96 -41.71 -49.77
C ALA B 259 55.38 -41.03 -49.65
N LYS B 260 55.47 -39.74 -49.97
CA LYS B 260 56.72 -39.03 -49.72
C LYS B 260 56.51 -37.53 -49.56
N VAL B 261 57.56 -36.88 -49.04
CA VAL B 261 57.54 -35.45 -48.84
C VAL B 261 58.88 -34.89 -49.33
N SER B 262 58.88 -33.77 -50.02
CA SER B 262 60.14 -33.17 -50.41
C SER B 262 60.08 -31.67 -50.11
N LEU B 263 61.27 -31.03 -50.04
CA LEU B 263 61.43 -29.61 -49.75
C LEU B 263 61.33 -28.82 -51.00
N ASN B 264 60.47 -27.78 -51.01
CA ASN B 264 60.36 -26.85 -52.14
C ASN B 264 61.37 -25.68 -51.86
N THR B 265 61.75 -24.94 -52.91
CA THR B 265 62.79 -23.89 -52.83
C THR B 265 62.40 -22.79 -51.88
N ASP B 266 61.10 -22.52 -51.77
CA ASP B 266 60.61 -21.50 -50.85
C ASP B 266 60.44 -21.99 -49.43
N GLY B 267 60.88 -23.21 -49.08
CA GLY B 267 60.75 -23.68 -47.71
C GLY B 267 59.53 -24.53 -47.46
N SER B 268 58.50 -24.43 -48.35
CA SER B 268 57.31 -25.29 -48.19
C SER B 268 57.61 -26.77 -48.48
N LYS B 269 56.58 -27.61 -48.40
CA LYS B 269 56.67 -29.06 -48.58
C LYS B 269 55.78 -29.55 -49.70
N HIS B 270 56.34 -30.44 -50.51
CA HIS B 270 55.65 -31.10 -51.60
C HIS B 270 55.28 -32.52 -51.16
N VAL B 271 53.99 -32.74 -50.97
CA VAL B 271 53.51 -34.09 -50.51
C VAL B 271 52.97 -34.87 -51.69
N THR B 272 53.39 -36.15 -51.79
CA THR B 272 52.88 -37.06 -52.75
C THR B 272 52.19 -38.13 -52.00
N PHE B 273 50.93 -38.41 -52.38
CA PHE B 273 50.13 -39.45 -51.72
C PHE B 273 50.33 -40.79 -52.42
N GLU B 274 50.00 -41.89 -51.73
CA GLU B 274 50.05 -43.22 -52.31
C GLU B 274 49.26 -43.28 -53.63
N SER B 275 48.30 -42.38 -53.78
CA SER B 275 47.37 -42.44 -54.88
C SER B 275 47.97 -41.69 -56.07
N GLY B 276 49.07 -40.94 -55.87
CA GLY B 276 49.67 -40.13 -56.93
C GLY B 276 49.26 -38.69 -56.83
N LYS B 277 48.19 -38.40 -56.11
CA LYS B 277 47.84 -37.01 -55.93
CA LYS B 277 47.81 -37.02 -55.85
C LYS B 277 48.98 -36.29 -55.15
N THR B 278 49.08 -34.98 -55.32
CA THR B 278 50.11 -34.23 -54.64
C THR B 278 49.55 -32.96 -53.98
N LEU B 279 50.31 -32.32 -53.13
CA LEU B 279 49.80 -31.10 -52.47
C LEU B 279 50.93 -30.34 -51.87
N ASP B 280 50.93 -29.01 -52.04
CA ASP B 280 52.00 -28.16 -51.50
C ASP B 280 51.49 -27.48 -50.25
N VAL B 281 52.21 -27.64 -49.15
CA VAL B 281 51.76 -27.00 -47.91
C VAL B 281 52.98 -26.40 -47.19
N ASP B 282 52.74 -25.56 -46.20
CA ASP B 282 53.84 -24.96 -45.47
C ASP B 282 54.33 -25.92 -44.36
N VAL B 283 53.41 -26.71 -43.83
CA VAL B 283 53.70 -27.59 -42.72
C VAL B 283 52.94 -28.91 -42.95
N VAL B 284 53.58 -30.03 -42.62
CA VAL B 284 52.90 -31.34 -42.64
C VAL B 284 53.04 -31.85 -41.19
N MET B 285 51.95 -31.95 -40.47
CA MET B 285 51.99 -32.45 -39.08
C MET B 285 51.47 -33.88 -39.05
N MET B 286 52.37 -34.79 -38.73
CA MET B 286 52.01 -36.17 -38.65
C MET B 286 51.37 -36.46 -37.30
N ALA B 287 50.14 -36.95 -37.25
CA ALA B 287 49.50 -37.31 -35.98
C ALA B 287 48.82 -38.65 -36.18
N ILE B 288 49.56 -39.64 -36.62
CA ILE B 288 49.03 -40.93 -36.96
C ILE B 288 49.01 -41.90 -35.80
N GLY B 289 49.47 -41.50 -34.62
CA GLY B 289 49.65 -42.47 -33.51
C GLY B 289 50.69 -41.99 -32.47
N ARG B 290 50.59 -42.47 -31.25
CA ARG B 290 51.66 -42.24 -30.29
C ARG B 290 52.10 -43.63 -29.84
N ILE B 291 53.39 -43.83 -29.67
CA ILE B 291 53.87 -45.13 -29.25
C ILE B 291 54.59 -45.09 -27.87
N PRO B 292 54.53 -46.20 -27.11
CA PRO B 292 55.14 -46.35 -25.79
C PRO B 292 56.57 -45.92 -25.91
N ARG B 293 56.97 -45.04 -25.03
CA ARG B 293 58.34 -44.58 -24.99
C ARG B 293 59.24 -45.54 -24.15
N THR B 294 59.63 -46.66 -24.77
CA THR B 294 60.41 -47.71 -24.13
C THR B 294 61.89 -47.78 -24.55
N ASN B 295 62.32 -47.03 -25.57
CA ASN B 295 63.68 -47.27 -26.11
C ASN B 295 64.86 -46.94 -25.20
N ASP B 296 64.84 -45.78 -24.54
CA ASP B 296 65.92 -45.35 -23.70
C ASP B 296 65.95 -46.01 -22.32
N LEU B 297 65.04 -46.92 -22.05
CA LEU B 297 64.94 -47.45 -20.70
C LEU B 297 65.87 -48.65 -20.34
N GLN B 298 66.42 -49.34 -21.36
CA GLN B 298 67.28 -50.53 -21.20
C GLN B 298 66.54 -51.69 -20.58
N LEU B 299 65.29 -51.86 -20.96
CA LEU B 299 64.51 -52.92 -20.36
C LEU B 299 65.19 -54.34 -20.50
N GLY B 300 66.12 -54.44 -21.46
CA GLY B 300 66.94 -55.62 -21.70
C GLY B 300 67.94 -55.91 -20.59
N ASN B 301 68.45 -54.89 -19.91
CA ASN B 301 69.26 -55.11 -18.69
C ASN B 301 68.57 -55.94 -17.63
N VAL B 302 67.25 -55.90 -17.59
CA VAL B 302 66.54 -56.55 -16.51
C VAL B 302 65.56 -57.54 -17.06
N GLY B 303 65.24 -57.44 -18.35
CA GLY B 303 64.34 -58.41 -18.99
C GLY B 303 62.85 -58.19 -18.71
N VAL B 304 62.44 -56.93 -18.63
CA VAL B 304 61.01 -56.57 -18.53
C VAL B 304 60.32 -56.88 -19.85
N LYS B 305 59.30 -57.74 -19.84
CA LYS B 305 58.58 -58.13 -21.05
C LYS B 305 57.74 -57.02 -21.74
N LEU B 306 57.94 -56.82 -23.05
CA LEU B 306 57.03 -55.97 -23.85
C LEU B 306 55.91 -56.81 -24.47
N THR B 307 54.83 -56.15 -24.88
CA THR B 307 53.83 -56.85 -25.67
C THR B 307 54.15 -56.70 -27.17
N PRO B 308 53.47 -57.50 -28.03
CA PRO B 308 53.60 -57.13 -29.46
C PRO B 308 52.96 -55.75 -29.55
N LYS B 309 53.60 -54.81 -30.24
CA LYS B 309 53.16 -53.36 -30.25
C LYS B 309 54.08 -52.52 -29.39
N GLY B 310 54.79 -53.16 -28.49
CA GLY B 310 55.87 -52.49 -27.75
C GLY B 310 55.52 -51.75 -26.47
N GLY B 311 54.32 -51.91 -25.95
CA GLY B 311 54.05 -51.40 -24.59
C GLY B 311 54.70 -52.32 -23.51
N VAL B 312 54.99 -51.80 -22.33
CA VAL B 312 55.42 -52.64 -21.21
C VAL B 312 54.24 -53.47 -20.73
N GLN B 313 54.42 -54.79 -20.74
CA GLN B 313 53.35 -55.71 -20.30
C GLN B 313 53.12 -55.55 -18.81
N VAL B 314 51.86 -55.51 -18.39
CA VAL B 314 51.53 -55.39 -16.97
C VAL B 314 50.34 -56.25 -16.65
N ASP B 315 50.20 -56.66 -15.40
CA ASP B 315 48.92 -57.24 -15.01
C ASP B 315 47.97 -56.11 -14.57
N GLU B 316 46.74 -56.51 -14.27
CA GLU B 316 45.70 -55.60 -13.77
C GLU B 316 46.19 -54.71 -12.64
N PHE B 317 47.24 -55.10 -11.92
CA PHE B 317 47.71 -54.27 -10.82
C PHE B 317 48.92 -53.42 -11.23
N SER B 318 49.25 -53.36 -12.53
CA SER B 318 50.42 -52.57 -13.03
C SER B 318 51.78 -53.18 -12.71
N ARG B 319 51.80 -54.47 -12.42
CA ARG B 319 53.04 -55.18 -12.16
C ARG B 319 53.61 -55.72 -13.47
N THR B 320 54.89 -55.45 -13.70
CA THR B 320 55.58 -56.17 -14.81
C THR B 320 55.88 -57.62 -14.36
N ASN B 321 56.48 -58.40 -15.26
CA ASN B 321 56.96 -59.78 -14.98
C ASN B 321 58.17 -59.81 -14.04
N VAL B 322 58.87 -58.68 -13.92
CA VAL B 322 59.99 -58.58 -12.98
C VAL B 322 59.48 -58.06 -11.66
N PRO B 323 59.59 -58.87 -10.57
CA PRO B 323 59.23 -58.44 -9.18
C PRO B 323 59.78 -57.02 -8.86
N ASN B 324 58.93 -56.16 -8.26
CA ASN B 324 59.26 -54.74 -7.83
C ASN B 324 59.46 -53.71 -8.96
N ILE B 325 59.24 -54.15 -10.20
CA ILE B 325 59.17 -53.22 -11.36
C ILE B 325 57.72 -53.07 -11.83
N TYR B 326 57.25 -51.83 -11.86
CA TYR B 326 55.87 -51.54 -12.25
C TYR B 326 55.88 -50.48 -13.39
N ALA B 327 54.86 -50.56 -14.23
CA ALA B 327 54.68 -49.54 -15.24
C ALA B 327 53.22 -49.06 -15.24
N ILE B 328 53.03 -47.77 -15.46
CA ILE B 328 51.67 -47.23 -15.68
C ILE B 328 51.67 -46.20 -16.77
N GLY B 329 50.46 -45.74 -17.19
CA GLY B 329 50.33 -44.54 -18.04
C GLY B 329 50.55 -44.96 -19.49
N ASP B 330 50.97 -44.04 -20.34
CA ASP B 330 51.00 -44.33 -21.77
C ASP B 330 51.96 -45.47 -22.18
N ILE B 331 52.97 -45.72 -21.34
CA ILE B 331 53.94 -46.76 -21.62
C ILE B 331 53.32 -48.12 -21.66
N THR B 332 52.18 -48.31 -21.01
CA THR B 332 51.52 -49.61 -21.06
C THR B 332 50.59 -49.77 -22.27
N ASP B 333 50.47 -48.73 -23.10
CA ASP B 333 49.63 -48.80 -24.30
C ASP B 333 48.18 -49.26 -24.06
N ARG B 334 47.55 -48.75 -23.01
CA ARG B 334 46.15 -49.09 -22.71
C ARG B 334 45.31 -47.90 -23.08
N LEU B 335 44.73 -47.22 -22.10
CA LEU B 335 44.10 -45.96 -22.42
C LEU B 335 45.07 -44.83 -22.26
N MET B 336 45.35 -44.09 -23.36
CA MET B 336 46.26 -42.95 -23.30
C MET B 336 45.55 -41.65 -22.95
N LEU B 337 45.21 -41.53 -21.66
CA LEU B 337 44.62 -40.31 -21.13
C LEU B 337 45.24 -39.97 -19.79
N THR B 338 45.40 -38.70 -19.56
CA THR B 338 45.95 -38.19 -18.31
C THR B 338 45.20 -38.72 -17.06
N PRO B 339 43.86 -38.60 -16.99
CA PRO B 339 43.28 -39.01 -15.71
C PRO B 339 43.31 -40.54 -15.51
N VAL B 340 43.53 -41.31 -16.57
CA VAL B 340 43.67 -42.74 -16.42
C VAL B 340 45.08 -43.00 -15.87
N ALA B 341 46.08 -42.29 -16.40
CA ALA B 341 47.47 -42.39 -15.88
C ALA B 341 47.53 -42.04 -14.36
N ILE B 342 46.97 -40.91 -13.96
CA ILE B 342 46.81 -40.54 -12.51
C ILE B 342 46.14 -41.62 -11.68
N ASN B 343 44.98 -42.14 -12.11
CA ASN B 343 44.26 -43.20 -11.39
C ASN B 343 45.15 -44.43 -11.20
N GLU B 344 45.88 -44.82 -12.26
CA GLU B 344 46.80 -46.00 -12.24
C GLU B 344 47.90 -45.87 -11.20
N GLY B 345 48.54 -44.70 -11.22
CA GLY B 345 49.55 -44.35 -10.24
C GLY B 345 49.03 -44.54 -8.83
N ALA B 346 47.84 -43.98 -8.56
CA ALA B 346 47.30 -44.02 -7.23
C ALA B 346 46.91 -45.44 -6.85
N ALA B 347 46.36 -46.20 -7.79
CA ALA B 347 45.94 -47.52 -7.46
C ALA B 347 47.18 -48.37 -7.17
N LEU B 348 48.27 -48.11 -7.91
CA LEU B 348 49.51 -48.86 -7.79
C LEU B 348 50.07 -48.74 -6.38
N VAL B 349 50.23 -47.49 -5.92
CA VAL B 349 50.81 -47.16 -4.62
C VAL B 349 49.97 -47.69 -3.44
N ASP B 350 48.65 -47.52 -3.50
CA ASP B 350 47.78 -48.10 -2.51
C ASP B 350 48.05 -49.63 -2.45
N THR B 351 48.28 -50.24 -3.61
CA THR B 351 48.47 -51.68 -3.66
C THR B 351 49.79 -52.02 -3.03
N VAL B 352 50.82 -51.31 -3.48
CA VAL B 352 52.17 -51.57 -3.09
C VAL B 352 52.35 -51.17 -1.64
N PHE B 353 52.42 -49.87 -1.35
CA PHE B 353 52.80 -49.39 -0.04
C PHE B 353 51.67 -49.16 0.93
N GLY B 354 50.50 -49.70 0.65
CA GLY B 354 49.35 -49.29 1.41
C GLY B 354 48.46 -50.41 1.82
N ASN B 355 48.77 -51.63 1.38
CA ASN B 355 48.03 -52.83 1.77
C ASN B 355 46.54 -52.92 1.31
N LYS B 356 46.15 -52.04 0.38
CA LYS B 356 44.83 -52.11 -0.25
C LYS B 356 44.89 -52.37 -1.78
N PRO B 357 45.31 -53.59 -2.17
CA PRO B 357 45.12 -54.02 -3.55
C PRO B 357 44.00 -53.22 -4.23
N ARG B 358 44.40 -52.33 -5.15
CA ARG B 358 43.48 -51.58 -6.02
C ARG B 358 43.96 -51.61 -7.46
N LYS B 359 43.04 -51.98 -8.34
CA LYS B 359 43.25 -51.90 -9.77
C LYS B 359 42.38 -50.80 -10.43
N THR B 360 42.93 -50.16 -11.46
CA THR B 360 42.24 -49.14 -12.24
C THR B 360 41.23 -49.83 -13.09
N ASP B 361 40.01 -49.30 -13.13
CA ASP B 361 38.96 -49.82 -14.04
C ASP B 361 39.14 -49.07 -15.35
N HIS B 362 39.42 -49.78 -16.45
CA HIS B 362 39.57 -49.14 -17.80
C HIS B 362 38.26 -49.17 -18.62
N THR B 363 37.16 -49.67 -18.04
CA THR B 363 35.91 -49.55 -18.75
C THR B 363 35.19 -48.24 -18.37
N ARG B 364 34.30 -47.81 -19.27
CA ARG B 364 33.42 -46.71 -18.99
C ARG B 364 34.19 -45.46 -18.55
N VAL B 365 35.36 -45.22 -19.14
CA VAL B 365 36.11 -43.98 -18.88
C VAL B 365 35.59 -42.88 -19.83
N ALA B 366 35.14 -41.77 -19.26
CA ALA B 366 34.66 -40.66 -20.09
C ALA B 366 35.82 -39.94 -20.72
N SER B 367 35.62 -39.46 -21.95
CA SER B 367 36.69 -38.68 -22.54
C SER B 367 36.10 -37.69 -23.56
N ALA B 368 36.96 -36.86 -24.18
CA ALA B 368 36.52 -35.79 -25.02
C ALA B 368 37.47 -35.63 -26.21
N VAL B 369 36.96 -35.04 -27.27
CA VAL B 369 37.72 -34.50 -28.41
C VAL B 369 37.35 -33.01 -28.45
N PHE B 370 38.35 -32.11 -28.38
CA PHE B 370 38.14 -30.66 -28.50
C PHE B 370 38.18 -30.21 -29.96
N SER B 371 37.46 -30.96 -30.76
CA SER B 371 37.06 -30.48 -32.05
C SER B 371 36.10 -29.30 -31.89
N ILE B 372 35.91 -28.57 -32.97
CA ILE B 372 34.95 -27.51 -32.97
C ILE B 372 33.85 -27.97 -33.92
N PRO B 373 32.67 -28.35 -33.40
CA PRO B 373 32.22 -28.47 -32.00
C PRO B 373 32.76 -29.75 -31.37
N PRO B 374 32.75 -29.82 -30.03
CA PRO B 374 33.49 -30.91 -29.39
C PRO B 374 32.66 -32.20 -29.23
N ILE B 375 33.35 -33.30 -28.92
CA ILE B 375 32.74 -34.60 -28.59
C ILE B 375 32.92 -34.88 -27.06
N GLY B 376 31.87 -35.44 -26.44
CA GLY B 376 32.04 -36.10 -25.13
C GLY B 376 31.51 -37.53 -25.22
N THR B 377 32.23 -38.48 -24.63
CA THR B 377 31.82 -39.85 -24.79
C THR B 377 32.13 -40.66 -23.53
N CYS B 378 31.28 -41.62 -23.22
CA CYS B 378 31.63 -42.52 -22.14
C CYS B 378 31.06 -43.86 -22.47
N GLY B 379 31.91 -44.90 -22.47
CA GLY B 379 31.34 -46.29 -22.60
C GLY B 379 31.32 -46.73 -24.04
N LEU B 380 30.39 -47.62 -24.39
CA LEU B 380 30.52 -48.44 -25.62
C LEU B 380 29.84 -47.87 -26.81
N ILE B 381 30.49 -47.90 -27.95
CA ILE B 381 29.78 -47.62 -29.20
C ILE B 381 28.88 -48.76 -29.61
N GLU B 382 27.81 -48.49 -30.35
CA GLU B 382 26.85 -49.53 -30.62
C GLU B 382 27.46 -50.83 -31.25
N GLU B 383 28.38 -50.72 -32.22
CA GLU B 383 28.96 -51.90 -32.88
C GLU B 383 29.83 -52.78 -32.00
N VAL B 384 30.46 -52.23 -30.96
CA VAL B 384 31.21 -53.00 -29.98
C VAL B 384 30.20 -53.65 -29.03
N ALA B 385 29.12 -52.91 -28.67
CA ALA B 385 28.03 -53.40 -27.80
C ALA B 385 27.39 -54.59 -28.45
N ALA B 386 27.11 -54.45 -29.74
CA ALA B 386 26.29 -55.44 -30.45
C ALA B 386 27.03 -56.81 -30.62
N LYS B 387 28.31 -56.91 -30.26
CA LYS B 387 29.07 -58.17 -30.31
C LYS B 387 29.15 -58.80 -28.94
N GLU B 388 28.65 -58.09 -27.93
CA GLU B 388 28.71 -58.60 -26.58
C GLU B 388 27.36 -58.80 -25.98
N PHE B 389 26.31 -58.32 -26.61
CA PHE B 389 24.98 -58.36 -26.04
C PHE B 389 24.05 -58.72 -27.15
N GLU B 390 23.07 -59.55 -26.84
CA GLU B 390 22.19 -60.10 -27.88
C GLU B 390 21.24 -59.06 -28.42
N LYS B 391 20.73 -58.22 -27.53
CA LYS B 391 19.83 -57.12 -27.98
C LYS B 391 20.32 -55.75 -27.44
N VAL B 392 20.60 -54.86 -28.40
CA VAL B 392 21.09 -53.49 -28.15
C VAL B 392 20.13 -52.51 -28.75
N ALA B 393 19.74 -51.52 -27.94
CA ALA B 393 18.87 -50.42 -28.35
C ALA B 393 19.69 -49.11 -28.42
N VAL B 394 19.34 -48.26 -29.38
CA VAL B 394 20.05 -47.02 -29.64
C VAL B 394 19.03 -45.93 -29.59
N TYR B 395 19.16 -45.03 -28.62
CA TYR B 395 18.29 -43.82 -28.53
C TYR B 395 19.07 -42.64 -29.11
N MET B 396 18.42 -41.82 -29.93
CA MET B 396 19.20 -40.83 -30.65
C MET B 396 18.38 -39.59 -30.85
N SER B 397 19.06 -38.47 -30.65
CA SER B 397 18.49 -37.16 -30.88
C SER B 397 19.53 -36.31 -31.56
N SER B 398 19.14 -35.73 -32.67
CA SER B 398 20.01 -34.92 -33.52
C SER B 398 19.22 -33.75 -34.07
N PHE B 399 19.78 -32.53 -33.95
CA PHE B 399 19.10 -31.32 -34.40
C PHE B 399 20.06 -30.13 -34.17
N THR B 400 19.93 -29.12 -34.99
CA THR B 400 20.55 -27.84 -34.71
C THR B 400 19.79 -27.14 -33.61
N PRO B 401 20.52 -26.77 -32.52
CA PRO B 401 19.87 -25.96 -31.49
C PRO B 401 19.46 -24.59 -32.03
N LEU B 402 18.37 -24.09 -31.49
CA LEU B 402 17.81 -22.80 -31.86
C LEU B 402 18.94 -21.71 -31.88
N MET B 403 19.76 -21.62 -30.84
CA MET B 403 20.85 -20.59 -30.84
C MET B 403 21.67 -20.61 -32.13
N HIS B 404 21.82 -21.80 -32.74
CA HIS B 404 22.52 -21.92 -34.01
C HIS B 404 21.76 -21.72 -35.27
N ASN B 405 20.44 -21.83 -35.25
CA ASN B 405 19.65 -21.13 -36.34
C ASN B 405 19.74 -19.61 -36.24
N ILE B 406 19.93 -19.07 -35.04
CA ILE B 406 20.05 -17.62 -34.98
C ILE B 406 21.45 -17.15 -35.31
N SER B 407 22.46 -17.89 -34.84
CA SER B 407 23.88 -17.50 -35.05
C SER B 407 24.29 -17.58 -36.51
N GLY B 408 23.56 -18.34 -37.30
CA GLY B 408 23.96 -18.56 -38.66
C GLY B 408 24.78 -19.82 -38.85
N SER B 409 25.30 -20.46 -37.80
CA SER B 409 26.02 -21.74 -37.97
C SER B 409 25.01 -22.93 -38.02
N LYS B 410 24.19 -23.00 -39.07
CA LYS B 410 23.08 -23.97 -39.10
C LYS B 410 23.59 -25.38 -39.23
N TYR B 411 24.79 -25.56 -39.79
CA TYR B 411 25.43 -26.89 -39.80
C TYR B 411 25.74 -27.53 -38.42
N LYS B 412 25.69 -26.78 -37.32
CA LYS B 412 26.03 -27.28 -35.99
C LYS B 412 24.93 -28.09 -35.35
N LYS B 413 24.73 -29.26 -35.91
CA LYS B 413 23.85 -30.28 -35.25
C LYS B 413 24.38 -30.84 -33.94
N PHE B 414 23.58 -30.74 -32.90
CA PHE B 414 23.85 -31.40 -31.63
C PHE B 414 23.48 -32.91 -31.82
N VAL B 415 24.37 -33.85 -31.45
CA VAL B 415 23.97 -35.29 -31.49
C VAL B 415 24.08 -35.83 -30.06
N ALA B 416 23.01 -36.44 -29.58
CA ALA B 416 23.03 -37.24 -28.34
C ALA B 416 22.57 -38.67 -28.63
N LYS B 417 23.38 -39.66 -28.21
CA LYS B 417 23.04 -41.09 -28.41
C LYS B 417 23.25 -41.88 -27.14
N ILE B 418 22.27 -42.68 -26.74
CA ILE B 418 22.45 -43.53 -25.57
C ILE B 418 22.37 -45.03 -26.06
N VAL B 419 23.30 -45.86 -25.68
CA VAL B 419 23.32 -47.22 -26.21
C VAL B 419 23.05 -48.07 -24.98
N THR B 420 22.04 -48.94 -25.07
CA THR B 420 21.71 -49.76 -23.91
C THR B 420 21.77 -51.29 -24.25
N ASN B 421 21.85 -52.09 -23.20
CA ASN B 421 21.52 -53.50 -23.25
C ASN B 421 20.02 -53.55 -23.18
N HIS B 422 19.39 -53.80 -24.30
CA HIS B 422 17.95 -53.74 -24.34
C HIS B 422 17.28 -54.80 -23.47
N SER B 423 17.98 -55.87 -23.14
CA SER B 423 17.41 -56.88 -22.25
C SER B 423 17.02 -56.37 -20.88
N ASP B 424 17.79 -55.45 -20.28
CA ASP B 424 17.41 -54.93 -18.95
C ASP B 424 17.46 -53.40 -18.89
N GLY B 425 17.71 -52.75 -20.01
CA GLY B 425 17.77 -51.30 -20.04
C GLY B 425 19.07 -50.66 -19.55
N THR B 426 20.11 -51.44 -19.24
CA THR B 426 21.37 -50.91 -18.77
C THR B 426 22.06 -50.01 -19.76
N VAL B 427 22.41 -48.80 -19.34
CA VAL B 427 23.16 -47.90 -20.24
C VAL B 427 24.55 -48.40 -20.39
N LEU B 428 24.91 -48.72 -21.64
CA LEU B 428 26.27 -49.22 -22.00
C LEU B 428 27.20 -48.11 -22.48
N GLY B 429 26.62 -47.09 -23.10
CA GLY B 429 27.43 -46.03 -23.69
C GLY B 429 26.58 -44.79 -23.93
N VAL B 430 27.23 -43.62 -23.80
CA VAL B 430 26.57 -42.30 -24.14
C VAL B 430 27.55 -41.48 -24.99
N HIS B 431 27.10 -40.95 -26.11
CA HIS B 431 28.00 -40.26 -27.05
C HIS B 431 27.35 -38.92 -27.43
N LEU B 432 28.11 -37.81 -27.35
CA LEU B 432 27.60 -36.46 -27.55
C LEU B 432 28.50 -35.70 -28.53
N LEU B 433 27.89 -34.92 -29.40
CA LEU B 433 28.59 -33.93 -30.24
C LEU B 433 27.80 -32.60 -30.17
N GLY B 434 28.49 -31.53 -29.79
CA GLY B 434 27.95 -30.20 -29.74
C GLY B 434 28.55 -29.36 -28.58
N ASP B 435 28.26 -28.06 -28.52
CA ASP B 435 28.91 -27.19 -27.54
C ASP B 435 28.63 -27.80 -26.15
N GLY B 436 29.63 -27.87 -25.25
CA GLY B 436 29.31 -28.34 -23.90
C GLY B 436 29.48 -29.83 -23.74
N ALA B 437 29.60 -30.59 -24.83
CA ALA B 437 29.64 -32.09 -24.72
C ALA B 437 30.69 -32.64 -23.70
N PRO B 438 31.94 -32.09 -23.68
CA PRO B 438 32.90 -32.62 -22.70
C PRO B 438 32.49 -32.38 -21.23
N GLU B 439 31.76 -31.28 -20.98
CA GLU B 439 31.24 -30.88 -19.66
C GLU B 439 30.01 -31.73 -19.32
N ILE B 440 29.15 -31.92 -20.30
CA ILE B 440 27.95 -32.72 -20.06
C ILE B 440 28.30 -34.14 -19.65
N ILE B 441 29.33 -34.73 -20.32
CA ILE B 441 29.63 -36.16 -20.15
C ILE B 441 30.24 -36.52 -18.81
N GLN B 442 30.83 -35.60 -18.05
CA GLN B 442 31.58 -36.06 -16.86
C GLN B 442 30.67 -36.85 -15.90
N ALA B 443 29.52 -36.29 -15.55
CA ALA B 443 28.62 -36.94 -14.61
C ALA B 443 27.92 -38.15 -15.20
N VAL B 444 27.85 -38.23 -16.53
CA VAL B 444 27.42 -39.45 -17.17
C VAL B 444 28.38 -40.63 -16.79
N GLY B 445 29.69 -40.39 -16.74
CA GLY B 445 30.61 -41.37 -16.20
C GLY B 445 30.25 -41.88 -14.82
N VAL B 446 29.84 -40.99 -13.92
CA VAL B 446 29.35 -41.37 -12.60
C VAL B 446 28.04 -42.23 -12.76
N CYS B 447 27.10 -41.81 -13.60
CA CYS B 447 25.91 -42.62 -13.86
C CYS B 447 26.20 -44.09 -14.17
N LEU B 448 27.20 -44.31 -15.01
CA LEU B 448 27.50 -45.66 -15.49
C LEU B 448 28.12 -46.56 -14.37
N ARG B 449 28.70 -45.94 -13.35
CA ARG B 449 29.20 -46.63 -12.15
CA ARG B 449 29.19 -46.66 -12.16
C ARG B 449 28.07 -46.84 -11.10
N LEU B 450 26.85 -46.49 -11.45
CA LEU B 450 25.72 -46.65 -10.55
C LEU B 450 24.72 -47.53 -11.24
N ASN B 451 25.19 -48.23 -12.29
CA ASN B 451 24.33 -49.03 -13.16
C ASN B 451 22.96 -48.41 -13.55
N ALA B 452 23.04 -47.19 -14.08
CA ALA B 452 21.89 -46.48 -14.59
C ALA B 452 21.32 -47.22 -15.80
N LYS B 453 20.00 -47.22 -15.86
CA LYS B 453 19.24 -47.72 -16.97
C LYS B 453 18.72 -46.53 -17.70
N ILE B 454 18.33 -46.70 -18.98
CA ILE B 454 17.64 -45.65 -19.74
C ILE B 454 16.45 -45.04 -18.96
N SER B 455 15.75 -45.85 -18.17
CA SER B 455 14.55 -45.32 -17.49
C SER B 455 14.98 -44.40 -16.38
N ASP B 456 16.18 -44.59 -15.81
CA ASP B 456 16.70 -43.67 -14.76
C ASP B 456 17.05 -42.28 -15.37
N PHE B 457 17.54 -42.28 -16.59
CA PHE B 457 17.80 -41.06 -17.33
C PHE B 457 16.49 -40.33 -17.56
N TYR B 458 15.51 -41.08 -18.08
CA TYR B 458 14.29 -40.54 -18.59
C TYR B 458 13.37 -40.08 -17.47
N ASN B 459 13.42 -40.73 -16.31
CA ASN B 459 12.62 -40.31 -15.19
C ASN B 459 13.27 -39.17 -14.39
N THR B 460 14.49 -38.80 -14.73
CA THR B 460 15.10 -37.64 -14.06
C THR B 460 14.54 -36.35 -14.70
N ILE B 461 14.29 -35.34 -13.86
CA ILE B 461 13.76 -34.06 -14.33
C ILE B 461 14.85 -33.23 -15.04
N GLY B 462 14.54 -32.77 -16.25
CA GLY B 462 15.49 -32.04 -17.11
C GLY B 462 15.78 -30.65 -16.52
N VAL B 463 16.92 -30.05 -16.89
CA VAL B 463 17.22 -28.65 -16.57
C VAL B 463 17.01 -27.98 -17.89
N HIS B 464 16.14 -26.95 -17.94
CA HIS B 464 15.71 -26.38 -19.22
C HIS B 464 15.99 -24.83 -19.20
N PRO B 465 16.52 -24.24 -20.33
CA PRO B 465 16.92 -24.99 -21.53
C PRO B 465 18.43 -25.32 -21.58
N THR B 466 18.75 -26.61 -21.82
CA THR B 466 20.16 -27.00 -21.99
C THR B 466 20.23 -28.01 -23.15
N SER B 467 21.39 -28.25 -23.70
CA SER B 467 21.55 -29.43 -24.57
C SER B 467 21.48 -30.74 -23.73
N ALA B 468 22.13 -30.75 -22.55
CA ALA B 468 22.15 -31.93 -21.61
C ALA B 468 20.77 -32.61 -21.40
N GLU B 469 19.70 -31.82 -21.25
CA GLU B 469 18.37 -32.36 -20.98
C GLU B 469 17.89 -33.33 -22.05
N GLU B 470 18.40 -33.23 -23.29
CA GLU B 470 18.12 -34.23 -24.30
C GLU B 470 18.33 -35.66 -23.78
N LEU B 471 19.31 -35.86 -22.86
CA LEU B 471 19.66 -37.19 -22.34
C LEU B 471 18.53 -37.76 -21.44
N CYS B 472 17.70 -36.85 -20.88
CA CYS B 472 16.60 -37.15 -20.03
C CYS B 472 15.25 -37.09 -20.67
N SER B 473 15.23 -37.02 -22.00
CA SER B 473 14.00 -37.05 -22.76
C SER B 473 13.86 -38.15 -23.77
N MET B 474 14.68 -39.19 -23.70
CA MET B 474 14.57 -40.25 -24.71
C MET B 474 14.02 -41.52 -24.04
N ARG B 475 12.93 -42.00 -24.63
CA ARG B 475 12.04 -43.03 -24.10
C ARG B 475 11.99 -44.22 -25.06
N THR B 476 12.18 -43.94 -26.36
CA THR B 476 11.92 -44.88 -27.45
C THR B 476 13.13 -45.06 -28.35
N PRO B 477 13.67 -46.30 -28.47
CA PRO B 477 14.83 -46.54 -29.31
C PRO B 477 14.56 -46.05 -30.72
N SER B 478 15.59 -45.56 -31.39
CA SER B 478 15.50 -45.18 -32.77
C SER B 478 15.61 -46.45 -33.63
N TYR B 479 16.39 -47.41 -33.19
CA TYR B 479 16.63 -48.66 -33.91
C TYR B 479 17.32 -49.63 -32.95
N TYR B 480 17.75 -50.80 -33.47
CA TYR B 480 18.36 -51.91 -32.68
C TYR B 480 19.41 -52.71 -33.39
N TYR B 481 20.14 -53.46 -32.59
CA TYR B 481 20.96 -54.56 -33.07
C TYR B 481 20.51 -55.83 -32.33
N VAL B 482 20.06 -56.82 -33.13
CA VAL B 482 19.80 -58.17 -32.63
C VAL B 482 20.84 -59.17 -33.14
N LYS B 483 21.54 -59.82 -32.21
CA LYS B 483 22.62 -60.77 -32.56
C LYS B 483 23.60 -60.09 -33.55
N GLY B 484 23.81 -58.78 -33.39
CA GLY B 484 24.78 -58.09 -34.19
C GLY B 484 24.27 -57.55 -35.51
N GLU B 485 22.99 -57.71 -35.83
CA GLU B 485 22.49 -57.06 -37.05
C GLU B 485 21.57 -55.88 -36.76
N LYS B 486 21.80 -54.83 -37.55
CA LYS B 486 21.09 -53.58 -37.38
C LYS B 486 19.76 -53.67 -38.02
N MET B 487 18.73 -53.30 -37.27
CA MET B 487 17.35 -53.26 -37.77
C MET B 487 16.51 -52.24 -37.03
N GLU B 488 15.49 -51.73 -37.69
CA GLU B 488 14.75 -50.65 -37.16
C GLU B 488 13.78 -51.08 -36.07
N LYS B 489 13.21 -52.26 -36.25
CA LYS B 489 12.20 -52.76 -35.34
C LYS B 489 12.62 -54.08 -34.76
N LEU B 490 12.09 -54.35 -33.58
CA LEU B 490 12.54 -55.50 -32.84
C LEU B 490 12.03 -56.79 -33.50
N PRO B 491 12.71 -57.91 -33.19
CA PRO B 491 12.19 -59.26 -33.44
C PRO B 491 11.90 -59.94 -32.10
N LYS C 6 12.12 8.50 37.21
CA LYS C 6 11.38 7.65 38.20
C LYS C 6 10.42 6.66 37.57
N ALA C 7 9.60 6.09 38.45
CA ALA C 7 8.51 5.16 38.13
C ALA C 7 7.21 5.89 38.46
N PHE C 8 6.07 5.37 37.99
CA PHE C 8 4.77 6.07 38.00
C PHE C 8 3.59 5.10 37.86
N ASP C 9 2.45 5.51 38.39
CA ASP C 9 1.24 4.72 38.25
C ASP C 9 0.81 4.77 36.79
N LEU C 10 0.90 5.98 36.23
CA LEU C 10 0.46 6.25 34.86
C LEU C 10 1.51 7.03 34.14
N VAL C 11 1.92 6.49 32.99
CA VAL C 11 2.60 7.31 31.96
C VAL C 11 1.70 7.46 30.72
N VAL C 12 1.46 8.73 30.37
CA VAL C 12 0.58 9.10 29.26
C VAL C 12 1.46 9.61 28.10
N ILE C 13 1.33 8.95 26.95
CA ILE C 13 2.00 9.45 25.75
C ILE C 13 1.04 10.37 24.93
N GLY C 14 1.37 11.67 24.92
CA GLY C 14 0.51 12.75 24.34
C GLY C 14 -0.35 13.54 25.35
N ALA C 15 0.00 14.80 25.56
CA ALA C 15 -0.72 15.77 26.38
C ALA C 15 -1.95 16.40 25.70
N GLY C 16 -2.85 15.54 25.24
CA GLY C 16 -3.95 15.98 24.40
C GLY C 16 -5.27 15.95 25.12
N SER C 17 -6.34 15.98 24.33
CA SER C 17 -7.66 15.96 24.88
C SER C 17 -7.82 14.75 25.82
N GLY C 18 -7.47 13.55 25.34
CA GLY C 18 -7.72 12.31 26.08
C GLY C 18 -6.69 12.15 27.19
N GLY C 19 -5.45 12.46 26.85
CA GLY C 19 -4.34 12.33 27.74
C GLY C 19 -4.35 13.26 28.95
N LEU C 20 -4.59 14.56 28.73
CA LEU C 20 -4.61 15.52 29.83
C LEU C 20 -5.75 15.24 30.73
N GLU C 21 -6.85 14.74 30.18
CA GLU C 21 -8.00 14.44 30.99
C GLU C 21 -7.70 13.22 31.89
N ALA C 22 -7.24 12.12 31.27
CA ALA C 22 -6.84 10.91 31.99
C ALA C 22 -5.78 11.18 33.04
N GLY C 23 -4.75 11.91 32.67
CA GLY C 23 -3.66 12.22 33.60
C GLY C 23 -4.00 13.25 34.69
N TRP C 24 -5.22 13.76 34.71
CA TRP C 24 -5.58 14.80 35.71
C TRP C 24 -6.51 14.16 36.70
N ASN C 25 -7.46 13.38 36.19
CA ASN C 25 -8.28 12.51 37.02
C ASN C 25 -7.43 11.57 37.90
N ALA C 26 -6.47 10.85 37.28
CA ALA C 26 -5.51 10.00 38.01
C ALA C 26 -4.77 10.69 39.18
N ALA C 27 -4.26 11.91 38.96
CA ALA C 27 -3.54 12.68 40.00
C ALA C 27 -4.45 13.45 41.01
N THR C 28 -5.65 13.84 40.60
CA THR C 28 -6.47 14.66 41.47
C THR C 28 -7.61 13.87 42.06
N LEU C 29 -8.06 12.82 41.40
CA LEU C 29 -9.15 12.09 41.99
C LEU C 29 -8.63 10.86 42.75
N TYR C 30 -7.40 10.43 42.46
CA TYR C 30 -6.88 9.17 43.01
C TYR C 30 -5.42 9.25 43.49
N GLY C 31 -4.94 10.46 43.80
CA GLY C 31 -3.55 10.76 44.14
C GLY C 31 -2.41 9.93 43.52
N LYS C 32 -2.58 9.51 42.26
CA LYS C 32 -1.60 8.64 41.59
C LYS C 32 -0.42 9.46 41.10
N ARG C 33 0.72 8.78 40.89
CA ARG C 33 1.96 9.40 40.36
C ARG C 33 1.84 9.40 38.81
N VAL C 34 1.87 10.59 38.19
CA VAL C 34 1.55 10.68 36.75
C VAL C 34 2.60 11.39 35.92
N ALA C 35 2.97 10.72 34.82
CA ALA C 35 3.86 11.34 33.81
C ALA C 35 3.11 11.46 32.49
N VAL C 36 3.27 12.63 31.84
CA VAL C 36 2.60 12.94 30.55
C VAL C 36 3.68 13.51 29.64
N VAL C 37 3.85 12.89 28.48
CA VAL C 37 4.90 13.28 27.52
C VAL C 37 4.25 14.00 26.34
N ASP C 38 4.74 15.19 26.00
CA ASP C 38 4.43 15.73 24.67
C ASP C 38 5.71 16.30 24.03
N VAL C 39 5.65 16.58 22.72
CA VAL C 39 6.79 16.96 21.89
C VAL C 39 7.06 18.45 21.87
N GLN C 40 6.11 19.24 22.36
CA GLN C 40 6.26 20.69 22.32
C GLN C 40 5.41 21.29 23.45
N THR C 41 5.82 22.43 24.01
CA THR C 41 5.02 22.98 25.12
C THR C 41 4.02 24.10 24.68
N SER C 42 4.18 24.61 23.45
CA SER C 42 3.22 25.56 22.91
C SER C 42 3.07 25.38 21.41
N HIS C 43 2.01 25.97 20.87
CA HIS C 43 1.55 25.71 19.54
C HIS C 43 2.53 26.08 18.44
N GLY C 44 2.43 25.38 17.31
CA GLY C 44 2.90 25.89 16.02
C GLY C 44 4.08 25.09 15.55
N PRO C 45 4.69 25.52 14.43
CA PRO C 45 5.83 24.80 13.85
C PRO C 45 6.98 24.73 14.88
N PRO C 46 7.74 23.61 14.89
CA PRO C 46 7.73 22.57 13.86
C PRO C 46 6.69 21.49 14.03
N PHE C 47 6.21 21.23 15.24
CA PHE C 47 5.35 20.04 15.45
C PHE C 47 3.83 20.32 15.57
N TYR C 48 3.46 21.62 15.56
CA TYR C 48 2.02 22.05 15.47
C TYR C 48 1.18 21.73 16.72
N ALA C 49 0.79 20.48 16.89
CA ALA C 49 0.21 20.06 18.17
C ALA C 49 1.30 20.14 19.25
N ALA C 50 0.88 20.16 20.52
CA ALA C 50 1.75 20.49 21.64
C ALA C 50 0.94 20.22 22.91
N LEU C 51 1.46 20.63 24.07
CA LEU C 51 0.72 20.60 25.31
C LEU C 51 -0.68 21.25 25.05
N GLY C 52 -1.73 20.47 25.34
CA GLY C 52 -3.14 20.83 25.08
C GLY C 52 -3.79 19.93 24.02
N GLY C 53 -2.97 19.40 23.11
CA GLY C 53 -3.43 18.51 22.07
C GLY C 53 -3.72 19.26 20.78
N THR C 54 -4.27 18.54 19.84
CA THR C 54 -4.60 19.06 18.53
C THR C 54 -5.71 20.16 18.57
N CYS C 55 -6.74 19.88 19.38
CA CYS C 55 -7.92 20.73 19.48
C CYS C 55 -7.51 22.12 19.95
N VAL C 56 -6.68 22.14 20.97
CA VAL C 56 -6.24 23.39 21.56
C VAL C 56 -5.31 24.17 20.61
N ASN C 57 -4.40 23.46 19.92
CA ASN C 57 -3.31 24.18 19.27
C ASN C 57 -3.55 24.41 17.80
N VAL C 58 -4.22 23.45 17.17
CA VAL C 58 -4.35 23.45 15.69
C VAL C 58 -5.65 22.69 15.32
N GLY C 59 -6.72 22.98 16.08
CA GLY C 59 -7.97 22.31 15.82
C GLY C 59 -9.13 23.14 16.31
N CYS C 60 -10.06 22.51 17.03
CA CYS C 60 -11.38 23.15 17.39
C CYS C 60 -11.19 24.59 17.87
N VAL C 61 -10.23 24.82 18.78
CA VAL C 61 -10.19 26.12 19.46
C VAL C 61 -9.80 27.24 18.48
N PRO C 62 -8.60 27.17 17.84
CA PRO C 62 -8.24 28.22 16.87
C PRO C 62 -9.20 28.28 15.67
N LYS C 63 -9.68 27.12 15.18
CA LYS C 63 -10.52 27.20 13.99
C LYS C 63 -11.82 27.93 14.25
N LYS C 64 -12.36 27.80 15.46
CA LYS C 64 -13.60 28.45 15.86
C LYS C 64 -13.40 29.99 15.93
N LEU C 65 -12.25 30.41 16.43
CA LEU C 65 -11.97 31.87 16.49
C LEU C 65 -11.84 32.38 15.05
N MET C 66 -11.28 31.57 14.16
CA MET C 66 -11.08 31.98 12.79
C MET C 66 -12.39 31.97 11.98
N VAL C 67 -13.29 31.02 12.26
CA VAL C 67 -14.60 31.05 11.64
C VAL C 67 -15.40 32.21 12.25
N THR C 68 -15.28 32.45 13.55
CA THR C 68 -15.91 33.67 14.12
C THR C 68 -15.42 34.92 13.38
N GLY C 69 -14.12 35.02 13.08
CA GLY C 69 -13.60 36.18 12.31
C GLY C 69 -14.19 36.23 10.93
N ALA C 70 -14.31 35.07 10.31
CA ALA C 70 -14.87 35.00 8.95
C ALA C 70 -16.33 35.42 8.86
N GLN C 71 -17.09 35.14 9.91
CA GLN C 71 -18.50 35.52 9.92
C GLN C 71 -18.73 37.06 9.86
N TYR C 72 -17.75 37.88 10.30
CA TYR C 72 -17.90 39.35 10.14
C TYR C 72 -18.04 39.80 8.69
N MET C 73 -17.54 39.01 7.73
CA MET C 73 -17.76 39.35 6.32
C MET C 73 -19.28 39.45 6.11
N ASP C 74 -20.00 38.46 6.66
CA ASP C 74 -21.48 38.44 6.42
C ASP C 74 -22.11 39.56 7.29
N HIS C 75 -21.69 39.67 8.55
CA HIS C 75 -22.26 40.69 9.48
C HIS C 75 -22.15 42.09 8.90
N LEU C 76 -21.00 42.40 8.29
CA LEU C 76 -20.82 43.79 7.83
C LEU C 76 -21.76 44.04 6.74
N ARG C 77 -21.93 43.06 5.86
CA ARG C 77 -22.79 43.27 4.69
C ARG C 77 -24.29 43.34 5.17
N GLU C 78 -24.67 42.39 6.01
CA GLU C 78 -26.06 42.23 6.51
C GLU C 78 -26.53 43.41 7.30
N SER C 79 -25.56 44.10 7.93
CA SER C 79 -25.87 45.25 8.78
C SER C 79 -26.66 46.34 8.03
N ALA C 80 -26.29 46.56 6.77
CA ALA C 80 -26.93 47.58 5.89
C ALA C 80 -28.47 47.46 5.87
N GLY C 81 -28.93 46.21 5.77
CA GLY C 81 -30.36 45.88 5.81
C GLY C 81 -31.10 46.42 7.05
N PHE C 82 -30.37 46.60 8.15
CA PHE C 82 -30.94 47.07 9.40
C PHE C 82 -30.59 48.51 9.63
N GLY C 83 -30.17 49.17 8.54
CA GLY C 83 -29.95 50.63 8.54
C GLY C 83 -28.55 51.05 8.97
N TRP C 84 -27.60 50.11 9.10
CA TRP C 84 -26.19 50.54 9.40
C TRP C 84 -25.53 51.04 8.15
N GLU C 85 -24.90 52.22 8.21
CA GLU C 85 -24.29 52.85 7.06
C GLU C 85 -22.82 53.13 7.39
N PHE C 86 -21.91 52.77 6.48
CA PHE C 86 -20.50 53.11 6.72
C PHE C 86 -19.87 52.99 5.38
N ASP C 87 -18.59 53.35 5.27
CA ASP C 87 -17.92 53.37 3.97
C ASP C 87 -17.51 51.92 3.61
N GLY C 88 -18.30 51.24 2.77
CA GLY C 88 -17.99 49.87 2.32
C GLY C 88 -16.65 49.70 1.60
N SER C 89 -16.21 50.78 0.96
CA SER C 89 -15.03 50.70 0.16
C SER C 89 -13.81 50.72 1.08
N SER C 90 -13.98 51.08 2.34
CA SER C 90 -12.84 51.13 3.26
C SER C 90 -12.61 49.80 3.98
N VAL C 91 -13.40 48.78 3.63
CA VAL C 91 -13.36 47.51 4.41
C VAL C 91 -12.18 46.63 4.01
N LYS C 92 -11.40 46.19 4.98
CA LYS C 92 -10.38 45.17 4.72
C LYS C 92 -10.37 44.08 5.82
N ALA C 93 -10.16 42.86 5.37
CA ALA C 93 -9.94 41.75 6.26
C ALA C 93 -8.44 41.54 6.52
N ASN C 94 -7.97 41.88 7.72
CA ASN C 94 -6.55 41.79 8.05
C ASN C 94 -6.24 40.41 8.68
N TRP C 95 -5.86 39.46 7.83
CA TRP C 95 -5.47 38.09 8.21
C TRP C 95 -4.33 38.06 9.24
N LYS C 96 -3.36 38.94 9.07
CA LYS C 96 -2.21 38.92 9.95
C LYS C 96 -2.65 39.25 11.38
N LYS C 97 -3.53 40.25 11.54
CA LYS C 97 -4.15 40.49 12.85
C LYS C 97 -4.94 39.31 13.46
N LEU C 98 -5.75 38.62 12.64
CA LEU C 98 -6.49 37.44 13.11
C LEU C 98 -5.53 36.38 13.66
N ILE C 99 -4.48 36.07 12.89
CA ILE C 99 -3.56 34.97 13.24
C ILE C 99 -2.74 35.41 14.48
N ALA C 100 -2.40 36.69 14.54
CA ALA C 100 -1.66 37.16 15.73
C ALA C 100 -2.56 37.08 16.96
N ALA C 101 -3.83 37.50 16.79
CA ALA C 101 -4.80 37.36 17.88
C ALA C 101 -5.02 35.93 18.31
N LYS C 102 -5.25 35.05 17.35
CA LYS C 102 -5.45 33.63 17.62
C LYS C 102 -4.22 32.99 18.31
N ASN C 103 -3.02 33.35 17.80
CA ASN C 103 -1.71 32.90 18.41
C ASN C 103 -1.57 33.23 19.89
N GLU C 104 -1.97 34.47 20.25
CA GLU C 104 -1.92 34.92 21.64
C GLU C 104 -2.95 34.11 22.45
N ALA C 105 -4.17 33.96 21.95
CA ALA C 105 -5.16 33.18 22.67
C ALA C 105 -4.64 31.77 22.97
N VAL C 106 -4.19 31.07 21.94
CA VAL C 106 -3.69 29.68 22.08
C VAL C 106 -2.47 29.59 23.00
N LEU C 107 -1.50 30.47 22.78
CA LEU C 107 -0.36 30.61 23.71
C LEU C 107 -0.80 30.79 25.19
N ASP C 108 -1.79 31.65 25.45
CA ASP C 108 -2.34 31.75 26.81
C ASP C 108 -2.89 30.45 27.35
N ILE C 109 -3.62 29.68 26.55
CA ILE C 109 -3.95 28.33 27.00
C ILE C 109 -2.74 27.42 27.23
N ASN C 110 -1.70 27.49 26.37
CA ASN C 110 -0.49 26.63 26.53
C ASN C 110 0.11 26.90 27.93
N LYS C 111 0.39 28.18 28.19
CA LYS C 111 1.07 28.68 29.40
C LYS C 111 0.27 28.30 30.63
N SER C 112 -1.03 28.43 30.50
CA SER C 112 -1.95 28.12 31.53
C SER C 112 -2.03 26.60 31.82
N TYR C 113 -1.80 25.77 30.81
CA TYR C 113 -1.75 24.33 31.06
C TYR C 113 -0.40 23.94 31.70
N GLU C 114 0.65 24.71 31.39
CA GLU C 114 1.94 24.59 32.05
C GLU C 114 1.87 25.06 33.51
N GLY C 115 1.09 26.09 33.76
CA GLY C 115 0.78 26.50 35.13
C GLY C 115 0.29 25.30 35.95
N MET C 116 -0.79 24.67 35.48
CA MET C 116 -1.43 23.53 36.15
C MET C 116 -0.56 22.30 36.37
N PHE C 117 0.50 22.14 35.58
CA PHE C 117 1.46 21.04 35.79
C PHE C 117 2.34 21.40 36.99
N ASN C 118 2.85 22.62 36.94
CA ASN C 118 3.74 23.15 37.94
C ASN C 118 3.10 23.21 39.34
N ASP C 119 1.77 23.30 39.39
CA ASP C 119 1.07 23.48 40.66
C ASP C 119 0.41 22.20 41.15
N THR C 120 0.38 21.18 40.31
CA THR C 120 -0.16 19.91 40.74
C THR C 120 1.02 18.96 41.08
N GLU C 121 0.98 18.40 42.30
CA GLU C 121 1.88 17.29 42.72
C GLU C 121 1.31 15.98 42.20
N GLY C 122 2.21 15.09 41.77
CA GLY C 122 1.79 13.76 41.25
C GLY C 122 1.35 13.77 39.79
N LEU C 123 1.74 14.84 39.08
CA LEU C 123 1.41 15.10 37.67
C LEU C 123 2.56 15.88 37.07
N ASP C 124 3.40 15.14 36.36
CA ASP C 124 4.60 15.70 35.77
C ASP C 124 4.62 15.61 34.26
N PHE C 125 5.01 16.71 33.65
CA PHE C 125 5.06 16.79 32.20
C PHE C 125 6.49 16.63 31.79
N PHE C 126 6.70 15.84 30.73
CA PHE C 126 8.01 15.62 30.14
C PHE C 126 8.01 15.95 28.66
N LEU C 127 8.98 16.82 28.27
CA LEU C 127 9.26 17.21 26.89
C LEU C 127 10.07 16.20 26.01
N GLY C 128 9.44 15.70 24.94
CA GLY C 128 10.13 14.85 23.95
C GLY C 128 9.24 13.77 23.33
N TRP C 129 9.87 12.85 22.62
CA TRP C 129 9.14 11.87 21.86
C TRP C 129 8.98 10.54 22.57
N GLY C 130 7.74 10.15 22.84
CA GLY C 130 7.46 8.97 23.59
C GLY C 130 7.32 7.75 22.71
N SER C 131 7.94 6.64 23.15
CA SER C 131 7.81 5.31 22.53
C SER C 131 7.81 4.18 23.55
N LEU C 132 7.31 3.03 23.12
CA LEU C 132 7.32 1.81 23.94
C LEU C 132 8.66 1.09 23.82
N GLU C 133 9.50 1.23 24.86
CA GLU C 133 10.75 0.45 25.00
C GLU C 133 10.43 -0.99 25.36
N SER C 134 9.68 -1.19 26.44
CA SER C 134 9.26 -2.53 26.89
C SER C 134 7.94 -2.47 27.68
N LYS C 135 7.28 -3.62 27.82
CA LYS C 135 5.99 -3.81 28.52
C LYS C 135 5.62 -2.79 29.63
N ASN C 136 6.63 -2.19 30.26
CA ASN C 136 6.43 -1.27 31.38
C ASN C 136 7.50 -0.21 31.44
N VAL C 137 8.05 0.14 30.29
CA VAL C 137 9.09 1.15 30.20
C VAL C 137 8.78 2.02 28.96
N VAL C 138 8.76 3.33 29.18
CA VAL C 138 8.40 4.28 28.16
C VAL C 138 9.63 5.20 27.93
N VAL C 139 10.20 5.13 26.76
CA VAL C 139 11.37 5.99 26.47
C VAL C 139 10.96 7.36 25.97
N VAL C 140 11.73 8.37 26.34
CA VAL C 140 11.52 9.68 25.80
C VAL C 140 12.81 10.09 25.10
N ARG C 141 12.75 10.23 23.78
CA ARG C 141 13.93 10.66 23.02
C ARG C 141 13.88 12.09 22.54
N GLU C 142 15.04 12.54 22.06
CA GLU C 142 15.26 13.89 21.59
C GLU C 142 14.40 14.28 20.37
N THR C 143 14.11 13.30 19.52
CA THR C 143 13.33 13.52 18.31
C THR C 143 12.52 12.26 18.03
N ALA C 144 11.64 12.36 17.01
CA ALA C 144 10.87 11.24 16.50
C ALA C 144 11.72 10.08 15.95
N ASP C 145 13.03 10.30 15.76
CA ASP C 145 13.92 9.25 15.26
C ASP C 145 14.21 8.22 16.36
N PRO C 146 13.91 6.93 16.13
CA PRO C 146 14.11 6.02 17.27
C PRO C 146 15.58 5.87 17.67
N LYS C 147 16.48 6.26 16.75
CA LYS C 147 17.91 6.09 16.97
C LYS C 147 18.41 7.22 17.81
N SER C 148 17.51 8.10 18.24
CA SER C 148 17.97 9.36 18.83
C SER C 148 18.15 9.24 20.34
N ALA C 149 18.75 10.27 20.93
CA ALA C 149 19.23 10.24 22.29
C ALA C 149 18.09 10.10 23.30
N VAL C 150 18.28 9.26 24.32
CA VAL C 150 17.30 9.12 25.38
C VAL C 150 17.33 10.32 26.33
N LYS C 151 16.14 10.76 26.75
CA LYS C 151 16.02 11.83 27.72
C LYS C 151 15.52 11.22 29.02
N GLU C 152 14.81 10.10 28.90
CA GLU C 152 14.22 9.46 30.06
C GLU C 152 13.79 8.07 29.67
N ARG C 153 13.84 7.18 30.65
CA ARG C 153 13.08 5.93 30.62
C ARG C 153 12.21 6.03 31.84
N LEU C 154 10.92 5.74 31.65
CA LEU C 154 9.93 5.91 32.68
C LEU C 154 9.31 4.55 32.91
N GLN C 155 9.22 4.15 34.16
CA GLN C 155 8.55 2.90 34.50
C GLN C 155 7.12 3.23 34.80
N ALA C 156 6.23 2.31 34.44
CA ALA C 156 4.83 2.60 34.52
C ALA C 156 4.10 1.31 34.71
N ASP C 157 3.15 1.29 35.63
CA ASP C 157 2.19 0.20 35.71
C ASP C 157 1.45 0.13 34.41
N HIS C 158 0.71 1.21 34.16
CA HIS C 158 -0.16 1.35 33.03
C HIS C 158 0.37 2.44 32.10
N ILE C 159 0.18 2.20 30.82
CA ILE C 159 0.66 3.10 29.80
C ILE C 159 -0.58 3.52 29.03
N LEU C 160 -0.76 4.83 28.84
CA LEU C 160 -1.87 5.30 27.96
C LEU C 160 -1.31 5.81 26.61
N LEU C 161 -1.78 5.19 25.53
CA LEU C 161 -1.47 5.69 24.16
C LEU C 161 -2.56 6.76 23.75
N ALA C 162 -2.16 8.02 23.60
CA ALA C 162 -3.10 9.16 23.33
C ALA C 162 -2.43 10.21 22.41
N THR C 163 -1.82 9.72 21.32
CA THR C 163 -0.97 10.59 20.46
C THR C 163 -1.77 11.17 19.28
N GLY C 164 -3.08 10.89 19.24
CA GLY C 164 -4.01 11.55 18.30
C GLY C 164 -3.88 11.07 16.88
N SER C 165 -4.10 11.99 15.93
CA SER C 165 -4.06 11.70 14.53
C SER C 165 -3.24 12.73 13.75
N TRP C 166 -3.31 12.67 12.41
CA TRP C 166 -2.39 13.50 11.58
C TRP C 166 -2.97 13.61 10.18
N PRO C 167 -2.75 14.74 9.48
CA PRO C 167 -3.45 14.80 8.16
C PRO C 167 -3.04 13.67 7.24
N GLN C 168 -3.95 13.15 6.47
CA GLN C 168 -3.63 12.14 5.47
C GLN C 168 -3.24 12.88 4.20
N MET C 169 -2.06 12.58 3.67
CA MET C 169 -1.59 13.26 2.50
C MET C 169 -1.56 12.23 1.35
N PRO C 170 -2.48 12.27 0.35
CA PRO C 170 -2.32 11.19 -0.65
C PRO C 170 -0.94 11.25 -1.35
N ALA C 171 -0.37 10.08 -1.63
CA ALA C 171 0.92 9.98 -2.30
C ALA C 171 0.85 10.19 -3.84
N ILE C 172 0.28 11.31 -4.29
CA ILE C 172 0.34 11.78 -5.66
C ILE C 172 1.66 12.56 -5.90
N PRO C 173 2.11 12.60 -7.17
CA PRO C 173 3.30 13.38 -7.51
C PRO C 173 3.05 14.87 -7.16
N GLY C 174 3.97 15.49 -6.43
CA GLY C 174 3.81 16.87 -6.03
C GLY C 174 3.07 17.08 -4.71
N ILE C 175 2.62 16.00 -4.08
CA ILE C 175 2.07 16.14 -2.68
C ILE C 175 2.85 17.11 -1.75
N GLU C 176 4.16 17.14 -1.91
CA GLU C 176 4.99 17.95 -1.03
C GLU C 176 4.81 19.46 -1.32
N HIS C 177 4.11 19.83 -2.40
CA HIS C 177 3.79 21.27 -2.64
C HIS C 177 2.49 21.66 -1.99
N CYS C 178 1.91 20.72 -1.25
CA CYS C 178 0.59 20.94 -0.64
C CYS C 178 0.78 21.15 0.84
N ILE C 179 -0.19 21.82 1.48
CA ILE C 179 -0.15 21.98 2.94
C ILE C 179 -1.29 21.18 3.52
N SER C 180 -1.34 21.14 4.86
CA SER C 180 -2.51 20.56 5.52
C SER C 180 -3.11 21.69 6.38
N SER C 181 -4.11 21.34 7.18
CA SER C 181 -4.65 22.33 8.12
C SER C 181 -3.57 22.83 9.08
N ASN C 182 -2.56 22.03 9.41
CA ASN C 182 -1.52 22.48 10.36
C ASN C 182 -0.86 23.78 9.87
N GLU C 183 -0.50 23.78 8.57
CA GLU C 183 0.16 24.95 7.96
C GLU C 183 -0.82 26.09 7.75
N ALA C 184 -2.09 25.74 7.43
CA ALA C 184 -3.17 26.73 7.21
C ALA C 184 -3.26 27.75 8.34
N PHE C 185 -3.13 27.27 9.59
CA PHE C 185 -3.13 28.12 10.82
C PHE C 185 -1.99 29.14 10.91
N TYR C 186 -0.94 28.92 10.12
CA TYR C 186 0.21 29.82 10.17
C TYR C 186 0.52 30.52 8.83
N LEU C 187 -0.34 30.41 7.81
CA LEU C 187 -0.02 31.16 6.60
C LEU C 187 0.26 32.67 6.94
N PRO C 188 1.34 33.25 6.36
CA PRO C 188 1.66 34.63 6.75
C PRO C 188 0.82 35.65 5.98
N GLU C 189 0.29 35.22 4.84
CA GLU C 189 -0.59 35.97 3.94
CA GLU C 189 -0.62 36.01 4.03
C GLU C 189 -1.89 35.16 3.73
N PRO C 190 -3.07 35.84 3.58
CA PRO C 190 -4.18 34.95 3.20
C PRO C 190 -4.12 34.62 1.71
N PRO C 191 -4.39 33.38 1.29
CA PRO C 191 -4.17 33.10 -0.15
C PRO C 191 -5.24 33.74 -0.99
N ARG C 192 -4.83 34.25 -2.15
CA ARG C 192 -5.71 34.82 -3.06
C ARG C 192 -6.54 33.76 -3.80
N ARG C 193 -5.87 32.76 -4.32
CA ARG C 193 -6.53 31.58 -4.81
C ARG C 193 -6.16 30.41 -3.93
N VAL C 194 -7.17 29.69 -3.41
CA VAL C 194 -6.87 28.48 -2.70
C VAL C 194 -7.76 27.28 -3.17
N LEU C 195 -7.18 26.07 -3.22
CA LEU C 195 -7.93 24.84 -3.40
C LEU C 195 -7.92 24.06 -2.10
N THR C 196 -9.09 23.74 -1.53
CA THR C 196 -9.17 22.90 -0.34
C THR C 196 -9.64 21.54 -0.91
N VAL C 197 -8.93 20.47 -0.63
CA VAL C 197 -9.18 19.18 -1.24
C VAL C 197 -9.84 18.31 -0.16
N GLY C 198 -11.08 17.94 -0.38
CA GLY C 198 -11.78 17.12 0.63
C GLY C 198 -13.21 17.61 0.70
N GLY C 199 -14.14 16.69 0.94
CA GLY C 199 -15.55 17.06 1.10
C GLY C 199 -16.02 17.09 2.54
N GLY C 200 -15.10 16.83 3.47
CA GLY C 200 -15.42 16.77 4.94
C GLY C 200 -15.33 18.06 5.71
N PHE C 201 -15.51 18.00 7.04
CA PHE C 201 -15.67 19.24 7.83
C PHE C 201 -14.49 20.24 7.81
N ILE C 202 -13.27 19.71 7.77
CA ILE C 202 -12.08 20.57 7.82
C ILE C 202 -11.94 21.32 6.49
N SER C 203 -12.19 20.64 5.39
CA SER C 203 -12.12 21.26 4.11
C SER C 203 -13.16 22.38 4.03
N VAL C 204 -14.42 22.03 4.27
CA VAL C 204 -15.50 23.01 4.33
C VAL C 204 -15.27 24.20 5.28
N GLU C 205 -14.77 23.94 6.49
CA GLU C 205 -14.64 25.01 7.43
C GLU C 205 -13.57 26.03 6.97
N PHE C 206 -12.41 25.52 6.55
CA PHE C 206 -11.34 26.32 5.96
C PHE C 206 -11.74 27.07 4.69
N ALA C 207 -12.45 26.40 3.77
CA ALA C 207 -13.00 27.16 2.64
C ALA C 207 -13.76 28.42 3.10
N GLY C 208 -14.58 28.32 4.16
CA GLY C 208 -15.36 29.48 4.61
C GLY C 208 -14.40 30.52 5.22
N ILE C 209 -13.35 30.07 5.92
CA ILE C 209 -12.36 31.02 6.53
C ILE C 209 -11.55 31.74 5.41
N PHE C 210 -11.05 30.97 4.44
CA PHE C 210 -10.25 31.60 3.35
C PHE C 210 -11.11 32.54 2.51
N ASN C 211 -12.35 32.12 2.32
CA ASN C 211 -13.33 32.93 1.58
C ASN C 211 -13.55 34.36 2.18
N ALA C 212 -13.55 34.47 3.52
CA ALA C 212 -13.77 35.79 4.12
C ALA C 212 -12.48 36.64 4.12
N TYR C 213 -11.33 35.98 4.19
CA TYR C 213 -10.10 36.75 4.31
C TYR C 213 -9.32 36.92 3.01
N LYS C 214 -9.88 36.47 1.88
CA LYS C 214 -9.13 36.52 0.64
C LYS C 214 -8.96 37.97 0.13
N PRO C 215 -7.83 38.26 -0.56
CA PRO C 215 -7.61 39.60 -1.06
C PRO C 215 -8.58 39.86 -2.16
N PRO C 216 -8.72 41.14 -2.55
CA PRO C 216 -9.57 41.55 -3.72
C PRO C 216 -9.32 40.70 -4.99
N GLY C 217 -10.37 40.30 -5.69
CA GLY C 217 -10.17 39.41 -6.87
C GLY C 217 -9.90 37.94 -6.46
N GLY C 218 -9.91 37.62 -5.18
CA GLY C 218 -9.58 36.22 -4.72
C GLY C 218 -10.66 35.20 -5.08
N LYS C 219 -10.35 33.91 -4.94
CA LYS C 219 -11.33 32.84 -5.20
C LYS C 219 -10.99 31.57 -4.44
N VAL C 220 -11.93 31.12 -3.61
CA VAL C 220 -11.84 29.78 -2.99
C VAL C 220 -12.58 28.70 -3.83
N THR C 221 -11.86 27.62 -4.09
CA THR C 221 -12.41 26.43 -4.79
C THR C 221 -12.23 25.28 -3.79
N LEU C 222 -13.31 24.53 -3.55
CA LEU C 222 -13.17 23.29 -2.80
C LEU C 222 -13.40 22.12 -3.78
N CYS C 223 -12.60 21.06 -3.77
CA CYS C 223 -12.94 19.92 -4.63
C CYS C 223 -13.18 18.65 -3.81
N TYR C 224 -13.92 17.74 -4.39
CA TYR C 224 -14.28 16.53 -3.74
C TYR C 224 -14.46 15.46 -4.84
N ARG C 225 -13.88 14.31 -4.60
CA ARG C 225 -13.84 13.18 -5.54
C ARG C 225 -15.21 12.56 -5.86
N ASN C 226 -16.17 12.63 -4.94
CA ASN C 226 -17.56 12.24 -5.26
C ASN C 226 -18.52 13.39 -5.56
N ASN C 227 -19.80 13.03 -5.56
CA ASN C 227 -20.87 13.81 -6.14
CA ASN C 227 -20.78 13.90 -6.17
C ASN C 227 -21.33 14.93 -5.18
N LEU C 228 -21.14 14.71 -3.88
CA LEU C 228 -21.75 15.61 -2.92
C LEU C 228 -20.96 15.61 -1.68
N ILE C 229 -20.59 16.81 -1.18
CA ILE C 229 -19.69 16.97 -0.06
C ILE C 229 -20.40 16.53 1.26
N LEU C 230 -19.60 16.44 2.31
CA LEU C 230 -20.08 16.08 3.65
C LEU C 230 -20.80 14.72 3.71
N ARG C 231 -20.16 13.69 3.16
CA ARG C 231 -20.70 12.34 3.26
C ARG C 231 -20.81 12.07 4.73
N GLY C 232 -21.92 11.51 5.16
CA GLY C 232 -22.07 11.07 6.56
C GLY C 232 -23.09 12.02 7.22
N PHE C 233 -23.35 13.20 6.59
CA PHE C 233 -24.34 14.16 7.08
C PHE C 233 -25.65 14.02 6.35
N ASP C 234 -26.70 14.59 6.92
CA ASP C 234 -28.01 14.61 6.31
C ASP C 234 -27.93 15.09 4.87
N GLU C 235 -28.69 14.44 3.98
CA GLU C 235 -28.53 14.72 2.56
C GLU C 235 -29.12 16.05 2.09
N THR C 236 -30.29 16.44 2.61
CA THR C 236 -30.88 17.74 2.36
C THR C 236 -29.87 18.86 2.78
N ILE C 237 -29.24 18.68 3.94
CA ILE C 237 -28.24 19.62 4.48
C ILE C 237 -26.93 19.66 3.64
N ARG C 238 -26.48 18.49 3.19
CA ARG C 238 -25.32 18.43 2.26
C ARG C 238 -25.63 19.24 1.04
N GLU C 239 -26.82 19.11 0.48
CA GLU C 239 -27.16 19.89 -0.75
C GLU C 239 -27.35 21.39 -0.47
N GLU C 240 -27.93 21.68 0.71
CA GLU C 240 -28.23 23.03 1.02
C GLU C 240 -26.97 23.83 1.45
N VAL C 241 -26.06 23.21 2.20
CA VAL C 241 -24.80 23.86 2.53
C VAL C 241 -23.99 24.13 1.21
N THR C 242 -24.03 23.19 0.28
CA THR C 242 -23.43 23.37 -1.06
C THR C 242 -23.97 24.62 -1.76
N LYS C 243 -25.31 24.80 -1.77
CA LYS C 243 -25.88 25.99 -2.33
C LYS C 243 -25.48 27.26 -1.56
N GLN C 244 -25.39 27.18 -0.24
CA GLN C 244 -25.14 28.40 0.50
C GLN C 244 -23.66 28.81 0.44
N LEU C 245 -22.75 27.84 0.31
CA LEU C 245 -21.34 28.10 0.15
C LEU C 245 -21.15 28.73 -1.24
N THR C 246 -21.86 28.17 -2.23
CA THR C 246 -21.81 28.70 -3.58
C THR C 246 -22.31 30.12 -3.60
N ALA C 247 -23.42 30.40 -2.88
CA ALA C 247 -24.01 31.75 -2.87
C ALA C 247 -23.05 32.82 -2.26
N ASN C 248 -22.21 32.39 -1.31
CA ASN C 248 -21.22 33.27 -0.71
C ASN C 248 -19.88 33.23 -1.52
N GLY C 249 -19.90 32.80 -2.79
CA GLY C 249 -18.74 32.92 -3.63
C GLY C 249 -17.73 31.78 -3.68
N ILE C 250 -17.94 30.68 -2.93
CA ILE C 250 -17.01 29.55 -2.93
C ILE C 250 -17.36 28.61 -4.08
N GLU C 251 -16.37 28.20 -4.82
CA GLU C 251 -16.66 27.32 -5.92
C GLU C 251 -16.52 25.84 -5.50
N ILE C 252 -17.55 25.04 -5.74
CA ILE C 252 -17.45 23.65 -5.27
C ILE C 252 -17.30 22.74 -6.46
N MET C 253 -16.19 22.01 -6.57
CA MET C 253 -15.86 21.15 -7.71
C MET C 253 -16.03 19.70 -7.33
N THR C 254 -17.18 19.10 -7.60
CA THR C 254 -17.45 17.72 -7.16
C THR C 254 -17.06 16.79 -8.28
N ASN C 255 -16.87 15.52 -7.97
CA ASN C 255 -16.45 14.57 -8.99
C ASN C 255 -15.06 14.94 -9.57
N GLU C 256 -14.16 15.48 -8.73
CA GLU C 256 -12.85 15.86 -9.21
C GLU C 256 -11.85 15.49 -8.16
N ASN C 257 -10.66 15.07 -8.60
CA ASN C 257 -9.64 14.64 -7.63
C ASN C 257 -8.26 14.96 -8.19
N PRO C 258 -7.39 15.60 -7.40
CA PRO C 258 -6.02 15.92 -7.92
C PRO C 258 -5.24 14.64 -8.22
N ALA C 259 -4.65 14.58 -9.39
CA ALA C 259 -3.70 13.53 -9.74
C ALA C 259 -2.20 14.02 -9.67
N LYS C 260 -1.95 15.33 -9.82
CA LYS C 260 -0.59 15.85 -9.75
C LYS C 260 -0.64 17.31 -9.33
N VAL C 261 0.37 17.73 -8.56
CA VAL C 261 0.53 19.15 -8.25
C VAL C 261 1.94 19.57 -8.72
N SER C 262 2.07 20.60 -9.57
CA SER C 262 3.46 21.08 -9.99
C SER C 262 3.70 22.44 -9.38
N LEU C 263 4.95 22.75 -8.99
CA LEU C 263 5.26 24.08 -8.41
C LEU C 263 5.64 25.04 -9.56
N ASN C 264 4.95 26.18 -9.63
CA ASN C 264 5.31 27.17 -10.65
C ASN C 264 6.58 27.94 -10.16
N THR C 265 7.36 28.51 -11.06
CA THR C 265 8.47 29.35 -10.55
C THR C 265 7.98 30.49 -9.65
N ASP C 266 6.77 30.99 -9.89
CA ASP C 266 6.32 32.13 -9.05
C ASP C 266 5.75 31.70 -7.69
N GLY C 267 5.86 30.42 -7.34
CA GLY C 267 5.44 29.91 -6.02
C GLY C 267 4.01 29.42 -6.04
N SER C 268 3.29 29.74 -7.09
CA SER C 268 1.96 29.17 -7.23
C SER C 268 2.00 27.62 -7.61
N LYS C 269 0.82 26.99 -7.56
CA LYS C 269 0.66 25.56 -7.78
C LYS C 269 -0.23 25.28 -8.96
N HIS C 270 0.20 24.38 -9.83
CA HIS C 270 -0.56 24.01 -11.04
C HIS C 270 -1.11 22.65 -10.70
N VAL C 271 -2.41 22.59 -10.47
CA VAL C 271 -3.01 21.33 -10.07
C VAL C 271 -3.54 20.63 -11.34
N THR C 272 -3.18 19.39 -11.54
CA THR C 272 -3.84 18.60 -12.61
C THR C 272 -4.78 17.61 -11.99
N PHE C 273 -6.03 17.60 -12.45
CA PHE C 273 -7.04 16.60 -11.91
C PHE C 273 -7.07 15.25 -12.65
N GLU C 274 -7.70 14.23 -12.10
CA GLU C 274 -7.77 12.89 -12.79
C GLU C 274 -8.50 13.05 -14.10
N SER C 275 -9.50 13.94 -14.14
CA SER C 275 -10.24 14.21 -15.36
C SER C 275 -9.37 14.89 -16.41
N GLY C 276 -8.14 15.26 -16.06
CA GLY C 276 -7.34 16.12 -16.91
C GLY C 276 -7.68 17.59 -16.86
N LYS C 277 -8.71 17.97 -16.12
CA LYS C 277 -8.87 19.41 -15.90
C LYS C 277 -7.63 20.00 -15.09
N THR C 278 -7.34 21.30 -15.19
CA THR C 278 -6.23 21.83 -14.39
C THR C 278 -6.68 23.13 -13.73
N LEU C 279 -6.08 23.51 -12.60
CA LEU C 279 -6.38 24.81 -11.93
C LEU C 279 -5.10 25.32 -11.33
N ASP C 280 -4.90 26.63 -11.42
CA ASP C 280 -3.77 27.30 -10.74
C ASP C 280 -4.24 27.99 -9.50
N VAL C 281 -3.56 27.74 -8.40
CA VAL C 281 -3.91 28.42 -7.14
C VAL C 281 -2.64 28.79 -6.34
N ASP C 282 -2.77 29.61 -5.30
CA ASP C 282 -1.64 29.95 -4.47
C ASP C 282 -1.33 28.91 -3.41
N VAL C 283 -2.37 28.20 -2.95
CA VAL C 283 -2.22 27.23 -1.86
C VAL C 283 -3.18 26.06 -2.15
N VAL C 284 -2.69 24.81 -2.04
CA VAL C 284 -3.47 23.58 -2.01
C VAL C 284 -3.46 23.02 -0.62
N MET C 285 -4.62 23.03 0.04
CA MET C 285 -4.77 22.48 1.34
C MET C 285 -5.42 21.10 1.23
N MET C 286 -4.66 20.06 1.62
CA MET C 286 -5.14 18.67 1.58
C MET C 286 -5.86 18.37 2.90
N ALA C 287 -7.18 18.05 2.83
CA ALA C 287 -8.02 17.78 4.00
C ALA C 287 -8.92 16.60 3.62
N ILE C 288 -8.35 15.51 3.09
CA ILE C 288 -9.13 14.31 2.67
C ILE C 288 -9.32 13.31 3.80
N GLY C 289 -8.70 13.55 4.95
CA GLY C 289 -8.85 12.69 6.12
C GLY C 289 -7.72 12.85 7.13
N ARG C 290 -7.86 12.14 8.24
CA ARG C 290 -6.83 12.12 9.27
C ARG C 290 -6.58 10.69 9.69
N ILE C 291 -5.31 10.38 9.95
CA ILE C 291 -4.94 9.02 10.27
C ILE C 291 -4.32 8.90 11.64
N PRO C 292 -4.54 7.74 12.30
CA PRO C 292 -4.05 7.51 13.67
C PRO C 292 -2.55 7.66 13.72
N ARG C 293 -2.03 8.27 14.78
CA ARG C 293 -0.62 8.62 14.87
C ARG C 293 0.20 7.57 15.66
N THR C 294 0.39 6.42 15.01
CA THR C 294 0.98 5.21 15.60
C THR C 294 2.44 4.98 15.20
N ASN C 295 2.91 5.73 14.22
CA ASN C 295 4.18 5.49 13.61
C ASN C 295 5.44 5.61 14.46
N ASP C 296 5.49 6.60 15.35
CA ASP C 296 6.70 6.91 16.06
C ASP C 296 6.74 6.22 17.43
N LEU C 297 5.71 5.43 17.73
CA LEU C 297 5.51 4.78 19.06
C LEU C 297 6.27 3.46 19.27
N GLN C 298 6.79 2.89 18.18
CA GLN C 298 7.54 1.62 18.21
C GLN C 298 6.70 0.51 18.83
N LEU C 299 5.44 0.39 18.38
CA LEU C 299 4.48 -0.59 18.91
C LEU C 299 4.86 -2.05 18.60
N GLY C 300 5.87 -2.20 17.71
CA GLY C 300 6.51 -3.48 17.39
C GLY C 300 7.21 -4.02 18.63
N ASN C 301 7.93 -3.16 19.32
CA ASN C 301 8.60 -3.52 20.58
C ASN C 301 7.77 -4.18 21.66
N VAL C 302 6.45 -4.29 21.51
CA VAL C 302 5.64 -4.93 22.54
C VAL C 302 4.47 -5.62 21.88
N GLY C 303 4.47 -5.71 20.56
CA GLY C 303 3.37 -6.35 19.83
C GLY C 303 1.91 -5.84 19.99
N VAL C 304 1.71 -4.53 20.29
CA VAL C 304 0.34 -3.88 20.30
C VAL C 304 -0.27 -3.93 18.90
N LYS C 305 -1.44 -4.55 18.74
CA LYS C 305 -2.02 -4.72 17.41
C LYS C 305 -2.78 -3.47 16.89
N LEU C 306 -2.80 -3.33 15.55
CA LEU C 306 -3.45 -2.24 14.83
C LEU C 306 -4.49 -2.85 13.90
N THR C 307 -5.54 -2.11 13.55
CA THR C 307 -6.62 -2.64 12.71
C THR C 307 -6.22 -2.57 11.25
N PRO C 308 -7.02 -3.20 10.34
CA PRO C 308 -6.76 -3.02 8.89
C PRO C 308 -6.50 -1.52 8.54
N LYS C 309 -7.26 -0.65 9.22
CA LYS C 309 -7.20 0.79 9.02
C LYS C 309 -6.00 1.53 9.66
N GLY C 310 -5.16 0.84 10.45
CA GLY C 310 -3.98 1.50 11.09
C GLY C 310 -4.14 2.04 12.52
N GLY C 311 -5.36 1.99 13.06
CA GLY C 311 -5.62 2.47 14.42
C GLY C 311 -5.27 1.43 15.48
N VAL C 312 -4.78 1.85 16.65
CA VAL C 312 -4.64 0.89 17.77
C VAL C 312 -5.96 0.13 18.06
N GLN C 313 -5.95 -1.19 17.96
CA GLN C 313 -7.17 -1.96 18.28
C GLN C 313 -7.39 -2.03 19.78
N VAL C 314 -8.63 -1.78 20.19
CA VAL C 314 -9.01 -1.68 21.60
C VAL C 314 -10.36 -2.35 21.74
N ASP C 315 -10.68 -2.80 22.95
CA ASP C 315 -12.04 -3.28 23.23
C ASP C 315 -12.83 -2.08 23.77
N GLU C 316 -14.09 -2.33 24.09
CA GLU C 316 -14.95 -1.32 24.63
C GLU C 316 -14.45 -0.58 25.83
N PHE C 317 -13.35 -1.04 26.45
CA PHE C 317 -12.84 -0.41 27.68
C PHE C 317 -11.47 0.21 27.44
N SER C 318 -11.10 0.26 26.16
CA SER C 318 -9.88 0.95 25.68
C SER C 318 -8.60 0.15 25.90
N ARG C 319 -8.76 -1.15 26.13
CA ARG C 319 -7.59 -2.00 26.42
C ARG C 319 -7.06 -2.55 25.09
N THR C 320 -5.74 -2.47 24.91
CA THR C 320 -5.07 -3.07 23.75
C THR C 320 -4.88 -4.52 24.10
N ASN C 321 -4.34 -5.30 23.17
CA ASN C 321 -3.99 -6.72 23.42
C ASN C 321 -2.85 -6.90 24.43
N VAL C 322 -2.07 -5.86 24.67
CA VAL C 322 -1.04 -5.91 25.69
C VAL C 322 -1.59 -5.48 27.06
N PRO C 323 -1.53 -6.39 28.06
CA PRO C 323 -1.98 -6.09 29.43
C PRO C 323 -1.30 -4.85 29.92
N ASN C 324 -2.05 -3.98 30.61
CA ASN C 324 -1.57 -2.69 31.17
CA ASN C 324 -1.53 -2.71 31.17
C ASN C 324 -1.21 -1.58 30.15
N ILE C 325 -1.69 -1.73 28.92
CA ILE C 325 -1.48 -0.74 27.85
C ILE C 325 -2.83 -0.43 27.17
N TYR C 326 -3.17 0.84 27.21
CA TYR C 326 -4.48 1.25 26.64
C TYR C 326 -4.32 2.35 25.57
N ALA C 327 -5.40 2.54 24.81
CA ALA C 327 -5.46 3.56 23.80
C ALA C 327 -6.86 4.17 23.77
N ILE C 328 -6.86 5.51 23.83
CA ILE C 328 -8.08 6.31 23.64
C ILE C 328 -7.83 7.40 22.55
N GLY C 329 -8.91 7.98 22.03
CA GLY C 329 -8.82 9.24 21.25
C GLY C 329 -8.67 8.92 19.79
N ASP C 330 -8.14 9.85 18.98
CA ASP C 330 -8.14 9.59 17.52
C ASP C 330 -7.18 8.45 17.17
N ILE C 331 -6.22 8.14 18.06
CA ILE C 331 -5.32 6.95 17.84
C ILE C 331 -6.15 5.67 17.63
N THR C 332 -7.32 5.61 18.25
CA THR C 332 -8.14 4.41 18.08
C THR C 332 -9.01 4.45 16.85
N ASP C 333 -9.10 5.60 16.16
CA ASP C 333 -9.84 5.63 14.88
C ASP C 333 -11.39 5.34 14.96
N ARG C 334 -12.03 5.61 16.11
CA ARG C 334 -13.52 5.53 16.20
C ARG C 334 -14.10 6.94 15.91
N LEU C 335 -14.42 7.73 16.92
CA LEU C 335 -14.99 9.03 16.59
C LEU C 335 -13.96 10.07 16.91
N MET C 336 -13.49 10.73 15.87
CA MET C 336 -12.44 11.73 16.05
C MET C 336 -12.99 13.10 16.52
N LEU C 337 -13.40 13.16 17.78
CA LEU C 337 -13.96 14.38 18.42
C LEU C 337 -13.31 14.61 19.79
N THR C 338 -13.05 15.86 20.14
CA THR C 338 -12.39 16.19 21.39
C THR C 338 -13.15 15.67 22.65
N PRO C 339 -14.47 15.83 22.67
CA PRO C 339 -15.16 15.44 23.91
C PRO C 339 -15.38 13.92 24.02
N VAL C 340 -15.32 13.20 22.88
CA VAL C 340 -15.27 11.75 22.88
C VAL C 340 -13.94 11.27 23.52
N ALA C 341 -12.82 11.86 23.12
CA ALA C 341 -11.54 11.53 23.70
C ALA C 341 -11.48 11.83 25.22
N ILE C 342 -11.93 13.03 25.62
CA ILE C 342 -12.06 13.37 27.03
C ILE C 342 -12.94 12.31 27.78
N ASN C 343 -14.10 11.95 27.24
CA ASN C 343 -14.97 10.92 27.87
C ASN C 343 -14.23 9.55 28.05
N GLU C 344 -13.60 9.09 26.96
CA GLU C 344 -12.78 7.87 26.94
C GLU C 344 -11.69 7.87 27.99
N GLY C 345 -10.98 8.98 28.13
CA GLY C 345 -9.91 9.07 29.07
C GLY C 345 -10.40 9.11 30.51
N ALA C 346 -11.57 9.69 30.71
CA ALA C 346 -12.14 9.80 32.04
C ALA C 346 -12.61 8.40 32.45
N ALA C 347 -13.34 7.74 31.56
CA ALA C 347 -13.83 6.38 31.76
C ALA C 347 -12.71 5.35 31.99
N LEU C 348 -11.56 5.55 31.33
CA LEU C 348 -10.45 4.59 31.44
C LEU C 348 -9.95 4.53 32.87
N VAL C 349 -9.50 5.70 33.35
CA VAL C 349 -9.12 5.96 34.73
C VAL C 349 -10.21 5.50 35.73
N ASP C 350 -11.49 5.66 35.42
CA ASP C 350 -12.54 5.07 36.30
C ASP C 350 -12.38 3.54 36.37
N THR C 351 -12.19 2.91 35.21
CA THR C 351 -12.13 1.46 35.04
C THR C 351 -10.79 0.86 35.44
N VAL C 352 -9.87 1.67 35.92
CA VAL C 352 -8.57 1.16 36.23
C VAL C 352 -8.14 1.49 37.65
N PHE C 353 -8.35 2.75 38.08
CA PHE C 353 -8.08 3.18 39.47
C PHE C 353 -9.35 3.66 40.15
N GLY C 354 -10.48 3.26 39.61
CA GLY C 354 -11.75 3.50 40.25
C GLY C 354 -12.37 2.16 40.55
N ASN C 355 -13.56 2.20 41.11
CA ASN C 355 -14.22 0.96 41.44
C ASN C 355 -15.15 0.48 40.34
N LYS C 356 -15.89 1.41 39.74
CA LYS C 356 -16.77 1.10 38.63
C LYS C 356 -16.02 1.16 37.31
N PRO C 357 -15.84 0.01 36.66
CA PRO C 357 -15.73 -0.03 35.20
C PRO C 357 -16.73 0.85 34.50
N ARG C 358 -16.28 1.51 33.44
CA ARG C 358 -17.13 2.37 32.62
C ARG C 358 -16.63 2.42 31.17
N LYS C 359 -17.57 2.38 30.25
CA LYS C 359 -17.25 2.51 28.84
C LYS C 359 -17.96 3.72 28.15
N THR C 360 -17.31 4.26 27.12
CA THR C 360 -17.82 5.39 26.35
C THR C 360 -18.88 4.86 25.39
N ASP C 361 -20.04 5.51 25.39
CA ASP C 361 -21.05 5.20 24.39
C ASP C 361 -20.74 6.07 23.15
N HIS C 362 -20.63 5.43 21.97
CA HIS C 362 -20.27 6.07 20.68
C HIS C 362 -21.48 6.35 19.81
N THR C 363 -22.66 6.17 20.39
CA THR C 363 -23.88 6.34 19.62
C THR C 363 -24.48 7.65 20.08
N ARG C 364 -25.33 8.25 19.26
CA ARG C 364 -26.03 9.47 19.73
C ARG C 364 -25.09 10.61 20.20
N VAL C 365 -23.89 10.68 19.60
CA VAL C 365 -22.95 11.76 19.95
C VAL C 365 -23.26 12.96 19.10
N ALA C 366 -23.51 14.08 19.75
CA ALA C 366 -23.86 15.29 19.06
C ALA C 366 -22.59 15.92 18.49
N SER C 367 -22.64 16.46 17.30
CA SER C 367 -21.47 17.17 16.76
C SER C 367 -21.89 18.31 15.85
N ALA C 368 -20.88 19.04 15.32
CA ALA C 368 -21.16 20.31 14.61
C ALA C 368 -20.19 20.54 13.44
N VAL C 369 -20.59 21.25 12.39
CA VAL C 369 -19.64 21.69 11.39
C VAL C 369 -19.73 23.21 11.52
N PHE C 370 -18.60 23.88 11.74
CA PHE C 370 -18.62 25.34 11.71
C PHE C 370 -18.42 25.93 10.33
N SER C 371 -19.24 25.46 9.40
CA SER C 371 -19.34 26.09 8.10
C SER C 371 -20.13 27.35 8.26
N ILE C 372 -20.22 28.08 7.16
CA ILE C 372 -20.96 29.32 7.18
C ILE C 372 -21.96 29.10 6.04
N PRO C 373 -23.21 28.75 6.38
CA PRO C 373 -23.87 28.64 7.72
C PRO C 373 -23.51 27.27 8.40
N PRO C 374 -23.61 27.18 9.73
CA PRO C 374 -23.14 26.00 10.45
C PRO C 374 -24.19 24.86 10.56
N ILE C 375 -23.68 23.68 10.93
CA ILE C 375 -24.46 22.42 10.97
C ILE C 375 -24.42 21.88 12.37
N GLY C 376 -25.51 21.28 12.81
CA GLY C 376 -25.59 20.74 14.16
C GLY C 376 -26.33 19.46 13.97
N THR C 377 -25.76 18.35 14.47
CA THR C 377 -26.44 17.05 14.25
C THR C 377 -26.24 16.11 15.45
N CYS C 378 -27.21 15.24 15.66
CA CYS C 378 -27.03 14.14 16.62
C CYS C 378 -27.83 12.93 16.18
N GLY C 379 -27.23 11.71 16.20
CA GLY C 379 -28.07 10.53 15.83
C GLY C 379 -27.99 10.13 14.36
N LEU C 380 -28.95 9.33 13.87
CA LEU C 380 -28.87 8.69 12.55
C LEU C 380 -29.42 9.57 11.43
N ILE C 381 -28.78 9.54 10.27
CA ILE C 381 -29.40 10.12 9.06
C ILE C 381 -30.42 9.15 8.49
N GLU C 382 -31.38 9.66 7.75
CA GLU C 382 -32.53 8.83 7.37
C GLU C 382 -32.14 7.52 6.63
N GLU C 383 -31.09 7.58 5.80
CA GLU C 383 -30.75 6.43 4.99
C GLU C 383 -30.13 5.33 5.85
N VAL C 384 -29.45 5.66 6.96
CA VAL C 384 -28.99 4.64 7.93
C VAL C 384 -30.20 4.07 8.72
N ALA C 385 -31.12 4.96 9.12
CA ALA C 385 -32.33 4.57 9.82
C ALA C 385 -33.22 3.62 8.95
N ALA C 386 -33.36 3.94 7.67
CA ALA C 386 -34.22 3.17 6.78
C ALA C 386 -33.74 1.72 6.62
N LYS C 387 -32.46 1.45 6.90
CA LYS C 387 -31.88 0.11 6.79
C LYS C 387 -32.03 -0.72 8.04
N GLU C 388 -32.17 -0.08 9.20
CA GLU C 388 -32.27 -0.77 10.47
C GLU C 388 -33.69 -0.81 11.08
N PHE C 389 -34.67 -0.20 10.42
CA PHE C 389 -36.04 0.03 10.93
C PHE C 389 -37.03 -0.06 9.80
N GLU C 390 -38.06 -0.86 10.00
CA GLU C 390 -39.06 -1.07 8.97
C GLU C 390 -39.77 0.20 8.47
N LYS C 391 -40.13 1.07 9.40
CA LYS C 391 -40.86 2.31 9.14
C LYS C 391 -40.14 3.52 9.76
N VAL C 392 -39.81 4.45 8.89
CA VAL C 392 -39.10 5.64 9.29
C VAL C 392 -39.90 6.82 8.83
N ALA C 393 -40.13 7.76 9.73
CA ALA C 393 -40.74 9.02 9.29
C ALA C 393 -39.69 10.18 9.33
N VAL C 394 -39.83 11.15 8.45
CA VAL C 394 -38.89 12.30 8.41
C VAL C 394 -39.74 13.58 8.48
N TYR C 395 -39.53 14.36 9.53
CA TYR C 395 -40.13 15.68 9.71
C TYR C 395 -39.11 16.78 9.28
N MET C 396 -39.49 17.64 8.35
CA MET C 396 -38.56 18.59 7.76
C MET C 396 -39.22 19.95 7.79
N SER C 397 -38.48 20.97 8.20
CA SER C 397 -38.87 22.35 8.01
C SER C 397 -37.67 23.09 7.42
N SER C 398 -37.96 23.95 6.45
CA SER C 398 -36.93 24.66 5.70
C SER C 398 -37.40 26.04 5.22
N PHE C 399 -37.01 27.09 5.93
CA PHE C 399 -37.57 28.41 5.66
C PHE C 399 -36.31 29.31 5.70
N THR C 400 -36.14 30.22 4.74
CA THR C 400 -35.29 31.43 4.97
C THR C 400 -35.90 32.22 6.15
N PRO C 401 -35.26 32.24 7.36
CA PRO C 401 -35.81 33.10 8.44
C PRO C 401 -35.98 34.61 8.01
N LEU C 402 -36.93 35.29 8.64
CA LEU C 402 -37.26 36.74 8.37
C LEU C 402 -36.03 37.66 8.50
N MET C 403 -35.28 37.58 9.62
CA MET C 403 -34.01 38.37 9.69
C MET C 403 -33.23 38.35 8.33
N HIS C 404 -33.26 37.21 7.65
CA HIS C 404 -32.53 37.10 6.40
C HIS C 404 -33.29 37.53 5.18
N ASN C 405 -34.56 37.83 5.30
CA ASN C 405 -35.17 38.59 4.21
C ASN C 405 -34.69 40.06 4.24
N ILE C 406 -34.71 40.66 5.44
CA ILE C 406 -34.20 42.02 5.62
C ILE C 406 -32.68 42.16 5.37
N SER C 407 -31.88 41.17 5.79
CA SER C 407 -30.42 41.27 5.70
C SER C 407 -29.96 41.29 4.26
N GLY C 408 -30.71 40.68 3.37
CA GLY C 408 -30.28 40.55 2.01
C GLY C 408 -29.70 39.16 1.77
N SER C 409 -29.47 38.32 2.83
CA SER C 409 -28.91 36.98 2.63
C SER C 409 -30.06 35.97 2.42
N LYS C 410 -30.79 36.15 1.33
CA LYS C 410 -32.03 35.41 1.13
C LYS C 410 -31.78 33.93 0.98
N TYR C 411 -30.56 33.58 0.55
CA TYR C 411 -30.18 32.21 0.34
C TYR C 411 -29.97 31.45 1.68
N LYS C 412 -30.01 32.13 2.81
CA LYS C 412 -29.72 31.44 4.08
C LYS C 412 -30.98 30.72 4.68
N LYS C 413 -31.34 29.59 4.10
CA LYS C 413 -32.45 28.79 4.63
C LYS C 413 -31.97 28.08 5.90
N PHE C 414 -32.78 28.13 6.95
CA PHE C 414 -32.62 27.28 8.08
C PHE C 414 -33.29 25.91 7.86
N VAL C 415 -32.56 24.80 8.06
CA VAL C 415 -33.12 23.46 7.83
C VAL C 415 -33.15 22.71 9.14
N ALA C 416 -34.34 22.20 9.48
CA ALA C 416 -34.48 21.38 10.67
C ALA C 416 -35.15 20.07 10.27
N LYS C 417 -34.47 18.95 10.55
CA LYS C 417 -35.06 17.62 10.30
C LYS C 417 -35.02 16.73 11.53
N ILE C 418 -36.10 16.03 11.81
CA ILE C 418 -36.12 14.99 12.83
C ILE C 418 -36.42 13.67 12.11
N VAL C 419 -35.62 12.64 12.40
CA VAL C 419 -35.82 11.31 11.87
C VAL C 419 -36.35 10.37 13.01
N THR C 420 -37.45 9.65 12.75
CA THR C 420 -38.01 8.79 13.77
C THR C 420 -38.16 7.33 13.31
N ASN C 421 -38.19 6.43 14.30
CA ASN C 421 -38.81 5.10 14.12
C ASN C 421 -40.30 5.34 14.16
N HIS C 422 -40.97 5.33 13.03
CA HIS C 422 -42.39 5.69 13.01
C HIS C 422 -43.30 4.68 13.74
N SER C 423 -42.75 3.51 14.12
CA SER C 423 -43.55 2.45 14.76
C SER C 423 -43.86 2.78 16.20
N ASP C 424 -42.92 3.41 16.91
CA ASP C 424 -43.18 3.86 18.27
C ASP C 424 -42.81 5.37 18.47
N GLY C 425 -42.25 6.07 17.46
CA GLY C 425 -42.14 7.54 17.51
C GLY C 425 -40.84 8.02 18.13
N THR C 426 -39.94 7.07 18.43
CA THR C 426 -38.63 7.37 18.96
C THR C 426 -37.77 8.20 17.96
N VAL C 427 -37.19 9.29 18.49
CA VAL C 427 -36.30 10.10 17.72
C VAL C 427 -34.98 9.38 17.49
N LEU C 428 -34.71 9.08 16.22
CA LEU C 428 -33.44 8.41 15.84
C LEU C 428 -32.30 9.42 15.53
N GLY C 429 -32.64 10.61 15.03
CA GLY C 429 -31.66 11.64 14.70
C GLY C 429 -32.29 13.01 14.44
N VAL C 430 -31.48 14.05 14.66
CA VAL C 430 -31.90 15.42 14.46
C VAL C 430 -30.75 16.08 13.74
N HIS C 431 -31.09 16.87 12.74
CA HIS C 431 -30.07 17.45 11.84
C HIS C 431 -30.52 18.85 11.48
N LEU C 432 -29.60 19.81 11.70
CA LEU C 432 -29.88 21.23 11.62
C LEU C 432 -28.85 21.94 10.77
N LEU C 433 -29.28 22.95 10.01
CA LEU C 433 -28.39 23.83 9.26
C LEU C 433 -28.86 25.28 9.46
N GLY C 434 -27.97 26.18 9.85
CA GLY C 434 -28.38 27.58 10.02
C GLY C 434 -27.76 28.14 11.27
N ASP C 435 -27.77 29.45 11.41
CA ASP C 435 -27.05 30.11 12.51
C ASP C 435 -27.56 29.58 13.84
N GLY C 436 -26.67 29.29 14.76
CA GLY C 436 -27.02 28.76 16.08
C GLY C 436 -27.15 27.21 16.10
N ALA C 437 -27.18 26.52 14.94
CA ALA C 437 -27.33 25.05 14.91
C ALA C 437 -26.39 24.27 15.87
N PRO C 438 -25.07 24.60 15.92
CA PRO C 438 -24.24 23.87 16.90
C PRO C 438 -24.70 24.05 18.38
N GLU C 439 -25.34 25.20 18.69
CA GLU C 439 -25.74 25.46 20.08
C GLU C 439 -27.08 24.75 20.38
N ILE C 440 -28.00 24.79 19.40
CA ILE C 440 -29.33 24.17 19.45
C ILE C 440 -29.26 22.65 19.67
N ILE C 441 -28.28 21.99 19.05
CA ILE C 441 -28.26 20.54 19.09
C ILE C 441 -27.71 19.96 20.42
N GLN C 442 -26.99 20.77 21.22
CA GLN C 442 -26.40 20.20 22.44
C GLN C 442 -27.43 19.45 23.30
N ALA C 443 -28.54 20.10 23.64
CA ALA C 443 -29.45 19.47 24.62
C ALA C 443 -30.37 18.47 23.90
N VAL C 444 -30.41 18.56 22.56
CA VAL C 444 -30.95 17.47 21.76
C VAL C 444 -30.26 16.14 22.02
N GLY C 445 -28.92 16.16 22.12
CA GLY C 445 -28.21 15.00 22.54
C GLY C 445 -28.69 14.43 23.91
N VAL C 446 -29.09 15.28 24.86
CA VAL C 446 -29.60 14.82 26.15
C VAL C 446 -30.98 14.12 25.93
N CYS C 447 -31.84 14.71 25.08
CA CYS C 447 -33.15 14.14 24.75
C CYS C 447 -33.03 12.72 24.22
N LEU C 448 -31.98 12.47 23.44
CA LEU C 448 -31.89 11.22 22.72
C LEU C 448 -31.41 10.17 23.71
N ARG C 449 -30.84 10.63 24.79
CA ARG C 449 -30.48 9.78 25.90
C ARG C 449 -31.67 9.37 26.78
N LEU C 450 -32.75 10.11 26.69
CA LEU C 450 -33.95 9.87 27.47
C LEU C 450 -35.04 9.24 26.59
N ASN C 451 -34.58 8.68 25.49
CA ASN C 451 -35.45 8.10 24.49
CA ASN C 451 -35.41 8.14 24.38
C ASN C 451 -36.68 8.91 24.06
N ALA C 452 -36.44 10.20 23.88
CA ALA C 452 -37.40 11.14 23.41
C ALA C 452 -38.14 10.62 22.19
N LYS C 453 -39.44 10.95 22.11
CA LYS C 453 -40.28 10.65 20.98
C LYS C 453 -40.62 11.96 20.29
N ILE C 454 -41.05 11.87 19.04
CA ILE C 454 -41.51 13.06 18.34
C ILE C 454 -42.64 13.84 19.11
N SER C 455 -43.50 13.12 19.83
CA SER C 455 -44.55 13.80 20.61
C SER C 455 -43.95 14.54 21.85
N ASP C 456 -42.86 14.05 22.44
CA ASP C 456 -42.13 14.84 23.48
C ASP C 456 -41.58 16.17 22.97
N PHE C 457 -40.97 16.17 21.79
CA PHE C 457 -40.69 17.43 21.06
C PHE C 457 -41.88 18.33 20.80
N TYR C 458 -42.91 17.76 20.17
CA TYR C 458 -44.02 18.56 19.68
C TYR C 458 -44.83 19.18 20.80
N ASN C 459 -44.91 18.50 21.93
CA ASN C 459 -45.71 18.96 23.06
C ASN C 459 -44.99 19.96 23.99
N THR C 460 -43.67 20.10 23.85
CA THR C 460 -42.91 21.13 24.56
C THR C 460 -43.26 22.47 23.89
N ILE C 461 -43.44 23.49 24.70
CA ILE C 461 -43.86 24.78 24.23
C ILE C 461 -42.62 25.52 23.65
N GLY C 462 -42.75 26.08 22.45
CA GLY C 462 -41.68 26.86 21.82
C GLY C 462 -41.23 28.09 22.63
N VAL C 463 -39.97 28.47 22.38
CA VAL C 463 -39.41 29.78 22.77
C VAL C 463 -39.44 30.59 21.49
N HIS C 464 -40.07 31.75 21.53
CA HIS C 464 -40.35 32.47 20.29
C HIS C 464 -39.85 33.90 20.51
N PRO C 465 -39.22 34.50 19.49
CA PRO C 465 -38.85 33.85 18.15
C PRO C 465 -37.46 33.23 18.13
N THR C 466 -37.34 31.96 17.74
CA THR C 466 -36.03 31.36 17.65
C THR C 466 -36.07 30.45 16.45
N SER C 467 -34.90 30.01 15.95
CA SER C 467 -34.87 28.93 14.95
C SER C 467 -35.20 27.61 15.60
N ALA C 468 -34.60 27.39 16.76
CA ALA C 468 -34.85 26.19 17.58
C ALA C 468 -36.29 25.73 17.78
N GLU C 469 -37.23 26.67 17.92
CA GLU C 469 -38.67 26.30 18.19
C GLU C 469 -39.21 25.47 17.05
N GLU C 470 -38.50 25.49 15.92
CA GLU C 470 -38.97 24.73 14.79
C GLU C 470 -39.06 23.22 15.16
N LEU C 471 -38.18 22.80 16.06
CA LEU C 471 -38.06 21.44 16.48
C LEU C 471 -39.24 21.03 17.37
N CYS C 472 -40.00 22.01 17.87
CA CYS C 472 -41.14 21.75 18.72
C CYS C 472 -42.39 22.14 18.06
N SER C 473 -42.32 22.40 16.75
CA SER C 473 -43.50 22.69 15.97
C SER C 473 -43.83 21.66 14.89
N MET C 474 -43.23 20.48 14.86
CA MET C 474 -43.52 19.57 13.73
C MET C 474 -44.21 18.29 14.21
N ARG C 475 -45.42 18.05 13.73
CA ARG C 475 -46.15 16.84 14.15
C ARG C 475 -46.59 15.93 13.01
N THR C 476 -46.46 16.40 11.77
CA THR C 476 -46.79 15.61 10.58
C THR C 476 -45.54 15.26 9.77
N PRO C 477 -45.30 13.96 9.43
CA PRO C 477 -44.11 13.64 8.61
C PRO C 477 -44.15 14.26 7.25
N SER C 478 -42.98 14.67 6.71
CA SER C 478 -42.94 15.13 5.32
C SER C 478 -42.94 13.95 4.38
N TYR C 479 -42.40 12.83 4.86
CA TYR C 479 -42.30 11.59 4.07
C TYR C 479 -41.72 10.50 4.96
N TYR C 480 -41.67 9.27 4.40
CA TYR C 480 -41.36 8.06 5.14
C TYR C 480 -40.43 7.15 4.33
N TYR C 481 -39.75 6.26 5.03
CA TYR C 481 -39.13 5.10 4.39
C TYR C 481 -39.90 3.91 4.91
N VAL C 482 -40.48 3.14 3.99
CA VAL C 482 -41.08 1.83 4.38
C VAL C 482 -40.30 0.69 3.73
N LYS C 483 -39.73 -0.17 4.55
CA LYS C 483 -38.84 -1.26 4.09
C LYS C 483 -37.68 -0.77 3.23
N GLY C 484 -37.15 0.40 3.58
CA GLY C 484 -36.05 1.00 2.83
C GLY C 484 -36.56 1.80 1.66
N GLU C 485 -37.85 1.75 1.38
CA GLU C 485 -38.26 2.55 0.25
C GLU C 485 -38.90 3.88 0.64
N LYS C 486 -38.21 4.95 0.25
CA LYS C 486 -38.65 6.34 0.48
C LYS C 486 -40.03 6.55 -0.11
N MET C 487 -40.90 7.23 0.62
CA MET C 487 -42.20 7.56 0.09
C MET C 487 -42.95 8.65 0.87
N GLU C 488 -43.73 9.35 0.08
CA GLU C 488 -44.69 10.36 0.48
C GLU C 488 -45.61 9.97 1.64
N LYS C 489 -46.45 8.94 1.43
CA LYS C 489 -47.36 8.45 2.47
C LYS C 489 -47.35 6.92 2.64
N GLY D 1 -89.10 42.70 6.06
CA GLY D 1 -88.97 41.66 7.16
C GLY D 1 -87.57 41.43 7.66
N SER D 2 -87.41 40.51 8.61
CA SER D 2 -86.13 40.20 9.18
C SER D 2 -85.38 39.19 8.31
N HIS D 3 -84.05 39.05 8.55
CA HIS D 3 -83.21 38.09 7.85
C HIS D 3 -82.08 37.61 8.80
N MET D 4 -81.38 36.58 8.35
CA MET D 4 -80.58 35.75 9.23
C MET D 4 -79.22 36.38 9.46
N SER D 5 -78.76 36.36 10.73
CA SER D 5 -77.38 36.71 11.11
C SER D 5 -76.48 35.63 10.55
N LYS D 6 -75.26 36.01 10.17
CA LYS D 6 -74.21 35.00 9.93
C LYS D 6 -73.99 34.16 11.18
N ALA D 7 -73.91 32.81 11.04
CA ALA D 7 -73.89 31.87 12.21
C ALA D 7 -72.60 31.06 12.23
N PHE D 8 -72.06 30.76 13.42
CA PHE D 8 -70.77 30.07 13.55
C PHE D 8 -70.80 29.09 14.65
N ASP D 9 -70.03 28.01 14.48
CA ASP D 9 -69.70 27.17 15.59
C ASP D 9 -68.89 27.97 16.65
N LEU D 10 -67.99 28.84 16.17
CA LEU D 10 -67.03 29.50 17.08
C LEU D 10 -66.83 30.91 16.66
N VAL D 11 -67.03 31.81 17.60
CA VAL D 11 -66.63 33.18 17.34
C VAL D 11 -65.45 33.47 18.28
N VAL D 12 -64.37 33.94 17.66
CA VAL D 12 -63.12 34.31 18.33
C VAL D 12 -62.98 35.79 18.35
N ILE D 13 -62.90 36.39 19.54
CA ILE D 13 -62.68 37.82 19.54
C ILE D 13 -61.18 38.05 19.79
N GLY D 14 -60.48 38.58 18.77
CA GLY D 14 -59.00 38.89 18.81
C GLY D 14 -58.30 37.89 17.89
N ALA D 15 -57.78 38.39 16.78
CA ALA D 15 -57.07 37.62 15.80
C ALA D 15 -55.59 37.57 16.10
N GLY D 16 -55.22 37.17 17.33
CA GLY D 16 -53.79 37.15 17.71
C GLY D 16 -53.24 35.75 17.96
N SER D 17 -52.17 35.62 18.76
CA SER D 17 -51.44 34.34 18.81
C SER D 17 -52.42 33.16 19.13
N GLY D 18 -53.18 33.34 20.19
CA GLY D 18 -54.12 32.32 20.70
C GLY D 18 -55.34 32.18 19.79
N GLY D 19 -55.95 33.31 19.43
CA GLY D 19 -57.24 33.30 18.71
C GLY D 19 -57.05 32.68 17.35
N LEU D 20 -55.93 33.02 16.66
CA LEU D 20 -55.67 32.45 15.33
C LEU D 20 -55.36 30.97 15.34
N GLU D 21 -54.62 30.49 16.34
CA GLU D 21 -54.37 29.05 16.41
C GLU D 21 -55.69 28.26 16.64
N ALA D 22 -56.48 28.73 17.62
CA ALA D 22 -57.82 28.19 17.86
C ALA D 22 -58.67 28.21 16.61
N GLY D 23 -58.76 29.38 15.95
CA GLY D 23 -59.65 29.54 14.78
C GLY D 23 -59.23 28.64 13.64
N TRP D 24 -57.94 28.69 13.34
CA TRP D 24 -57.38 27.80 12.32
C TRP D 24 -57.68 26.34 12.60
N ASN D 25 -57.40 25.89 13.84
CA ASN D 25 -57.58 24.49 14.16
C ASN D 25 -59.04 24.04 14.03
N ALA D 26 -59.96 24.84 14.61
CA ALA D 26 -61.38 24.50 14.58
C ALA D 26 -61.88 24.36 13.14
N ALA D 27 -61.46 25.27 12.27
CA ALA D 27 -61.88 25.28 10.86
C ALA D 27 -61.23 24.17 10.00
N THR D 28 -59.94 23.99 10.14
CA THR D 28 -59.22 23.11 9.24
C THR D 28 -59.07 21.68 9.79
N LEU D 29 -59.17 21.48 11.11
CA LEU D 29 -58.98 20.11 11.63
C LEU D 29 -60.32 19.53 11.92
N TYR D 30 -61.31 20.36 12.27
CA TYR D 30 -62.56 19.80 12.75
C TYR D 30 -63.75 20.31 11.98
N GLY D 31 -63.52 21.06 10.91
CA GLY D 31 -64.57 21.36 9.92
C GLY D 31 -65.60 22.38 10.42
N LYS D 32 -65.23 23.16 11.44
CA LYS D 32 -66.15 24.12 12.07
C LYS D 32 -66.18 25.39 11.26
N ARG D 33 -67.32 26.08 11.33
CA ARG D 33 -67.42 27.42 10.86
C ARG D 33 -67.06 28.46 11.93
N VAL D 34 -66.07 29.30 11.61
CA VAL D 34 -65.35 30.12 12.56
C VAL D 34 -65.32 31.57 12.07
N ALA D 35 -65.68 32.49 12.98
CA ALA D 35 -65.54 33.92 12.80
C ALA D 35 -64.40 34.35 13.69
N VAL D 36 -63.54 35.22 13.16
CA VAL D 36 -62.45 35.87 13.95
C VAL D 36 -62.53 37.41 13.75
N VAL D 37 -62.61 38.13 14.86
CA VAL D 37 -62.77 39.59 14.85
C VAL D 37 -61.47 40.25 15.32
N ASP D 38 -61.06 41.30 14.61
CA ASP D 38 -59.96 42.13 15.05
C ASP D 38 -60.20 43.53 14.58
N VAL D 39 -59.53 44.52 15.23
CA VAL D 39 -59.86 45.95 15.09
C VAL D 39 -59.11 46.60 13.89
N GLN D 40 -58.16 45.87 13.31
CA GLN D 40 -57.40 46.39 12.16
C GLN D 40 -56.92 45.25 11.35
N THR D 41 -56.77 45.43 10.06
CA THR D 41 -56.25 44.32 9.19
C THR D 41 -54.72 44.41 9.02
N SER D 42 -54.10 45.54 9.38
CA SER D 42 -52.63 45.58 9.36
C SER D 42 -52.04 46.46 10.47
N HIS D 43 -50.72 46.36 10.71
CA HIS D 43 -50.14 46.89 11.94
C HIS D 43 -50.24 48.40 12.02
N GLY D 44 -50.19 48.93 13.21
CA GLY D 44 -49.82 50.32 13.33
C GLY D 44 -50.90 51.18 13.91
N PRO D 45 -50.62 52.51 14.03
CA PRO D 45 -51.62 53.40 14.65
C PRO D 45 -52.85 53.42 13.75
N PRO D 46 -54.06 53.67 14.27
CA PRO D 46 -54.32 54.08 15.64
C PRO D 46 -54.27 52.96 16.67
N PHE D 47 -54.42 51.68 16.31
CA PHE D 47 -54.73 50.64 17.31
C PHE D 47 -53.60 49.67 17.53
N TYR D 48 -52.54 49.82 16.70
CA TYR D 48 -51.25 49.10 16.95
C TYR D 48 -51.31 47.57 16.72
N ALA D 49 -52.01 46.86 17.60
CA ALA D 49 -52.25 45.45 17.27
C ALA D 49 -53.30 45.39 16.11
N ALA D 50 -53.43 44.20 15.52
CA ALA D 50 -54.20 44.02 14.29
C ALA D 50 -54.23 42.53 14.00
N LEU D 51 -54.86 42.12 12.89
CA LEU D 51 -54.72 40.77 12.32
C LEU D 51 -53.30 40.23 12.55
N GLY D 52 -53.17 39.06 13.16
CA GLY D 52 -51.81 38.56 13.60
C GLY D 52 -51.56 38.71 15.09
N GLY D 53 -52.23 39.65 15.74
CA GLY D 53 -51.97 39.79 17.18
C GLY D 53 -50.83 40.76 17.59
N THR D 54 -50.59 40.88 18.89
CA THR D 54 -49.55 41.72 19.46
C THR D 54 -48.18 41.26 19.06
N CYS D 55 -47.93 39.95 19.07
CA CYS D 55 -46.61 39.42 18.74
C CYS D 55 -46.18 39.78 17.30
N VAL D 56 -47.07 39.58 16.33
CA VAL D 56 -46.77 39.89 14.93
C VAL D 56 -46.58 41.40 14.64
N ASN D 57 -47.46 42.21 15.23
CA ASN D 57 -47.57 43.60 14.92
C ASN D 57 -46.68 44.53 15.79
N VAL D 58 -46.59 44.28 17.13
CA VAL D 58 -46.01 45.21 18.10
C VAL D 58 -45.49 44.42 19.30
N GLY D 59 -44.82 43.30 19.02
CA GLY D 59 -44.27 42.46 20.05
C GLY D 59 -43.07 41.69 19.53
N CYS D 60 -43.12 40.38 19.73
CA CYS D 60 -42.00 39.51 19.48
C CYS D 60 -41.36 39.67 18.10
N VAL D 61 -42.18 39.70 17.05
CA VAL D 61 -41.63 39.69 15.72
C VAL D 61 -40.87 41.02 15.39
N PRO D 62 -41.55 42.19 15.38
CA PRO D 62 -40.74 43.42 15.12
C PRO D 62 -39.65 43.68 16.16
N LYS D 63 -39.89 43.32 17.44
CA LYS D 63 -38.86 43.62 18.42
C LYS D 63 -37.61 42.80 18.16
N LYS D 64 -37.76 41.57 17.64
CA LYS D 64 -36.57 40.74 17.46
C LYS D 64 -35.80 41.29 16.23
N LEU D 65 -36.52 41.79 15.25
CA LEU D 65 -35.86 42.44 14.11
C LEU D 65 -35.07 43.65 14.61
N MET D 66 -35.65 44.43 15.50
CA MET D 66 -34.97 45.62 16.07
C MET D 66 -33.81 45.33 16.96
N VAL D 67 -33.93 44.32 17.80
CA VAL D 67 -32.79 43.82 18.55
C VAL D 67 -31.63 43.30 17.65
N THR D 68 -31.96 42.49 16.63
CA THR D 68 -30.96 42.03 15.63
C THR D 68 -30.25 43.29 15.07
N GLY D 69 -31.01 44.32 14.69
CA GLY D 69 -30.38 45.56 14.23
C GLY D 69 -29.48 46.19 15.29
N ALA D 70 -29.92 46.18 16.56
CA ALA D 70 -29.14 46.77 17.60
C ALA D 70 -27.87 46.00 17.82
N GLN D 71 -27.88 44.66 17.62
CA GLN D 71 -26.67 43.87 17.75
C GLN D 71 -25.48 44.29 16.84
N TYR D 72 -25.76 44.91 15.68
CA TYR D 72 -24.65 45.36 14.79
C TYR D 72 -23.75 46.44 15.44
N MET D 73 -24.27 47.18 16.40
CA MET D 73 -23.36 48.07 17.12
C MET D 73 -22.20 47.29 17.70
N ASP D 74 -22.53 46.18 18.38
CA ASP D 74 -21.53 45.32 18.96
C ASP D 74 -20.69 44.62 17.91
N HIS D 75 -21.32 44.00 16.91
CA HIS D 75 -20.55 43.31 15.88
C HIS D 75 -19.51 44.22 15.17
N LEU D 76 -19.91 45.44 14.81
CA LEU D 76 -19.04 46.29 14.04
C LEU D 76 -17.83 46.63 14.90
N ARG D 77 -18.08 46.93 16.18
CA ARG D 77 -16.95 47.13 17.15
C ARG D 77 -16.10 45.85 17.38
N GLU D 78 -16.76 44.73 17.69
CA GLU D 78 -16.08 43.46 17.96
C GLU D 78 -15.25 42.92 16.80
N SER D 79 -15.65 43.22 15.56
CA SER D 79 -14.97 42.67 14.43
C SER D 79 -13.46 43.12 14.41
N ALA D 80 -13.14 44.27 15.02
CA ALA D 80 -11.77 44.82 14.97
C ALA D 80 -10.83 43.82 15.58
N GLY D 81 -11.22 43.19 16.69
CA GLY D 81 -10.29 42.18 17.26
C GLY D 81 -9.96 40.99 16.35
N PHE D 82 -10.78 40.67 15.34
CA PHE D 82 -10.55 39.55 14.41
C PHE D 82 -9.99 40.06 13.10
N GLY D 83 -9.63 41.35 13.09
CA GLY D 83 -8.82 41.88 12.00
C GLY D 83 -9.59 42.66 10.99
N TRP D 84 -10.89 42.90 11.26
CA TRP D 84 -11.64 43.69 10.29
C TRP D 84 -11.24 45.16 10.44
N GLU D 85 -11.05 45.84 9.33
CA GLU D 85 -10.67 47.25 9.35
C GLU D 85 -11.67 47.96 8.46
N PHE D 86 -12.12 49.11 8.93
CA PHE D 86 -12.89 50.01 8.09
C PHE D 86 -12.90 51.42 8.74
N ASP D 87 -13.48 52.39 8.04
CA ASP D 87 -13.53 53.76 8.57
C ASP D 87 -14.60 53.94 9.66
N GLY D 88 -14.21 53.82 10.91
CA GLY D 88 -15.13 53.88 12.04
C GLY D 88 -15.90 55.19 12.19
N SER D 89 -15.35 56.28 11.66
CA SER D 89 -15.99 57.58 11.73
C SER D 89 -17.04 57.70 10.66
N SER D 90 -17.13 56.75 9.74
CA SER D 90 -18.26 56.82 8.79
C SER D 90 -19.51 56.10 9.33
N VAL D 91 -19.46 55.55 10.53
CA VAL D 91 -20.50 54.61 10.88
C VAL D 91 -21.65 55.44 11.36
N LYS D 92 -22.85 55.15 10.79
CA LYS D 92 -24.12 55.62 11.41
C LYS D 92 -25.31 54.60 11.37
N ALA D 93 -26.11 54.66 12.44
CA ALA D 93 -27.27 53.82 12.65
C ALA D 93 -28.45 54.58 12.10
N ASN D 94 -29.00 54.12 10.99
CA ASN D 94 -30.13 54.83 10.39
C ASN D 94 -31.46 54.22 10.89
N TRP D 95 -32.03 54.81 11.94
CA TRP D 95 -33.30 54.35 12.54
C TRP D 95 -34.43 54.27 11.53
N LYS D 96 -34.54 55.30 10.67
CA LYS D 96 -35.64 55.32 9.71
C LYS D 96 -35.65 54.09 8.79
N LYS D 97 -34.46 53.64 8.37
CA LYS D 97 -34.35 52.52 7.44
C LYS D 97 -34.77 51.25 8.18
N LEU D 98 -34.34 51.13 9.44
CA LEU D 98 -34.76 50.01 10.30
C LEU D 98 -36.28 49.94 10.41
N ILE D 99 -36.91 51.07 10.69
CA ILE D 99 -38.31 51.05 11.00
C ILE D 99 -39.04 50.72 9.68
N ALA D 100 -38.60 51.34 8.57
CA ALA D 100 -39.18 51.06 7.23
C ALA D 100 -39.08 49.57 6.90
N ALA D 101 -37.90 49.00 7.17
CA ALA D 101 -37.65 47.57 6.87
C ALA D 101 -38.62 46.67 7.72
N LYS D 102 -38.69 46.95 9.02
CA LYS D 102 -39.55 46.19 9.94
C LYS D 102 -41.01 46.40 9.55
N ASN D 103 -41.38 47.64 9.15
CA ASN D 103 -42.83 47.81 8.79
C ASN D 103 -43.19 46.91 7.62
N GLU D 104 -42.28 46.83 6.62
CA GLU D 104 -42.52 46.04 5.40
CA GLU D 104 -42.59 46.06 5.43
C GLU D 104 -42.66 44.59 5.73
N ALA D 105 -41.73 44.09 6.55
CA ALA D 105 -41.77 42.70 7.02
C ALA D 105 -43.07 42.41 7.77
N VAL D 106 -43.57 43.35 8.57
CA VAL D 106 -44.78 43.06 9.34
C VAL D 106 -45.99 43.13 8.39
N LEU D 107 -45.96 44.10 7.47
CA LEU D 107 -47.07 44.25 6.54
C LEU D 107 -47.22 42.97 5.70
N ASP D 108 -46.09 42.36 5.28
CA ASP D 108 -46.18 41.09 4.49
C ASP D 108 -46.81 39.95 5.30
N ILE D 109 -46.57 39.90 6.61
CA ILE D 109 -47.22 38.88 7.43
C ILE D 109 -48.71 39.23 7.50
N ASN D 110 -49.05 40.50 7.72
CA ASN D 110 -50.49 40.88 7.77
C ASN D 110 -51.17 40.43 6.46
N LYS D 111 -50.54 40.75 5.31
CA LYS D 111 -51.09 40.40 4.02
C LYS D 111 -51.25 38.88 3.80
N SER D 112 -50.21 38.15 4.20
CA SER D 112 -50.19 36.70 4.22
C SER D 112 -51.33 36.14 5.07
N TYR D 113 -51.51 36.65 6.26
CA TYR D 113 -52.61 36.10 7.07
C TYR D 113 -54.02 36.43 6.45
N GLU D 114 -54.14 37.60 5.84
CA GLU D 114 -55.40 37.90 5.22
C GLU D 114 -55.70 36.94 4.02
N GLY D 115 -54.65 36.65 3.23
CA GLY D 115 -54.71 35.69 2.14
C GLY D 115 -55.12 34.32 2.67
N MET D 116 -54.60 33.91 3.81
CA MET D 116 -55.02 32.67 4.43
C MET D 116 -56.47 32.63 4.81
N PHE D 117 -57.02 33.75 5.36
CA PHE D 117 -58.48 33.81 5.61
C PHE D 117 -59.25 33.63 4.27
N ASN D 118 -58.86 34.41 3.27
CA ASN D 118 -59.52 34.39 1.99
C ASN D 118 -59.51 32.99 1.37
N ASP D 119 -58.44 32.25 1.57
CA ASP D 119 -58.29 30.94 0.94
C ASP D 119 -58.88 29.77 1.69
N THR D 120 -59.20 29.97 2.97
CA THR D 120 -59.59 28.90 3.83
C THR D 120 -61.14 28.89 4.09
N GLU D 121 -61.78 27.83 3.57
CA GLU D 121 -63.20 27.66 3.70
C GLU D 121 -63.62 27.43 5.17
N GLY D 122 -64.71 28.07 5.61
CA GLY D 122 -65.15 28.02 7.01
C GLY D 122 -64.33 28.89 8.00
N LEU D 123 -63.42 29.74 7.49
CA LEU D 123 -62.63 30.60 8.38
C LEU D 123 -62.82 32.05 7.94
N ASP D 124 -63.61 32.85 8.69
CA ASP D 124 -63.97 34.25 8.24
C ASP D 124 -63.45 35.30 9.18
N PHE D 125 -62.90 36.36 8.61
CA PHE D 125 -62.47 37.55 9.35
C PHE D 125 -63.53 38.63 9.34
N PHE D 126 -63.67 39.32 10.50
CA PHE D 126 -64.45 40.55 10.68
C PHE D 126 -63.65 41.70 11.27
N LEU D 127 -63.64 42.84 10.56
CA LEU D 127 -63.00 44.05 11.01
C LEU D 127 -64.00 44.79 11.95
N GLY D 128 -63.56 45.06 13.18
CA GLY D 128 -64.31 45.98 14.10
C GLY D 128 -64.04 45.55 15.54
N TRP D 129 -64.84 46.10 16.46
CA TRP D 129 -64.74 45.90 17.87
C TRP D 129 -65.75 44.88 18.33
N GLY D 130 -65.30 43.70 18.76
CA GLY D 130 -66.16 42.59 19.23
C GLY D 130 -66.61 42.82 20.66
N SER D 131 -67.88 42.52 21.01
CA SER D 131 -68.32 42.54 22.46
C SER D 131 -69.43 41.51 22.65
N LEU D 132 -69.71 41.11 23.88
CA LEU D 132 -70.68 40.06 24.13
C LEU D 132 -71.99 40.81 24.26
N GLU D 133 -72.90 40.62 23.31
CA GLU D 133 -74.26 41.13 23.55
C GLU D 133 -75.04 40.18 24.48
N SER D 134 -74.90 38.86 24.27
CA SER D 134 -75.48 37.86 25.15
C SER D 134 -74.69 36.60 24.97
N LYS D 135 -75.01 35.59 25.79
CA LYS D 135 -74.33 34.28 25.86
C LYS D 135 -73.96 33.66 24.47
N ASN D 136 -74.77 33.94 23.44
CA ASN D 136 -74.54 33.34 22.09
C ASN D 136 -74.64 34.39 21.01
N VAL D 137 -74.39 35.65 21.40
CA VAL D 137 -74.42 36.69 20.44
C VAL D 137 -73.18 37.55 20.60
N VAL D 138 -72.40 37.64 19.51
CA VAL D 138 -71.28 38.58 19.43
C VAL D 138 -71.60 39.66 18.47
N VAL D 139 -71.44 40.89 18.94
CA VAL D 139 -71.66 41.99 18.09
C VAL D 139 -70.30 42.65 17.77
N VAL D 140 -70.21 43.13 16.56
CA VAL D 140 -69.03 43.85 16.05
C VAL D 140 -69.46 45.28 15.69
N ARG D 141 -68.86 46.26 16.34
CA ARG D 141 -69.18 47.66 16.21
C ARG D 141 -68.00 48.46 15.56
N GLU D 142 -68.38 49.64 15.09
CA GLU D 142 -67.56 50.59 14.34
C GLU D 142 -66.37 51.02 15.19
N THR D 143 -66.57 51.25 16.50
CA THR D 143 -65.43 51.63 17.39
C THR D 143 -65.48 50.95 18.75
N ALA D 144 -64.52 51.20 19.63
CA ALA D 144 -64.56 50.61 20.98
C ALA D 144 -65.69 51.20 21.86
N ASP D 145 -66.22 52.31 21.42
CA ASP D 145 -67.37 52.91 22.13
C ASP D 145 -68.59 52.03 21.93
N PRO D 146 -69.16 51.49 23.06
CA PRO D 146 -70.29 50.55 22.94
C PRO D 146 -71.57 51.16 22.30
N LYS D 147 -71.57 52.45 21.99
CA LYS D 147 -72.70 53.11 21.37
C LYS D 147 -72.46 53.35 19.90
N SER D 148 -71.23 53.08 19.41
CA SER D 148 -70.98 53.18 17.99
C SER D 148 -71.86 52.18 17.23
N ALA D 149 -72.11 52.44 15.94
CA ALA D 149 -72.95 51.55 15.14
C ALA D 149 -72.49 50.09 15.17
N VAL D 150 -73.46 49.18 15.29
CA VAL D 150 -73.25 47.77 15.08
C VAL D 150 -73.00 47.48 13.60
N LYS D 151 -71.85 46.87 13.24
CA LYS D 151 -71.63 46.48 11.83
C LYS D 151 -72.25 45.08 11.54
N GLU D 152 -72.15 44.14 12.50
CA GLU D 152 -72.64 42.79 12.36
C GLU D 152 -72.99 42.20 13.66
N ARG D 153 -74.05 41.45 13.63
CA ARG D 153 -74.49 40.69 14.80
C ARG D 153 -74.37 39.22 14.41
N LEU D 154 -73.49 38.53 15.15
CA LEU D 154 -73.11 37.15 14.86
C LEU D 154 -73.72 36.18 15.87
N GLN D 155 -74.31 35.10 15.31
CA GLN D 155 -74.78 34.03 16.13
C GLN D 155 -73.62 33.08 16.44
N ALA D 156 -73.43 32.77 17.71
CA ALA D 156 -72.25 32.01 18.06
C ALA D 156 -72.61 30.90 19.00
N ASP D 157 -72.40 29.65 18.60
CA ASP D 157 -72.54 28.56 19.57
C ASP D 157 -71.56 28.63 20.75
N HIS D 158 -70.31 28.95 20.40
CA HIS D 158 -69.20 29.04 21.34
C HIS D 158 -68.48 30.37 21.10
N ILE D 159 -67.99 30.95 22.19
CA ILE D 159 -67.33 32.24 22.10
C ILE D 159 -65.95 32.11 22.78
N LEU D 160 -64.94 32.57 22.08
CA LEU D 160 -63.55 32.59 22.62
C LEU D 160 -63.07 33.99 22.81
N LEU D 161 -62.72 34.32 24.03
CA LEU D 161 -62.17 35.63 24.34
C LEU D 161 -60.63 35.58 24.22
N ALA D 162 -60.06 36.35 23.30
CA ALA D 162 -58.62 36.22 23.01
C ALA D 162 -58.09 37.60 22.62
N THR D 163 -58.49 38.64 23.39
CA THR D 163 -58.18 40.04 23.12
C THR D 163 -56.83 40.49 23.70
N GLY D 164 -56.10 39.59 24.37
CA GLY D 164 -54.71 39.91 24.77
C GLY D 164 -54.60 40.85 25.97
N SER D 165 -53.55 41.67 25.98
CA SER D 165 -53.28 42.63 27.04
C SER D 165 -52.93 44.02 26.45
N TRP D 166 -52.62 45.01 27.27
CA TRP D 166 -52.44 46.36 26.80
C TRP D 166 -51.42 46.98 27.80
N PRO D 167 -50.64 47.97 27.37
CA PRO D 167 -49.66 48.54 28.31
C PRO D 167 -50.35 49.22 29.53
N GLN D 168 -49.83 48.96 30.72
CA GLN D 168 -50.35 49.58 31.92
C GLN D 168 -49.69 50.97 32.11
N MET D 169 -50.49 52.02 32.26
CA MET D 169 -49.95 53.35 32.30
C MET D 169 -50.34 53.88 33.65
N PRO D 170 -49.36 54.14 34.54
CA PRO D 170 -49.73 54.61 35.88
C PRO D 170 -50.43 56.00 35.88
N ALA D 171 -51.36 56.19 36.81
CA ALA D 171 -52.12 57.41 36.92
C ALA D 171 -51.24 58.45 37.66
N ILE D 172 -50.28 59.07 36.97
CA ILE D 172 -49.44 60.09 37.58
C ILE D 172 -49.76 61.37 36.79
N PRO D 173 -49.58 62.55 37.41
CA PRO D 173 -49.52 63.80 36.61
C PRO D 173 -48.50 63.71 35.44
N GLY D 174 -48.96 64.12 34.25
CA GLY D 174 -48.20 64.12 32.99
C GLY D 174 -48.03 62.76 32.30
N ILE D 175 -48.75 61.74 32.76
CA ILE D 175 -48.79 60.46 32.03
C ILE D 175 -49.05 60.63 30.53
N GLU D 176 -49.88 61.58 30.16
CA GLU D 176 -50.16 61.81 28.75
C GLU D 176 -48.93 62.26 27.92
N HIS D 177 -47.81 62.62 28.58
CA HIS D 177 -46.58 63.00 27.85
C HIS D 177 -45.67 61.77 27.66
N CYS D 178 -46.13 60.62 28.15
CA CYS D 178 -45.42 59.32 28.04
C CYS D 178 -45.89 58.45 26.87
N ILE D 179 -45.08 57.49 26.46
CA ILE D 179 -45.53 56.52 25.47
C ILE D 179 -45.46 55.13 26.08
N SER D 180 -45.89 54.13 25.31
CA SER D 180 -45.65 52.73 25.64
C SER D 180 -44.81 52.09 24.49
N SER D 181 -44.57 50.77 24.57
CA SER D 181 -43.93 50.01 23.48
C SER D 181 -44.67 50.22 22.15
N ASN D 182 -46.00 50.34 22.20
CA ASN D 182 -46.82 50.57 21.01
C ASN D 182 -46.24 51.66 20.14
N GLU D 183 -46.11 52.85 20.72
CA GLU D 183 -45.60 53.98 19.99
C GLU D 183 -44.06 53.86 19.76
N ALA D 184 -43.34 53.20 20.64
CA ALA D 184 -41.86 53.04 20.39
C ALA D 184 -41.60 52.45 18.97
N PHE D 185 -42.50 51.58 18.49
CA PHE D 185 -42.27 50.93 17.18
C PHE D 185 -42.39 51.85 15.98
N TYR D 186 -42.95 53.04 16.20
CA TYR D 186 -43.24 54.01 15.14
C TYR D 186 -42.61 55.39 15.34
N LEU D 187 -41.74 55.58 16.33
CA LEU D 187 -41.03 56.84 16.39
C LEU D 187 -40.42 57.28 15.06
N PRO D 188 -40.66 58.55 14.67
CA PRO D 188 -40.11 58.98 13.37
C PRO D 188 -38.58 59.12 13.46
N GLU D 189 -38.05 59.37 14.66
CA GLU D 189 -36.60 59.57 14.82
C GLU D 189 -36.20 58.81 16.02
N PRO D 190 -34.94 58.38 16.03
CA PRO D 190 -34.56 57.73 17.27
C PRO D 190 -34.37 58.75 18.38
N PRO D 191 -34.88 58.49 19.60
CA PRO D 191 -34.73 59.52 20.62
C PRO D 191 -33.27 59.72 21.06
N ARG D 192 -32.90 60.96 21.35
CA ARG D 192 -31.54 61.24 21.81
C ARG D 192 -31.38 60.81 23.26
N ARG D 193 -32.35 61.17 24.11
CA ARG D 193 -32.40 60.69 25.49
C ARG D 193 -33.76 59.99 25.70
N VAL D 194 -33.71 58.79 26.28
CA VAL D 194 -34.95 58.09 26.57
C VAL D 194 -34.81 57.47 27.99
N LEU D 195 -35.91 57.49 28.72
CA LEU D 195 -36.06 56.74 29.95
C LEU D 195 -37.06 55.60 29.61
N THR D 196 -36.59 54.36 29.82
CA THR D 196 -37.56 53.21 29.80
C THR D 196 -37.93 52.93 31.27
N VAL D 197 -39.23 53.01 31.57
CA VAL D 197 -39.68 52.78 32.94
C VAL D 197 -40.10 51.32 33.15
N GLY D 198 -39.42 50.58 34.00
CA GLY D 198 -39.82 49.22 34.31
C GLY D 198 -38.57 48.36 34.24
N GLY D 199 -38.56 47.27 34.99
CA GLY D 199 -37.43 46.36 35.01
C GLY D 199 -37.67 44.99 34.39
N GLY D 200 -38.81 44.81 33.69
CA GLY D 200 -39.10 43.57 32.96
C GLY D 200 -38.57 43.49 31.52
N PHE D 201 -38.89 42.39 30.79
CA PHE D 201 -38.15 42.12 29.51
C PHE D 201 -38.37 43.25 28.52
N ILE D 202 -39.53 43.87 28.54
CA ILE D 202 -39.85 44.85 27.49
C ILE D 202 -38.97 46.12 27.67
N SER D 203 -38.90 46.65 28.90
CA SER D 203 -38.05 47.83 29.23
C SER D 203 -36.56 47.55 28.85
N VAL D 204 -36.08 46.42 29.30
CA VAL D 204 -34.71 45.96 29.06
C VAL D 204 -34.35 45.79 27.59
N GLU D 205 -35.21 45.09 26.85
CA GLU D 205 -34.99 44.97 25.42
C GLU D 205 -34.95 46.29 24.68
N PHE D 206 -35.98 47.10 24.91
CA PHE D 206 -36.06 48.44 24.27
C PHE D 206 -34.90 49.34 24.71
N ALA D 207 -34.44 49.17 25.93
CA ALA D 207 -33.25 49.96 26.36
C ALA D 207 -32.07 49.63 25.41
N GLY D 208 -31.79 48.35 25.16
CA GLY D 208 -30.72 47.95 24.20
C GLY D 208 -30.97 48.43 22.77
N ILE D 209 -32.25 48.46 22.35
CA ILE D 209 -32.56 48.90 21.01
C ILE D 209 -32.21 50.39 20.86
N PHE D 210 -32.76 51.21 21.76
CA PHE D 210 -32.62 52.69 21.68
C PHE D 210 -31.11 53.03 21.86
N ASN D 211 -30.42 52.22 22.65
CA ASN D 211 -28.96 52.41 22.93
C ASN D 211 -28.12 52.32 21.67
N ALA D 212 -28.48 51.42 20.76
CA ALA D 212 -27.75 51.20 19.55
C ALA D 212 -28.06 52.27 18.49
N TYR D 213 -29.28 52.81 18.50
CA TYR D 213 -29.70 53.71 17.38
C TYR D 213 -29.69 55.19 17.81
N LYS D 214 -29.35 55.46 19.07
CA LYS D 214 -29.54 56.82 19.56
C LYS D 214 -28.55 57.73 18.76
N PRO D 215 -28.89 58.96 18.53
CA PRO D 215 -27.97 59.81 17.79
C PRO D 215 -26.75 60.27 18.65
N PRO D 216 -25.75 60.92 18.02
CA PRO D 216 -24.56 61.45 18.76
C PRO D 216 -24.95 62.21 20.04
N GLY D 217 -24.15 61.97 21.08
CA GLY D 217 -24.41 62.48 22.42
C GLY D 217 -25.57 61.93 23.22
N GLY D 218 -26.20 60.84 22.77
CA GLY D 218 -27.42 60.36 23.41
C GLY D 218 -27.18 59.59 24.66
N LYS D 219 -28.24 59.30 25.40
CA LYS D 219 -28.09 58.51 26.60
C LYS D 219 -29.40 57.69 26.77
N VAL D 220 -29.29 56.41 27.10
CA VAL D 220 -30.51 55.65 27.50
C VAL D 220 -30.46 55.41 29.00
N THR D 221 -31.58 55.63 29.68
CA THR D 221 -31.69 55.36 31.12
C THR D 221 -32.89 54.43 31.33
N LEU D 222 -32.74 53.43 32.17
CA LEU D 222 -33.86 52.55 32.53
C LEU D 222 -34.02 52.75 34.00
N CYS D 223 -35.24 52.99 34.48
CA CYS D 223 -35.51 52.92 35.92
C CYS D 223 -36.41 51.76 36.29
N TYR D 224 -36.24 51.31 37.54
CA TYR D 224 -37.06 50.24 38.15
C TYR D 224 -37.36 50.57 39.59
N ARG D 225 -38.62 50.37 39.99
CA ARG D 225 -39.07 50.81 41.32
C ARG D 225 -38.45 50.00 42.43
N ASN D 226 -37.94 48.82 42.10
CA ASN D 226 -37.31 47.99 43.12
C ASN D 226 -35.78 47.91 42.99
N ASN D 227 -35.18 46.99 43.69
CA ASN D 227 -33.74 46.95 43.89
CA ASN D 227 -33.73 47.01 43.84
C ASN D 227 -32.91 46.37 42.72
N LEU D 228 -33.50 45.48 41.93
CA LEU D 228 -32.73 44.63 41.01
C LEU D 228 -33.68 44.29 39.83
N ILE D 229 -33.35 44.73 38.60
CA ILE D 229 -34.20 44.50 37.44
C ILE D 229 -34.51 42.98 37.21
N LEU D 230 -35.53 42.69 36.42
CA LEU D 230 -35.83 41.31 35.97
C LEU D 230 -36.23 40.32 37.09
N ARG D 231 -37.10 40.77 38.00
CA ARG D 231 -37.70 39.88 39.04
C ARG D 231 -38.29 38.68 38.27
N GLY D 232 -38.24 37.51 38.86
CA GLY D 232 -38.65 36.27 38.23
C GLY D 232 -37.52 35.46 37.59
N PHE D 233 -36.40 36.12 37.31
CA PHE D 233 -35.28 35.51 36.63
C PHE D 233 -34.27 35.07 37.68
N ASP D 234 -33.30 34.24 37.26
CA ASP D 234 -32.29 33.75 38.17
C ASP D 234 -31.55 34.97 38.72
N GLU D 235 -31.22 34.96 40.01
CA GLU D 235 -30.56 36.13 40.60
C GLU D 235 -29.13 36.48 40.10
N THR D 236 -28.26 35.49 39.90
CA THR D 236 -26.94 35.74 39.27
C THR D 236 -27.13 36.41 37.90
N ILE D 237 -28.07 35.90 37.12
CA ILE D 237 -28.39 36.50 35.84
C ILE D 237 -28.87 37.96 35.96
N ARG D 238 -29.83 38.24 36.86
CA ARG D 238 -30.26 39.63 37.03
C ARG D 238 -29.12 40.63 37.26
N GLU D 239 -28.11 40.20 38.02
CA GLU D 239 -26.99 41.05 38.40
C GLU D 239 -26.02 41.16 37.29
N GLU D 240 -25.74 40.05 36.62
CA GLU D 240 -24.90 40.13 35.42
C GLU D 240 -25.52 40.99 34.30
N VAL D 241 -26.83 40.83 33.99
CA VAL D 241 -27.42 41.65 32.92
C VAL D 241 -27.34 43.13 33.26
N THR D 242 -27.54 43.43 34.55
CA THR D 242 -27.42 44.79 35.01
C THR D 242 -26.02 45.35 34.68
N LYS D 243 -24.99 44.56 34.97
CA LYS D 243 -23.60 44.94 34.77
C LYS D 243 -23.30 45.03 33.27
N GLN D 244 -23.87 44.11 32.50
CA GLN D 244 -23.61 44.11 31.05
C GLN D 244 -24.33 45.25 30.32
N LEU D 245 -25.51 45.62 30.78
CA LEU D 245 -26.15 46.84 30.29
C LEU D 245 -25.33 48.09 30.61
N THR D 246 -24.89 48.19 31.88
CA THR D 246 -24.04 49.30 32.33
C THR D 246 -22.82 49.37 31.44
N ALA D 247 -22.11 48.26 31.26
CA ALA D 247 -20.90 48.27 30.45
C ALA D 247 -21.16 48.78 29.01
N ASN D 248 -22.35 48.54 28.48
CA ASN D 248 -22.60 48.99 27.13
C ASN D 248 -23.19 50.39 27.19
N GLY D 249 -23.12 51.07 28.36
CA GLY D 249 -23.50 52.51 28.41
C GLY D 249 -24.91 52.88 28.80
N ILE D 250 -25.73 51.88 29.15
CA ILE D 250 -27.08 52.17 29.64
C ILE D 250 -27.05 52.54 31.13
N GLU D 251 -27.79 53.54 31.54
CA GLU D 251 -27.85 53.96 32.94
CA GLU D 251 -27.82 53.90 32.96
C GLU D 251 -29.05 53.27 33.60
N ILE D 252 -28.79 52.43 34.61
CA ILE D 252 -29.83 51.73 35.37
C ILE D 252 -30.13 52.43 36.68
N MET D 253 -31.32 53.03 36.82
CA MET D 253 -31.71 53.59 38.07
C MET D 253 -32.65 52.68 38.88
N THR D 254 -32.13 51.92 39.85
CA THR D 254 -33.01 51.07 40.66
C THR D 254 -33.58 51.84 41.88
N ASN D 255 -34.61 51.31 42.56
CA ASN D 255 -35.31 52.07 43.65
C ASN D 255 -35.74 53.48 43.27
N GLU D 256 -36.23 53.64 42.04
CA GLU D 256 -36.77 54.92 41.58
C GLU D 256 -38.03 54.66 40.79
N ASN D 257 -38.97 55.58 40.89
CA ASN D 257 -40.23 55.41 40.21
C ASN D 257 -40.71 56.80 39.92
N PRO D 258 -41.11 57.08 38.67
CA PRO D 258 -41.64 58.43 38.36
C PRO D 258 -42.91 58.75 39.13
N ALA D 259 -43.01 59.98 39.60
CA ALA D 259 -44.17 60.50 40.29
C ALA D 259 -44.86 61.56 39.41
N LYS D 260 -44.14 62.17 38.47
CA LYS D 260 -44.82 63.06 37.48
C LYS D 260 -44.01 63.41 36.25
N VAL D 261 -44.67 63.83 35.18
CA VAL D 261 -43.92 64.22 34.02
C VAL D 261 -44.48 65.58 33.58
N SER D 262 -43.59 66.56 33.30
CA SER D 262 -44.06 67.82 32.73
C SER D 262 -43.42 68.01 31.34
N LEU D 263 -44.07 68.78 30.45
CA LEU D 263 -43.46 69.08 29.18
C LEU D 263 -42.58 70.33 29.33
N ASN D 264 -41.34 70.27 28.87
CA ASN D 264 -40.49 71.45 28.83
C ASN D 264 -40.91 72.30 27.66
N THR D 265 -40.46 73.55 27.67
CA THR D 265 -40.83 74.42 26.60
C THR D 265 -40.22 74.03 25.24
N ASP D 266 -39.12 73.27 25.21
CA ASP D 266 -38.61 72.74 23.95
C ASP D 266 -39.32 71.38 23.51
N GLY D 267 -40.27 70.85 24.30
CA GLY D 267 -41.00 69.59 23.99
C GLY D 267 -40.39 68.32 24.58
N SER D 268 -39.20 68.42 25.14
CA SER D 268 -38.65 67.35 25.92
C SER D 268 -39.46 67.18 27.26
N LYS D 269 -39.12 66.12 28.02
CA LYS D 269 -39.89 65.75 29.21
C LYS D 269 -39.05 65.90 30.46
N HIS D 270 -39.70 66.43 31.52
CA HIS D 270 -39.00 66.66 32.78
C HIS D 270 -39.69 65.71 33.74
N VAL D 271 -38.93 64.67 34.12
CA VAL D 271 -39.43 63.59 34.97
C VAL D 271 -38.99 63.83 36.40
N THR D 272 -39.97 63.85 37.31
CA THR D 272 -39.69 63.88 38.74
C THR D 272 -39.97 62.55 39.41
N PHE D 273 -39.00 62.01 40.10
CA PHE D 273 -39.22 60.70 40.75
C PHE D 273 -39.75 60.89 42.16
N GLU D 274 -40.31 59.81 42.72
CA GLU D 274 -40.75 59.76 44.11
C GLU D 274 -39.72 60.29 45.07
N SER D 275 -38.47 59.91 44.84
CA SER D 275 -37.34 60.27 45.68
C SER D 275 -37.00 61.78 45.65
N GLY D 276 -37.52 62.50 44.68
CA GLY D 276 -37.20 63.88 44.55
C GLY D 276 -36.20 64.16 43.45
N LYS D 277 -35.49 63.12 42.99
CA LYS D 277 -34.61 63.16 41.81
C LYS D 277 -35.36 63.50 40.55
N THR D 278 -34.62 63.96 39.56
CA THR D 278 -35.27 64.35 38.32
C THR D 278 -34.41 63.97 37.11
N LEU D 279 -35.04 63.97 35.95
CA LEU D 279 -34.33 63.56 34.72
C LEU D 279 -35.03 64.13 33.51
N ASP D 280 -34.25 64.71 32.61
CA ASP D 280 -34.82 65.16 31.36
C ASP D 280 -34.52 64.25 30.16
N VAL D 281 -35.57 63.93 29.37
CA VAL D 281 -35.43 62.99 28.27
C VAL D 281 -36.27 63.48 27.14
N ASP D 282 -35.97 62.97 25.93
CA ASP D 282 -36.90 63.22 24.79
C ASP D 282 -38.15 62.34 24.78
N VAL D 283 -38.00 61.14 25.30
CA VAL D 283 -39.04 60.13 25.28
C VAL D 283 -39.10 59.42 26.66
N VAL D 284 -40.31 59.31 27.18
CA VAL D 284 -40.52 58.48 28.35
C VAL D 284 -41.37 57.27 27.89
N MET D 285 -40.74 56.10 27.87
CA MET D 285 -41.50 54.87 27.49
C MET D 285 -41.89 54.09 28.74
N MET D 286 -43.18 54.10 29.08
CA MET D 286 -43.70 53.31 30.23
C MET D 286 -43.84 51.86 29.84
N ALA D 287 -43.10 51.01 30.52
CA ALA D 287 -43.14 49.58 30.33
C ALA D 287 -43.20 48.87 31.71
N ILE D 288 -44.09 49.30 32.57
CA ILE D 288 -44.21 48.74 33.91
C ILE D 288 -45.10 47.55 33.99
N GLY D 289 -45.87 47.22 32.95
CA GLY D 289 -46.65 45.96 32.99
C GLY D 289 -47.68 45.95 31.89
N ARG D 290 -48.38 44.84 31.72
CA ARG D 290 -49.45 44.78 30.74
C ARG D 290 -50.64 44.17 31.46
N ILE D 291 -51.80 44.75 31.23
CA ILE D 291 -53.01 44.32 31.88
C ILE D 291 -54.00 43.70 30.85
N PRO D 292 -54.73 42.70 31.29
CA PRO D 292 -55.68 41.96 30.47
C PRO D 292 -56.59 42.96 29.84
N ARG D 293 -56.87 42.78 28.56
CA ARG D 293 -57.63 43.78 27.82
C ARG D 293 -59.15 43.35 27.81
N THR D 294 -59.81 43.61 28.93
CA THR D 294 -61.17 43.16 29.14
C THR D 294 -62.25 44.27 29.02
N ASN D 295 -61.83 45.52 28.91
CA ASN D 295 -62.74 46.65 29.05
C ASN D 295 -63.77 46.89 27.91
N ASP D 296 -63.49 46.47 26.68
CA ASP D 296 -64.36 46.79 25.53
C ASP D 296 -65.30 45.60 25.23
N LEU D 297 -65.15 44.48 25.94
CA LEU D 297 -65.87 43.25 25.63
C LEU D 297 -67.31 43.22 26.22
N GLN D 298 -67.59 44.16 27.15
CA GLN D 298 -68.89 44.36 27.84
C GLN D 298 -69.30 43.07 28.50
N LEU D 299 -68.36 42.51 29.21
CA LEU D 299 -68.54 41.23 29.89
C LEU D 299 -69.71 41.19 30.90
N GLY D 300 -70.05 42.32 31.50
CA GLY D 300 -71.20 42.41 32.37
C GLY D 300 -72.49 42.00 31.66
N ASN D 301 -72.56 42.09 30.32
CA ASN D 301 -73.78 41.70 29.61
C ASN D 301 -74.06 40.24 29.86
N VAL D 302 -73.04 39.49 30.21
CA VAL D 302 -73.19 38.06 30.34
C VAL D 302 -72.67 37.51 31.67
N GLY D 303 -72.04 38.34 32.51
CA GLY D 303 -71.60 37.86 33.83
C GLY D 303 -70.34 37.02 33.89
N VAL D 304 -69.44 37.20 32.92
CA VAL D 304 -68.18 36.47 32.93
C VAL D 304 -67.35 37.02 34.11
N LYS D 305 -66.87 36.19 35.02
CA LYS D 305 -66.17 36.69 36.19
C LYS D 305 -64.75 36.99 35.89
N LEU D 306 -64.29 38.10 36.49
CA LEU D 306 -62.87 38.50 36.50
C LEU D 306 -62.14 37.96 37.76
N THR D 307 -60.80 37.86 37.73
CA THR D 307 -60.01 37.60 38.94
C THR D 307 -59.79 38.94 39.66
N PRO D 308 -59.39 38.88 40.97
CA PRO D 308 -59.02 40.09 41.75
C PRO D 308 -58.09 40.97 40.96
N LYS D 309 -57.12 40.37 40.24
CA LYS D 309 -56.21 41.13 39.34
C LYS D 309 -56.81 41.65 38.02
N GLY D 310 -57.94 41.10 37.54
CA GLY D 310 -58.63 41.65 36.33
C GLY D 310 -58.58 40.75 35.09
N GLY D 311 -57.95 39.60 35.20
CA GLY D 311 -57.98 38.66 34.10
C GLY D 311 -59.37 38.03 34.08
N VAL D 312 -59.75 37.48 32.93
CA VAL D 312 -60.86 36.59 32.92
C VAL D 312 -60.47 35.31 33.68
N GLN D 313 -61.23 34.97 34.72
CA GLN D 313 -61.01 33.73 35.46
C GLN D 313 -61.37 32.56 34.58
N VAL D 314 -60.50 31.56 34.56
CA VAL D 314 -60.81 30.35 33.78
C VAL D 314 -60.34 29.21 34.63
N ASP D 315 -60.85 28.02 34.35
CA ASP D 315 -60.34 26.79 34.94
C ASP D 315 -59.15 26.25 34.13
N GLU D 316 -58.68 25.03 34.38
CA GLU D 316 -57.47 24.51 33.65
C GLU D 316 -57.68 24.27 32.17
N PHE D 317 -58.96 24.25 31.76
CA PHE D 317 -59.35 23.95 30.41
C PHE D 317 -59.79 25.24 29.73
N SER D 318 -59.52 26.41 30.32
CA SER D 318 -59.82 27.70 29.67
C SER D 318 -61.33 28.06 29.67
N ARG D 319 -62.13 27.35 30.47
CA ARG D 319 -63.55 27.73 30.63
C ARG D 319 -63.81 28.83 31.66
N THR D 320 -64.64 29.81 31.27
CA THR D 320 -65.12 30.84 32.19
C THR D 320 -66.28 30.24 33.02
N ASN D 321 -66.89 31.05 33.90
CA ASN D 321 -68.07 30.59 34.63
C ASN D 321 -69.32 30.46 33.74
N VAL D 322 -69.28 30.95 32.50
CA VAL D 322 -70.43 30.96 31.59
C VAL D 322 -70.23 29.84 30.54
N PRO D 323 -71.19 28.88 30.48
CA PRO D 323 -70.99 27.82 29.52
C PRO D 323 -70.89 28.37 28.04
N ASN D 324 -69.90 27.78 27.35
CA ASN D 324 -69.59 28.01 25.93
C ASN D 324 -68.86 29.31 25.71
N ILE D 325 -68.40 29.91 26.80
CA ILE D 325 -67.50 31.06 26.72
C ILE D 325 -66.19 30.70 27.39
N TYR D 326 -65.11 30.82 26.61
CA TYR D 326 -63.76 30.45 26.97
C TYR D 326 -62.80 31.68 26.85
N ALA D 327 -61.61 31.59 27.45
CA ALA D 327 -60.63 32.70 27.45
C ALA D 327 -59.25 32.08 27.48
N ILE D 328 -58.41 32.46 26.52
CA ILE D 328 -57.01 31.95 26.48
C ILE D 328 -56.07 33.16 26.30
N GLY D 329 -54.79 32.97 26.57
CA GLY D 329 -53.78 33.96 26.22
C GLY D 329 -53.67 35.03 27.29
N ASP D 330 -53.16 36.22 26.90
CA ASP D 330 -52.83 37.22 27.94
C ASP D 330 -54.05 37.71 28.67
N ILE D 331 -55.25 37.58 28.07
CA ILE D 331 -56.47 38.08 28.76
C ILE D 331 -56.72 37.29 30.07
N THR D 332 -56.13 36.10 30.19
CA THR D 332 -56.24 35.27 31.43
C THR D 332 -55.12 35.51 32.52
N ASP D 333 -54.13 36.35 32.18
CA ASP D 333 -53.13 36.80 33.13
C ASP D 333 -52.31 35.65 33.79
N ARG D 334 -52.10 34.51 33.10
CA ARG D 334 -51.17 33.52 33.58
CA ARG D 334 -51.15 33.49 33.54
C ARG D 334 -49.75 33.94 33.04
N LEU D 335 -49.25 33.25 32.05
CA LEU D 335 -47.98 33.58 31.43
C LEU D 335 -48.27 34.29 30.12
N MET D 336 -47.77 35.49 30.00
CA MET D 336 -47.91 36.26 28.81
C MET D 336 -46.83 35.96 27.77
N LEU D 337 -46.98 34.84 27.08
CA LEU D 337 -46.02 34.44 26.07
C LEU D 337 -46.84 33.96 24.85
N THR D 338 -46.34 34.25 23.65
CA THR D 338 -46.99 33.87 22.44
C THR D 338 -47.18 32.34 22.36
N PRO D 339 -46.12 31.56 22.65
CA PRO D 339 -46.42 30.13 22.40
C PRO D 339 -47.33 29.44 23.45
N VAL D 340 -47.44 30.05 24.63
CA VAL D 340 -48.44 29.63 25.61
C VAL D 340 -49.85 29.98 25.08
N ALA D 341 -50.06 31.22 24.58
CA ALA D 341 -51.40 31.55 24.02
C ALA D 341 -51.76 30.54 22.91
N ILE D 342 -50.76 30.21 22.09
CA ILE D 342 -50.94 29.21 20.99
C ILE D 342 -51.29 27.89 21.57
N ASN D 343 -50.51 27.45 22.56
CA ASN D 343 -50.78 26.10 23.15
C ASN D 343 -52.19 26.04 23.77
N GLU D 344 -52.59 27.08 24.51
CA GLU D 344 -53.95 27.21 25.05
C GLU D 344 -55.10 27.11 23.99
N GLY D 345 -54.95 27.79 22.86
CA GLY D 345 -55.86 27.76 21.72
C GLY D 345 -55.97 26.38 21.11
N ALA D 346 -54.86 25.70 20.84
CA ALA D 346 -54.91 24.30 20.38
C ALA D 346 -55.61 23.35 21.38
N ALA D 347 -55.28 23.53 22.68
CA ALA D 347 -55.75 22.61 23.71
C ALA D 347 -57.25 22.84 23.86
N LEU D 348 -57.65 24.10 23.84
CA LEU D 348 -59.06 24.43 23.97
C LEU D 348 -59.95 23.89 22.81
N VAL D 349 -59.49 24.04 21.57
CA VAL D 349 -60.23 23.51 20.43
C VAL D 349 -60.24 21.95 20.41
N ASP D 350 -59.12 21.34 20.77
CA ASP D 350 -59.07 19.86 20.98
C ASP D 350 -60.11 19.40 22.00
N THR D 351 -60.26 20.18 23.08
CA THR D 351 -61.19 19.82 24.14
C THR D 351 -62.69 20.01 23.72
N VAL D 352 -63.01 21.18 23.17
CA VAL D 352 -64.35 21.56 22.83
C VAL D 352 -64.86 20.88 21.53
N PHE D 353 -64.04 20.84 20.48
CA PHE D 353 -64.44 20.42 19.15
C PHE D 353 -63.74 19.19 18.69
N GLY D 354 -62.72 18.75 19.44
CA GLY D 354 -62.03 17.54 19.15
C GLY D 354 -62.39 16.45 20.11
N ASN D 355 -61.64 15.39 20.05
CA ASN D 355 -62.00 14.26 20.87
C ASN D 355 -60.87 13.96 21.83
N LYS D 356 -60.01 14.99 22.05
CA LYS D 356 -58.80 14.89 22.89
C LYS D 356 -58.75 15.96 23.98
N PRO D 357 -59.56 15.80 25.07
CA PRO D 357 -59.53 16.90 26.05
C PRO D 357 -58.12 17.12 26.57
N ARG D 358 -57.71 18.38 26.72
CA ARG D 358 -56.30 18.61 27.05
C ARG D 358 -56.17 19.96 27.74
N LYS D 359 -55.29 20.02 28.74
CA LYS D 359 -55.00 21.28 29.36
C LYS D 359 -53.54 21.67 29.13
N THR D 360 -53.31 22.96 28.99
CA THR D 360 -51.97 23.47 28.85
C THR D 360 -51.16 23.26 30.16
N ASP D 361 -49.93 22.80 30.05
CA ASP D 361 -49.00 22.78 31.19
C ASP D 361 -48.22 24.12 31.25
N HIS D 362 -48.51 24.94 32.25
CA HIS D 362 -47.82 26.19 32.42
C HIS D 362 -46.54 26.02 33.25
N THR D 363 -46.09 24.80 33.56
CA THR D 363 -44.84 24.70 34.32
C THR D 363 -43.75 24.37 33.29
N ARG D 364 -42.50 24.57 33.67
CA ARG D 364 -41.34 24.23 32.82
C ARG D 364 -41.43 24.80 31.39
N VAL D 365 -42.05 25.96 31.20
CA VAL D 365 -42.10 26.61 29.87
C VAL D 365 -40.78 27.40 29.66
N ALA D 366 -40.08 27.12 28.56
CA ALA D 366 -38.88 27.89 28.21
C ALA D 366 -39.28 29.28 27.73
N SER D 367 -38.49 30.30 28.13
CA SER D 367 -38.64 31.60 27.55
C SER D 367 -37.32 32.36 27.42
N ALA D 368 -37.37 33.54 26.78
CA ALA D 368 -36.11 34.27 26.50
C ALA D 368 -36.25 35.74 26.80
N VAL D 369 -35.11 36.41 27.07
CA VAL D 369 -35.05 37.85 27.06
C VAL D 369 -34.01 38.27 26.04
N PHE D 370 -34.45 39.08 25.07
CA PHE D 370 -33.53 39.53 24.00
C PHE D 370 -32.78 40.77 24.41
N SER D 371 -32.24 40.71 25.63
CA SER D 371 -31.21 41.62 26.02
C SER D 371 -29.96 41.32 25.16
N ILE D 372 -28.98 42.22 25.19
CA ILE D 372 -27.71 41.97 24.50
C ILE D 372 -26.57 41.86 25.53
N PRO D 373 -26.02 40.63 25.80
CA PRO D 373 -26.40 39.28 25.33
C PRO D 373 -27.69 38.85 25.97
N PRO D 374 -28.31 37.83 25.38
CA PRO D 374 -29.68 37.46 25.76
C PRO D 374 -29.76 36.46 26.96
N ILE D 375 -30.96 36.27 27.53
CA ILE D 375 -31.23 35.24 28.54
C ILE D 375 -32.06 34.10 27.91
N GLY D 376 -31.81 32.87 28.33
CA GLY D 376 -32.68 31.75 27.96
C GLY D 376 -32.91 31.08 29.29
N THR D 377 -34.14 30.70 29.60
CA THR D 377 -34.45 30.06 30.90
C THR D 377 -35.63 29.06 30.77
N CYS D 378 -35.62 28.03 31.61
CA CYS D 378 -36.74 27.10 31.65
C CYS D 378 -36.79 26.51 33.08
N GLY D 379 -37.95 26.62 33.75
CA GLY D 379 -38.19 25.95 35.04
C GLY D 379 -37.87 26.90 36.15
N LEU D 380 -37.68 26.33 37.32
CA LEU D 380 -37.66 27.09 38.59
C LEU D 380 -36.35 27.79 38.86
N ILE D 381 -36.40 29.03 39.33
CA ILE D 381 -35.22 29.62 40.01
C ILE D 381 -34.98 28.99 41.39
N GLU D 382 -33.73 29.04 41.86
CA GLU D 382 -33.30 28.25 43.02
C GLU D 382 -34.07 28.69 44.30
N GLU D 383 -34.22 30.00 44.48
CA GLU D 383 -34.97 30.46 45.68
C GLU D 383 -36.44 30.01 45.68
N VAL D 384 -37.05 29.76 44.52
CA VAL D 384 -38.39 29.13 44.51
C VAL D 384 -38.29 27.58 44.79
N ALA D 385 -37.36 26.91 44.15
CA ALA D 385 -37.17 25.46 44.37
C ALA D 385 -36.88 25.13 45.87
N ALA D 386 -36.00 25.93 46.46
CA ALA D 386 -35.58 25.75 47.86
C ALA D 386 -36.81 25.73 48.80
N LYS D 387 -37.88 26.42 48.41
CA LYS D 387 -39.10 26.45 49.19
C LYS D 387 -39.94 25.20 49.05
N GLU D 388 -39.71 24.37 48.05
CA GLU D 388 -40.59 23.22 47.80
C GLU D 388 -39.90 21.88 47.84
N PHE D 389 -38.58 21.92 47.98
CA PHE D 389 -37.78 20.75 47.97
C PHE D 389 -36.86 20.93 49.11
N GLU D 390 -36.72 19.83 49.85
CA GLU D 390 -35.90 19.78 51.02
C GLU D 390 -34.38 19.94 50.71
N LYS D 391 -33.88 19.18 49.72
CA LYS D 391 -32.51 19.38 49.24
C LYS D 391 -32.50 19.86 47.76
N VAL D 392 -31.94 21.04 47.54
CA VAL D 392 -31.78 21.56 46.19
C VAL D 392 -30.28 21.73 45.83
N ALA D 393 -29.84 21.21 44.68
CA ALA D 393 -28.45 21.46 44.27
C ALA D 393 -28.36 22.60 43.24
N VAL D 394 -27.32 23.42 43.30
CA VAL D 394 -27.10 24.43 42.22
C VAL D 394 -25.73 24.23 41.50
N TYR D 395 -25.77 23.96 40.18
CA TYR D 395 -24.55 23.78 39.41
C TYR D 395 -24.37 25.06 38.62
N MET D 396 -23.24 25.75 38.80
CA MET D 396 -23.06 27.04 38.16
C MET D 396 -21.77 27.06 37.39
N SER D 397 -21.78 27.60 36.18
CA SER D 397 -20.57 27.83 35.43
C SER D 397 -20.62 29.26 34.92
N SER D 398 -19.51 29.98 35.01
CA SER D 398 -19.51 31.37 34.61
C SER D 398 -18.10 31.79 34.27
N PHE D 399 -17.93 32.65 33.25
CA PHE D 399 -16.64 32.92 32.62
C PHE D 399 -16.88 33.75 31.35
N THR D 400 -15.93 34.64 31.03
CA THR D 400 -15.95 35.38 29.76
C THR D 400 -15.52 34.39 28.70
N PRO D 401 -16.41 34.01 27.73
CA PRO D 401 -15.81 33.07 26.76
C PRO D 401 -14.62 33.72 25.96
N LEU D 402 -13.79 32.86 25.37
CA LEU D 402 -12.57 33.27 24.68
C LEU D 402 -12.80 34.24 23.48
N MET D 403 -13.78 34.02 22.61
CA MET D 403 -14.01 34.98 21.49
C MET D 403 -14.14 36.41 22.01
N HIS D 404 -14.67 36.55 23.22
CA HIS D 404 -14.91 37.84 23.83
C HIS D 404 -13.71 38.41 24.54
N ASN D 405 -12.73 37.57 24.87
CA ASN D 405 -11.43 38.17 25.13
C ASN D 405 -10.83 38.87 23.90
N ILE D 406 -10.72 38.13 22.80
CA ILE D 406 -10.34 38.63 21.47
C ILE D 406 -11.24 39.79 20.93
N SER D 407 -12.57 39.67 21.06
CA SER D 407 -13.48 40.76 20.60
C SER D 407 -13.29 42.07 21.38
N GLY D 408 -12.99 41.98 22.66
CA GLY D 408 -12.75 43.17 23.47
C GLY D 408 -13.93 43.37 24.40
N SER D 409 -14.97 42.56 24.23
CA SER D 409 -16.16 42.70 25.08
C SER D 409 -16.04 41.80 26.34
N LYS D 410 -15.07 42.11 27.20
CA LYS D 410 -14.68 41.23 28.34
C LYS D 410 -15.72 41.16 29.46
N TYR D 411 -16.54 42.18 29.55
CA TYR D 411 -17.70 42.18 30.42
C TYR D 411 -18.71 41.08 30.04
N LYS D 412 -18.54 40.42 28.89
CA LYS D 412 -19.57 39.47 28.41
C LYS D 412 -19.44 38.09 29.05
N LYS D 413 -19.73 37.96 30.36
CA LYS D 413 -19.65 36.66 31.05
C LYS D 413 -20.88 35.84 30.65
N PHE D 414 -20.62 34.64 30.14
CA PHE D 414 -21.60 33.62 30.00
C PHE D 414 -21.92 33.01 31.40
N VAL D 415 -23.20 32.84 31.75
CA VAL D 415 -23.62 32.14 32.98
C VAL D 415 -24.49 30.97 32.57
N ALA D 416 -24.20 29.78 33.10
CA ALA D 416 -25.07 28.61 32.99
C ALA D 416 -25.33 28.00 34.37
N LYS D 417 -26.62 27.90 34.76
CA LYS D 417 -27.02 27.34 36.04
C LYS D 417 -28.07 26.25 35.85
N ILE D 418 -27.85 25.13 36.52
CA ILE D 418 -28.82 24.05 36.56
C ILE D 418 -29.23 23.90 38.02
N VAL D 419 -30.52 23.98 38.30
CA VAL D 419 -31.04 23.83 39.67
C VAL D 419 -31.69 22.41 39.74
N THR D 420 -31.34 21.61 40.74
CA THR D 420 -31.84 20.23 40.88
C THR D 420 -32.58 19.99 42.22
N ASN D 421 -33.54 19.08 42.14
CA ASN D 421 -33.93 18.29 43.28
C ASN D 421 -32.80 17.33 43.61
N HIS D 422 -32.02 17.67 44.62
CA HIS D 422 -30.89 16.84 44.97
C HIS D 422 -31.24 15.41 45.51
N SER D 423 -32.42 15.20 46.09
CA SER D 423 -32.81 13.87 46.58
C SER D 423 -32.88 12.83 45.50
N ASP D 424 -33.12 13.22 44.23
CA ASP D 424 -33.13 12.23 43.14
C ASP D 424 -32.47 12.71 41.85
N GLY D 425 -31.93 13.93 41.85
CA GLY D 425 -31.24 14.46 40.68
C GLY D 425 -32.03 15.17 39.60
N THR D 426 -33.35 15.14 39.70
CA THR D 426 -34.26 15.77 38.73
C THR D 426 -33.93 17.23 38.51
N VAL D 427 -33.80 17.62 37.24
CA VAL D 427 -33.53 19.03 36.93
C VAL D 427 -34.80 19.85 37.11
N LEU D 428 -34.76 20.87 37.95
CA LEU D 428 -35.92 21.71 38.19
C LEU D 428 -35.92 22.99 37.34
N GLY D 429 -34.73 23.41 36.92
CA GLY D 429 -34.56 24.72 36.25
C GLY D 429 -33.18 24.83 35.66
N VAL D 430 -33.07 25.61 34.57
CA VAL D 430 -31.83 25.82 33.82
C VAL D 430 -31.89 27.29 33.42
N HIS D 431 -30.79 28.04 33.65
CA HIS D 431 -30.80 29.47 33.51
C HIS D 431 -29.52 29.84 32.77
N LEU D 432 -29.68 30.55 31.64
CA LEU D 432 -28.55 30.89 30.76
C LEU D 432 -28.52 32.36 30.43
N LEU D 433 -27.31 32.92 30.44
CA LEU D 433 -27.05 34.29 30.02
C LEU D 433 -25.86 34.25 29.05
N GLY D 434 -26.02 34.72 27.82
CA GLY D 434 -24.89 34.79 26.85
C GLY D 434 -25.43 34.56 25.47
N ASP D 435 -24.57 34.82 24.47
CA ASP D 435 -24.87 34.72 23.02
C ASP D 435 -25.51 33.33 22.73
N GLY D 436 -26.65 33.28 22.04
CA GLY D 436 -27.30 31.96 21.71
C GLY D 436 -28.07 31.27 22.88
N ALA D 437 -28.14 31.89 24.05
CA ALA D 437 -28.97 31.36 25.12
C ALA D 437 -30.44 30.99 24.72
N PRO D 438 -31.16 31.88 23.99
CA PRO D 438 -32.56 31.49 23.63
C PRO D 438 -32.64 30.21 22.76
N GLU D 439 -31.62 30.04 21.93
CA GLU D 439 -31.47 28.91 21.00
C GLU D 439 -31.09 27.64 21.81
N ILE D 440 -30.19 27.79 22.78
CA ILE D 440 -29.76 26.66 23.60
C ILE D 440 -30.90 26.09 24.47
N ILE D 441 -31.73 26.98 25.02
CA ILE D 441 -32.75 26.59 25.97
C ILE D 441 -33.90 25.76 25.34
N GLN D 442 -34.15 25.90 24.04
CA GLN D 442 -35.35 25.22 23.51
C GLN D 442 -35.34 23.69 23.82
N ALA D 443 -34.25 22.98 23.46
CA ALA D 443 -34.22 21.53 23.67
C ALA D 443 -34.10 21.14 25.16
N VAL D 444 -33.57 22.07 25.96
CA VAL D 444 -33.67 21.97 27.42
C VAL D 444 -35.13 21.86 27.87
N GLY D 445 -36.02 22.67 27.29
CA GLY D 445 -37.46 22.56 27.58
C GLY D 445 -37.93 21.12 27.36
N VAL D 446 -37.47 20.46 26.33
CA VAL D 446 -37.81 19.01 26.11
C VAL D 446 -37.21 18.11 27.24
N CYS D 447 -35.95 18.33 27.58
CA CYS D 447 -35.30 17.59 28.63
C CYS D 447 -36.20 17.62 29.90
N LEU D 448 -36.68 18.82 30.25
CA LEU D 448 -37.38 18.91 31.48
C LEU D 448 -38.74 18.18 31.44
N ARG D 449 -39.34 18.14 30.25
CA ARG D 449 -40.59 17.41 30.08
C ARG D 449 -40.37 15.91 30.14
N LEU D 450 -39.17 15.46 29.82
CA LEU D 450 -38.78 14.06 30.01
C LEU D 450 -38.25 13.85 31.43
N ASN D 451 -38.42 14.80 32.35
CA ASN D 451 -37.84 14.64 33.72
C ASN D 451 -36.34 14.25 33.75
N ALA D 452 -35.53 14.89 32.88
CA ALA D 452 -34.10 14.62 32.86
C ALA D 452 -33.50 14.90 34.27
N LYS D 453 -32.51 14.08 34.65
CA LYS D 453 -31.69 14.35 35.83
C LYS D 453 -30.34 14.98 35.42
N ILE D 454 -29.64 15.54 36.39
CA ILE D 454 -28.31 16.07 36.19
C ILE D 454 -27.48 15.01 35.55
N SER D 455 -27.56 13.78 36.03
CA SER D 455 -26.74 12.70 35.46
C SER D 455 -27.01 12.50 33.96
N ASP D 456 -28.21 12.77 33.49
CA ASP D 456 -28.41 12.73 32.00
C ASP D 456 -27.66 13.85 31.28
N PHE D 457 -27.65 15.05 31.89
CA PHE D 457 -26.89 16.15 31.30
C PHE D 457 -25.41 15.80 31.23
N TYR D 458 -24.85 15.47 32.40
CA TYR D 458 -23.44 15.21 32.57
C TYR D 458 -22.97 14.02 31.72
N ASN D 459 -23.80 13.00 31.66
CA ASN D 459 -23.50 11.87 30.81
C ASN D 459 -23.50 12.12 29.31
N THR D 460 -24.21 13.15 28.86
CA THR D 460 -24.25 13.44 27.41
C THR D 460 -22.88 14.00 26.99
N ILE D 461 -22.41 13.62 25.80
CA ILE D 461 -21.12 14.12 25.34
C ILE D 461 -21.28 15.52 24.76
N GLY D 462 -20.42 16.44 25.22
CA GLY D 462 -20.39 17.82 24.70
C GLY D 462 -20.15 17.99 23.20
N VAL D 463 -20.80 19.00 22.62
CA VAL D 463 -20.41 19.59 21.32
C VAL D 463 -19.37 20.66 21.61
N HIS D 464 -18.18 20.47 21.06
CA HIS D 464 -17.07 21.38 21.33
C HIS D 464 -16.67 22.06 20.01
N PRO D 465 -16.40 23.37 20.07
CA PRO D 465 -16.56 24.28 21.23
C PRO D 465 -17.90 25.02 21.07
N THR D 466 -18.75 24.97 22.08
CA THR D 466 -20.02 25.71 22.13
C THR D 466 -20.13 26.27 23.52
N SER D 467 -21.02 27.25 23.72
CA SER D 467 -21.41 27.58 25.13
C SER D 467 -22.29 26.45 25.70
N ALA D 468 -23.18 25.89 24.87
CA ALA D 468 -24.13 24.87 25.32
C ALA D 468 -23.46 23.73 26.05
N GLU D 469 -22.23 23.35 25.64
CA GLU D 469 -21.55 22.20 26.30
C GLU D 469 -21.29 22.40 27.79
N GLU D 470 -21.25 23.65 28.27
CA GLU D 470 -21.16 23.86 29.71
C GLU D 470 -22.25 23.07 30.48
N LEU D 471 -23.40 22.80 29.87
CA LEU D 471 -24.49 22.14 30.55
C LEU D 471 -24.25 20.67 30.79
N CYS D 472 -23.26 20.12 30.09
CA CYS D 472 -23.05 18.72 30.01
C CYS D 472 -21.70 18.42 30.61
N SER D 473 -21.13 19.41 31.29
CA SER D 473 -19.78 19.31 31.85
C SER D 473 -19.75 19.57 33.36
N MET D 474 -20.90 19.47 34.01
CA MET D 474 -21.12 19.89 35.39
C MET D 474 -21.68 18.68 36.16
N ARG D 475 -20.93 18.32 37.19
CA ARG D 475 -21.07 17.08 37.92
C ARG D 475 -21.11 17.35 39.43
N THR D 476 -20.45 18.42 39.87
CA THR D 476 -20.35 18.80 41.26
C THR D 476 -21.08 20.10 41.54
N PRO D 477 -22.07 20.07 42.46
CA PRO D 477 -22.73 21.33 42.82
C PRO D 477 -21.77 22.45 43.27
N SER D 478 -22.09 23.69 42.94
CA SER D 478 -21.39 24.83 43.49
C SER D 478 -21.88 25.08 44.93
N TYR D 479 -23.17 24.83 45.18
CA TYR D 479 -23.76 24.94 46.53
C TYR D 479 -25.15 24.28 46.57
N TYR D 480 -25.79 24.35 47.72
CA TYR D 480 -27.04 23.66 48.01
C TYR D 480 -28.01 24.56 48.76
N TYR D 481 -29.24 24.11 48.85
CA TYR D 481 -30.20 24.63 49.82
C TYR D 481 -30.65 23.38 50.60
N VAL D 482 -30.57 23.48 51.94
CA VAL D 482 -31.07 22.41 52.83
C VAL D 482 -32.07 23.08 53.71
N LYS D 483 -33.31 22.63 53.59
CA LYS D 483 -34.44 23.39 54.10
C LYS D 483 -34.17 24.90 54.07
N GLY D 484 -34.29 25.49 52.89
CA GLY D 484 -34.29 26.92 52.71
C GLY D 484 -32.94 27.58 52.83
N GLU D 485 -31.93 26.85 53.31
CA GLU D 485 -30.68 27.48 53.68
C GLU D 485 -29.53 27.17 52.72
N LYS D 486 -28.77 28.20 52.38
CA LYS D 486 -27.64 28.07 51.47
C LYS D 486 -26.31 27.58 52.13
N MET D 487 -25.62 26.60 51.53
CA MET D 487 -24.28 26.14 52.00
C MET D 487 -23.50 25.22 50.99
N GLU D 488 -22.32 24.64 51.36
CA GLU D 488 -21.87 23.31 50.76
C GLU D 488 -21.65 22.06 51.66
N LYS D 489 -22.79 21.41 51.99
CA LYS D 489 -22.98 20.16 52.76
C LYS D 489 -21.74 19.43 53.26
PA FAD E . 2.60 -21.86 -18.33
O1A FAD E . 2.77 -20.47 -17.79
O2A FAD E . 3.74 -22.53 -19.01
O5B FAD E . 1.21 -21.94 -19.06
C5B FAD E . 0.04 -21.27 -18.56
C4B FAD E . -0.80 -20.82 -19.78
O4B FAD E . -2.20 -20.54 -19.40
C3B FAD E . -0.29 -19.56 -20.49
O3B FAD E . 0.02 -19.84 -21.87
C2B FAD E . -1.45 -18.53 -20.31
O2B FAD E . -1.68 -17.82 -21.51
C1B FAD E . -2.69 -19.44 -20.16
N9A FAD E . -3.87 -18.98 -19.38
C8A FAD E . -3.88 -18.34 -18.13
N7A FAD E . -5.13 -18.20 -17.71
C5A FAD E . -5.93 -18.73 -18.68
C6A FAD E . -7.32 -18.84 -18.77
N6A FAD E . -8.17 -18.53 -17.75
N1A FAD E . -7.80 -19.44 -19.88
C2A FAD E . -7.01 -19.96 -20.92
N3A FAD E . -5.66 -19.88 -20.82
C4A FAD E . -5.14 -19.24 -19.72
N1 FAD E . 11.65 -22.37 -15.98
C2 FAD E . 12.70 -23.22 -16.25
O2 FAD E . 12.57 -24.41 -16.00
N3 FAD E . 13.91 -22.76 -16.78
C4 FAD E . 14.06 -21.41 -17.09
O4 FAD E . 15.17 -21.02 -17.56
C4X FAD E . 12.99 -20.55 -16.81
N5 FAD E . 13.09 -19.22 -17.08
C5X FAD E . 12.00 -18.32 -16.87
C6 FAD E . 12.14 -16.94 -17.16
C7 FAD E . 11.08 -16.06 -16.91
C7M FAD E . 11.16 -14.57 -17.25
C8 FAD E . 9.87 -16.59 -16.41
C8M FAD E . 8.70 -15.65 -16.14
C9 FAD E . 9.73 -17.94 -16.11
C9A FAD E . 10.78 -18.82 -16.33
N10 FAD E . 10.67 -20.17 -16.01
C10 FAD E . 11.76 -21.03 -16.28
C1' FAD E . 9.43 -20.75 -15.41
C2' FAD E . 8.56 -21.48 -16.39
O2' FAD E . 8.37 -20.58 -17.46
C3' FAD E . 7.31 -21.88 -15.63
O3' FAD E . 7.66 -22.64 -14.46
C4' FAD E . 6.43 -22.80 -16.48
O4' FAD E . 6.09 -22.18 -17.71
C5' FAD E . 5.15 -23.14 -15.76
O5' FAD E . 4.39 -23.99 -16.65
P FAD E . 2.79 -24.04 -16.44
O1P FAD E . 2.31 -25.22 -17.26
O2P FAD E . 2.47 -24.16 -14.97
O3P FAD E . 2.30 -22.63 -16.97
CAD WPE F . 2.93 -29.25 -28.79
CAA WPE F . 1.55 -29.09 -29.18
CAB WPE F . 0.49 -29.76 -28.52
CAC WPE F . 0.81 -30.62 -27.43
CAF WPE F . 2.20 -30.80 -27.06
CAE WPE F . 3.24 -30.10 -27.71
CAK WPE F . 4.76 -30.34 -27.24
CAJ WPE F . 4.97 -29.84 -25.86
CAI WPE F . 5.03 -28.47 -25.68
CAH WPE F . 5.24 -28.02 -24.37
CL WPE F . 5.28 -26.35 -24.06
CAR WPE F . 5.39 -28.87 -23.30
CAS WPE F . 5.37 -30.23 -23.48
CAT WPE F . 5.12 -30.70 -24.76
NAU WPE F . 5.12 -32.07 -24.90
CAV WPE F . 5.10 -32.60 -26.15
CAW WPE F . 5.31 -34.12 -26.31
NAL WPE F . 4.95 -31.80 -27.26
CAM WPE F . 4.84 -32.48 -28.60
CAN WPE F . 6.16 -32.34 -29.30
NAO WPE F . 5.95 -32.97 -30.62
CAP WPE F . 5.98 -34.29 -30.72
OAQ WPE F . 6.15 -34.99 -29.72
CAY WPE F . 5.80 -34.90 -32.14
CAX WPE F . 6.02 -36.19 -32.45
CBA WPE F . 5.76 -36.33 -33.76
CBB WPE F . 5.38 -35.15 -34.27
OAZ WPE F . 5.40 -34.22 -33.27
NA NA G . 37.99 -39.53 -9.93
CL CL H . 13.11 -7.00 -3.53
CL CL I . 19.52 -0.94 -30.67
CL CL J . 10.29 -13.37 -9.82
CL CL K . 19.67 -12.65 3.06
C1 MPD L . 3.10 -2.87 -17.00
C2 MPD L . 2.15 -3.82 -16.25
O2 MPD L . 1.58 -3.09 -15.11
CM MPD L . 0.99 -4.13 -17.20
C3 MPD L . 2.86 -5.09 -15.70
C4 MPD L . 1.91 -6.21 -15.19
O4 MPD L . 2.57 -7.46 -14.87
C5 MPD L . 1.08 -5.70 -13.98
PA FAD M . 53.62 -38.41 -19.46
O1A FAD M . 53.86 -38.24 -20.92
O2A FAD M . 52.76 -37.27 -18.90
O5B FAD M . 55.07 -38.22 -18.81
C5B FAD M . 56.17 -39.00 -19.20
C4B FAD M . 57.39 -38.14 -18.80
O4B FAD M . 58.63 -38.90 -18.85
C3B FAD M . 57.64 -36.93 -19.66
O3B FAD M . 57.68 -35.73 -18.91
C2B FAD M . 59.04 -37.16 -20.24
O2B FAD M . 59.79 -36.01 -20.39
C1B FAD M . 59.71 -38.06 -19.29
N9A FAD M . 60.69 -39.05 -19.79
C8A FAD M . 60.56 -39.87 -20.88
N7A FAD M . 61.62 -40.69 -20.90
C5A FAD M . 62.42 -40.43 -19.85
C6A FAD M . 63.64 -40.98 -19.40
N6A FAD M . 64.21 -42.02 -19.98
N1A FAD M . 64.20 -40.50 -18.25
C2A FAD M . 63.60 -39.47 -17.53
N3A FAD M . 62.41 -38.93 -17.98
C4A FAD M . 61.84 -39.41 -19.11
N1 FAD M . 44.89 -36.76 -22.45
C2 FAD M . 43.70 -36.38 -21.86
O2 FAD M . 43.19 -36.98 -20.90
N3 FAD M . 43.06 -35.28 -22.32
C4 FAD M . 43.51 -34.51 -23.35
O4 FAD M . 42.83 -33.53 -23.69
C4X FAD M . 44.74 -34.88 -23.94
N5 FAD M . 45.27 -34.14 -24.98
C5X FAD M . 46.49 -34.49 -25.54
C6 FAD M . 47.00 -33.78 -26.59
C7 FAD M . 48.26 -34.05 -27.16
C7M FAD M . 48.84 -33.22 -28.32
C8 FAD M . 48.96 -35.13 -26.66
C8M FAD M . 50.29 -35.55 -27.28
C9 FAD M . 48.41 -35.90 -25.64
C9A FAD M . 47.18 -35.59 -25.04
N10 FAD M . 46.62 -36.34 -24.01
C10 FAD M . 45.40 -35.98 -23.47
C1' FAD M . 47.24 -37.57 -23.42
C2' FAD M . 48.03 -37.27 -22.17
O2' FAD M . 48.96 -36.21 -22.47
C3' FAD M . 48.73 -38.56 -21.76
O3' FAD M . 47.87 -39.71 -21.77
C4' FAD M . 49.40 -38.40 -20.39
O4' FAD M . 50.34 -37.35 -20.52
C5' FAD M . 50.11 -39.69 -20.02
O5' FAD M . 50.81 -39.56 -18.80
P FAD M . 52.02 -40.58 -18.44
O1P FAD M . 52.19 -40.68 -16.98
O2P FAD M . 51.92 -41.94 -19.13
O3P FAD M . 53.24 -39.88 -19.08
CAD WPE N . 52.60 -34.20 -7.77
CAA WPE N . 53.96 -34.33 -7.41
CAB WPE N . 54.84 -33.29 -7.61
CAC WPE N . 54.33 -32.08 -8.16
CAF WPE N . 52.97 -31.93 -8.51
CAE WPE N . 52.09 -33.00 -8.34
CAK WPE N . 50.56 -32.87 -8.71
CAJ WPE N . 50.25 -33.83 -9.87
CAI WPE N . 50.73 -33.49 -11.12
CAH WPE N . 50.47 -34.32 -12.22
CL WPE N . 51.14 -33.88 -13.77
CAR WPE N . 49.71 -35.47 -12.04
CAS WPE N . 49.21 -35.83 -10.78
CAT WPE N . 49.50 -34.99 -9.70
NAU WPE N . 48.93 -35.30 -8.44
CAV WPE N . 49.02 -34.40 -7.37
CAW WPE N . 48.29 -34.74 -6.07
NAL WPE N . 49.81 -33.23 -7.50
CAM WPE N . 49.92 -32.34 -6.33
CAN WPE N . 49.27 -31.02 -6.69
NAO WPE N . 49.47 -30.20 -5.50
CAP WPE N . 48.83 -30.42 -4.34
OAQ WPE N . 47.98 -31.31 -4.13
CAY WPE N . 49.33 -29.48 -3.22
CAX WPE N . 50.42 -28.70 -3.32
CBA WPE N . 50.58 -28.09 -2.14
CBB WPE N . 49.62 -28.49 -1.31
OAZ WPE N . 48.82 -29.40 -1.96
NA NA O . 12.98 -36.59 -17.91
CL CL P . 50.71 -13.97 -36.02
CL CL Q . 46.48 -41.86 -41.50
CL CL R . 36.93 -46.65 -41.36
CL CL S . 33.27 -27.70 -23.58
CL CL T . 48.17 -39.50 -32.53
PA FAD U . -4.67 15.13 20.58
O1A FAD U . -4.46 15.23 19.10
O2A FAD U . -5.57 16.19 21.25
O5B FAD U . -3.27 15.00 21.37
C5B FAD U . -2.23 14.13 20.86
C4B FAD U . -0.91 14.68 21.34
O4B FAD U . 0.16 13.71 21.25
C3B FAD U . -0.49 15.92 20.51
O3B FAD U . -0.39 17.01 21.40
C2B FAD U . 0.89 15.57 19.96
O2B FAD U . 1.84 16.62 20.08
C1B FAD U . 1.32 14.44 20.88
N9A FAD U . 2.23 13.41 20.36
C8A FAD U . 2.12 12.74 19.17
N7A FAD U . 3.11 11.80 19.18
C5A FAD U . 3.79 11.81 20.33
C6A FAD U . 4.87 11.06 20.78
N6A FAD U . 5.34 10.05 20.04
N1A FAD U . 5.36 11.31 22.04
C2A FAD U . 4.80 12.31 22.84
N3A FAD U . 3.73 13.07 22.37
C4A FAD U . 3.24 12.82 21.11
N1 FAD U . -13.11 17.92 17.50
C2 FAD U . -14.25 18.42 18.05
O2 FAD U . -14.85 17.77 18.91
N3 FAD U . -14.75 19.64 17.61
C4 FAD U . -14.13 20.43 16.66
O4 FAD U . -14.62 21.58 16.33
C4X FAD U . -12.95 19.90 16.11
N5 FAD U . -12.25 20.61 15.18
C5X FAD U . -11.07 20.17 14.62
C6 FAD U . -10.43 20.94 13.60
C7 FAD U . -9.22 20.49 13.02
C7M FAD U . -8.54 21.40 11.99
C8 FAD U . -8.69 19.29 13.47
C8M FAD U . -7.40 18.71 12.92
C9 FAD U . -9.35 18.50 14.42
C9A FAD U . -10.54 18.93 15.01
N10 FAD U . -11.24 18.16 15.96
C10 FAD U . -12.44 18.66 16.53
C1' FAD U . -10.72 16.84 16.41
C2' FAD U . -10.01 17.01 17.73
O2' FAD U . -8.92 17.92 17.62
C3' FAD U . -9.40 15.66 18.04
O3' FAD U . -10.45 14.76 17.95
C4' FAD U . -8.80 15.54 19.44
O4' FAD U . -7.77 16.48 19.65
C5' FAD U . -8.28 14.13 19.67
O5' FAD U . -7.62 14.15 20.92
P FAD U . -6.55 13.04 21.33
O1P FAD U . -6.47 13.03 22.88
O2P FAD U . -6.94 11.75 20.69
O3P FAD U . -5.23 13.65 20.69
CAD WPE V . -4.95 21.02 32.03
CAA WPE V . -3.63 20.71 32.42
CAB WPE V . -3.35 19.40 32.83
CAC WPE V . -4.34 18.43 32.83
CAF WPE V . -5.65 18.73 32.46
CAE WPE V . -5.95 20.04 32.06
CAK WPE V . -7.38 20.42 31.68
CAJ WPE V . -7.76 19.57 30.42
CAI WPE V . -7.15 19.85 29.16
CAH WPE V . -7.47 19.10 28.01
CL WPE V . -6.71 19.41 26.45
CAR WPE V . -8.43 18.08 28.12
CAS WPE V . -9.03 17.82 29.36
CAT WPE V . -8.69 18.54 30.51
NAU WPE V . -9.33 18.25 31.72
CAV WPE V . -9.10 19.00 32.88
CAW WPE V . -9.94 18.68 34.14
NAL WPE V . -8.20 20.10 32.88
CAM WPE V . -8.01 20.88 34.16
CAN WPE V . -9.22 21.79 34.49
NAO WPE V . -9.40 22.07 35.95
CAP WPE V . -8.58 22.90 36.64
OAQ WPE V . -7.57 23.41 36.16
CAY WPE V . -8.83 23.17 38.15
CAX WPE V . -8.18 24.13 38.82
CBA WPE V . -8.59 24.09 40.10
CBB WPE V . -9.49 23.10 40.24
OAZ WPE V . -9.67 22.49 39.00
NA NA W . -44.68 22.71 20.67
CL CL X . -3.58 40.52 5.60
CL CL Y . -23.29 28.72 16.46
CL CL Z . -11.52 14.18 -2.02
CL CL AA . -21.78 11.10 -2.96
CL CL BA . -10.02 15.59 7.35
PA FAD CA . -52.74 39.07 21.07
O1A FAD CA . -52.37 40.35 21.82
O2A FAD CA . -51.71 38.34 20.22
O5B FAD CA . -54.08 39.27 20.19
C5B FAD CA . -55.17 39.96 20.76
C4B FAD CA . -55.79 40.71 19.54
O4B FAD CA . -57.11 41.16 19.88
C3B FAD CA . -55.06 41.96 19.05
O3B FAD CA . -54.75 41.89 17.63
C2B FAD CA . -56.04 43.10 19.28
O2B FAD CA . -56.13 43.97 18.17
C1B FAD CA . -57.36 42.39 19.25
N9A FAD CA . -58.44 43.01 20.01
C8A FAD CA . -58.38 43.58 21.28
N7A FAD CA . -59.66 43.98 21.59
C5A FAD CA . -60.53 43.61 20.61
C6A FAD CA . -61.92 43.73 20.48
N6A FAD CA . -62.74 44.08 21.49
N1A FAD CA . -62.46 43.27 19.32
C2A FAD CA . -61.73 42.65 18.32
N3A FAD CA . -60.36 42.52 18.48
C4A FAD CA . -59.78 42.99 19.61
N1 FAD CA . -43.95 36.79 23.70
C2 FAD CA . -43.02 35.82 23.37
O2 FAD CA . -43.29 34.63 23.45
N3 FAD CA . -41.72 36.15 22.96
C4 FAD CA . -41.37 37.48 22.79
O4 FAD CA . -40.18 37.69 22.34
C4X FAD CA . -42.35 38.46 23.10
N5 FAD CA . -42.10 39.80 23.00
C5X FAD CA . -43.04 40.80 23.21
C6 FAD CA . -42.67 42.16 23.09
C7 FAD CA . -43.61 43.17 23.31
C7M FAD CA . -43.18 44.62 23.10
C8 FAD CA . -44.91 42.84 23.72
C8M FAD CA . -45.91 43.90 24.01
C9 FAD CA . -45.27 41.51 23.89
C9A FAD CA . -44.32 40.48 23.62
N10 FAD CA . -44.61 39.12 23.82
C10 FAD CA . -43.64 38.12 23.57
C1' FAD CA . -45.99 38.74 24.30
C2' FAD CA . -46.89 38.22 23.19
O2' FAD CA . -46.99 39.26 22.23
C3' FAD CA . -48.25 37.93 23.84
O3' FAD CA . -48.09 37.05 24.97
C4' FAD CA . -49.24 37.31 22.87
O4' FAD CA . -49.40 38.12 21.71
C5' FAD CA . -50.62 37.06 23.57
O5' FAD CA . -51.45 36.38 22.66
P FAD CA . -53.03 36.58 22.68
O1P FAD CA . -53.63 35.56 21.81
O2P FAD CA . -53.45 36.61 24.11
O3P FAD CA . -53.31 38.07 22.20
CAD WPE DA . -53.00 32.58 9.91
CAA WPE DA . -54.24 33.04 9.44
CAB WPE DA . -55.45 32.58 9.99
CAC WPE DA . -55.41 31.67 11.06
CAF WPE DA . -54.15 31.17 11.49
CAE WPE DA . -52.94 31.66 10.96
CAK WPE DA . -51.54 31.15 11.46
CAJ WPE DA . -51.25 31.57 12.94
CAI WPE DA . -51.04 32.88 13.26
CAH WPE DA . -50.75 33.21 14.61
CL WPE DA . -50.50 34.86 14.97
CAR WPE DA . -50.72 32.28 15.65
CAS WPE DA . -50.94 30.95 15.33
CAT WPE DA . -51.21 30.61 13.99
NAU WPE DA . -51.36 29.26 13.72
CAV WPE DA . -51.46 28.78 12.44
CAW WPE DA . -51.46 27.23 12.26
NAL WPE DA . -51.55 29.68 11.33
CAM WPE DA . -51.76 29.11 9.98
CAN WPE DA . -50.41 29.13 9.31
NAO WPE DA . -50.64 28.66 7.95
CAP WPE DA . -50.65 27.37 7.62
OAQ WPE DA . -50.50 26.44 8.42
CAY WPE DA . -50.89 27.14 6.10
CAX WPE DA . -51.19 28.12 5.22
CBA WPE DA . -51.33 27.57 4.00
CBB WPE DA . -51.12 26.25 4.11
OAZ WPE DA . -50.84 25.94 5.44
NA NA EA . -20.72 15.28 29.38
CL CL FA . -32.22 58.08 11.54
CL CL GA . -41.31 50.26 37.70
CL CL HA . -35.95 43.23 43.97
CL CL IA . -44.39 45.28 30.66
C1 MRD JA . -49.63 57.50 24.26
C2 MRD JA . -50.74 56.54 24.68
O2 MRD JA . -51.39 57.23 25.80
CM MRD JA . -51.73 56.33 23.52
C3 MRD JA . -50.09 55.21 25.11
C4 MRD JA . -50.84 54.22 26.06
O4 MRD JA . -50.74 52.92 25.54
C5 MRD JA . -52.29 54.52 26.46
#